data_3FH1
# 
_entry.id   3FH1 
# 
_audit_conform.dict_name       mmcif_pdbx.dic 
_audit_conform.dict_version    5.399 
_audit_conform.dict_location   http://mmcif.pdb.org/dictionaries/ascii/mmcif_pdbx.dic 
# 
loop_
_database_2.database_id 
_database_2.database_code 
_database_2.pdbx_database_accession 
_database_2.pdbx_DOI 
PDB   3FH1         pdb_00003fh1 10.2210/pdb3fh1/pdb 
RCSB  RCSB050580   ?            ?                   
WWPDB D_1000050580 ?            ?                   
# 
loop_
_pdbx_audit_revision_history.ordinal 
_pdbx_audit_revision_history.data_content_type 
_pdbx_audit_revision_history.major_revision 
_pdbx_audit_revision_history.minor_revision 
_pdbx_audit_revision_history.revision_date 
1 'Structure model' 1 0 2008-12-23 
2 'Structure model' 1 1 2011-07-13 
3 'Structure model' 1 2 2017-11-01 
4 'Structure model' 1 3 2019-07-24 
5 'Structure model' 1 4 2023-02-01 
6 'Structure model' 1 5 2024-11-20 
# 
_pdbx_audit_revision_details.ordinal             1 
_pdbx_audit_revision_details.revision_ordinal    1 
_pdbx_audit_revision_details.data_content_type   'Structure model' 
_pdbx_audit_revision_details.provider            repository 
_pdbx_audit_revision_details.type                'Initial release' 
_pdbx_audit_revision_details.description         ? 
_pdbx_audit_revision_details.details             ? 
# 
loop_
_pdbx_audit_revision_group.ordinal 
_pdbx_audit_revision_group.revision_ordinal 
_pdbx_audit_revision_group.data_content_type 
_pdbx_audit_revision_group.group 
1  2 'Structure model' Advisory                    
2  2 'Structure model' 'Version format compliance' 
3  3 'Structure model' 'Refinement description'    
4  4 'Structure model' 'Data collection'           
5  4 'Structure model' 'Derived calculations'      
6  4 'Structure model' 'Refinement description'    
7  5 'Structure model' 'Database references'       
8  5 'Structure model' 'Derived calculations'      
9  6 'Structure model' 'Data collection'           
10 6 'Structure model' 'Structure summary'         
# 
loop_
_pdbx_audit_revision_category.ordinal 
_pdbx_audit_revision_category.revision_ordinal 
_pdbx_audit_revision_category.data_content_type 
_pdbx_audit_revision_category.category 
1  3 'Structure model' software                  
2  4 'Structure model' software                  
3  4 'Structure model' struct_conn               
4  5 'Structure model' database_2                
5  5 'Structure model' struct_ref_seq_dif        
6  5 'Structure model' struct_site               
7  6 'Structure model' chem_comp_atom            
8  6 'Structure model' chem_comp_bond            
9  6 'Structure model' pdbx_entry_details        
10 6 'Structure model' pdbx_modification_feature 
# 
loop_
_pdbx_audit_revision_item.ordinal 
_pdbx_audit_revision_item.revision_ordinal 
_pdbx_audit_revision_item.data_content_type 
_pdbx_audit_revision_item.item 
1  3 'Structure model' '_software.classification'                     
2  3 'Structure model' '_software.name'                               
3  4 'Structure model' '_software.classification'                     
4  4 'Structure model' '_software.contact_author'                     
5  4 'Structure model' '_software.contact_author_email'               
6  4 'Structure model' '_software.language'                           
7  4 'Structure model' '_software.location'                           
8  4 'Structure model' '_software.name'                               
9  4 'Structure model' '_software.type'                               
10 4 'Structure model' '_software.version'                            
11 4 'Structure model' '_struct_conn.pdbx_leaving_atom_flag'          
12 5 'Structure model' '_database_2.pdbx_DOI'                         
13 5 'Structure model' '_database_2.pdbx_database_accession'          
14 5 'Structure model' '_struct_ref_seq_dif.details'                  
15 5 'Structure model' '_struct_site.pdbx_auth_asym_id'               
16 5 'Structure model' '_struct_site.pdbx_auth_comp_id'               
17 5 'Structure model' '_struct_site.pdbx_auth_seq_id'                
18 6 'Structure model' '_pdbx_entry_details.has_protein_modification' 
# 
_pdbx_database_status.SG_entry                        Y 
_pdbx_database_status.entry_id                        3FH1 
_pdbx_database_status.deposit_site                    RCSB 
_pdbx_database_status.process_site                    RCSB 
_pdbx_database_status.recvd_initial_deposition_date   2008-12-08 
_pdbx_database_status.status_code                     REL 
_pdbx_database_status.status_code_sf                  REL 
_pdbx_database_status.status_code_mr                  ? 
_pdbx_database_status.status_code_cs                  ? 
_pdbx_database_status.pdb_format_compatible           Y 
_pdbx_database_status.methods_development_category    ? 
_pdbx_database_status.status_code_nmr_data            ? 
# 
_pdbx_database_related.db_name        TargetDB 
_pdbx_database_related.db_id          390988 
_pdbx_database_related.details        . 
_pdbx_database_related.content_type   unspecified 
# 
_audit_author.name           'Joint Center for Structural Genomics (JCSG)' 
_audit_author.pdbx_ordinal   1 
# 
_citation.id                        primary 
_citation.title                     
'Crystal structure of NTF2-like protein of unknown function (NP_108339.1) from MESORHIZOBIUM LOTI at 1.60 A resolution' 
_citation.journal_abbrev            'To be published' 
_citation.journal_volume            ? 
_citation.page_first                ? 
_citation.page_last                 ? 
_citation.year                      ? 
_citation.journal_id_ASTM           ? 
_citation.country                   ? 
_citation.journal_id_ISSN           ? 
_citation.journal_id_CSD            0353 
_citation.book_publisher            ? 
_citation.pdbx_database_id_PubMed   ? 
_citation.pdbx_database_id_DOI      ? 
# 
_citation_author.citation_id        primary 
_citation_author.name               'Joint Center for Structural Genomics (JCSG)' 
_citation_author.ordinal            1 
_citation_author.identifier_ORCID   ? 
# 
loop_
_entity.id 
_entity.type 
_entity.src_method 
_entity.pdbx_description 
_entity.formula_weight 
_entity.pdbx_number_of_molecules 
_entity.pdbx_ec 
_entity.pdbx_mutation 
_entity.pdbx_fragment 
_entity.details 
1 polymer     man 'uncharacterized NTF2-like protein' 14706.773 1   ? ? ? ? 
2 non-polymer syn 'UNKNOWN LIGAND'                    ?         1   ? ? ? ? 
3 non-polymer syn 'CHLORIDE ION'                      35.453    1   ? ? ? ? 
4 non-polymer syn 1,2-ETHANEDIOL                      62.068    1   ? ? ? ? 
5 water       nat water                               18.015    111 ? ? ? ? 
# 
_entity_poly.entity_id                      1 
_entity_poly.type                           'polypeptide(L)' 
_entity_poly.nstd_linkage                   no 
_entity_poly.nstd_monomer                   yes 
_entity_poly.pdbx_seq_one_letter_code       
;G(MSE)KQDSIITLHPDDRSEQTAEI(MSE)RRFNDVFQLHDPAALPELIAEECVIENTVPAPDGARHAGRQACVQLWSA
IATQPGTRFDLEETFVAGDRATIRWRYW(MSE)ADGNSVRGVNL(MSE)RVQDGRIVEA(MSE)GYVKG
;
_entity_poly.pdbx_seq_one_letter_code_can   
;GMKQDSIITLHPDDRSEQTAEIMRRFNDVFQLHDPAALPELIAEECVIENTVPAPDGARHAGRQACVQLWSAIATQPGTR
FDLEETFVAGDRATIRWRYWMADGNSVRGVNLMRVQDGRIVEAMGYVKG
;
_entity_poly.pdbx_strand_id                 A 
_entity_poly.pdbx_target_identifier         390988 
# 
loop_
_pdbx_entity_nonpoly.entity_id 
_pdbx_entity_nonpoly.name 
_pdbx_entity_nonpoly.comp_id 
2 'UNKNOWN LIGAND' UNL 
3 'CHLORIDE ION'   CL  
4 1,2-ETHANEDIOL   EDO 
5 water            HOH 
# 
loop_
_entity_poly_seq.entity_id 
_entity_poly_seq.num 
_entity_poly_seq.mon_id 
_entity_poly_seq.hetero 
1 1   GLY n 
1 2   MSE n 
1 3   LYS n 
1 4   GLN n 
1 5   ASP n 
1 6   SER n 
1 7   ILE n 
1 8   ILE n 
1 9   THR n 
1 10  LEU n 
1 11  HIS n 
1 12  PRO n 
1 13  ASP n 
1 14  ASP n 
1 15  ARG n 
1 16  SER n 
1 17  GLU n 
1 18  GLN n 
1 19  THR n 
1 20  ALA n 
1 21  GLU n 
1 22  ILE n 
1 23  MSE n 
1 24  ARG n 
1 25  ARG n 
1 26  PHE n 
1 27  ASN n 
1 28  ASP n 
1 29  VAL n 
1 30  PHE n 
1 31  GLN n 
1 32  LEU n 
1 33  HIS n 
1 34  ASP n 
1 35  PRO n 
1 36  ALA n 
1 37  ALA n 
1 38  LEU n 
1 39  PRO n 
1 40  GLU n 
1 41  LEU n 
1 42  ILE n 
1 43  ALA n 
1 44  GLU n 
1 45  GLU n 
1 46  CYS n 
1 47  VAL n 
1 48  ILE n 
1 49  GLU n 
1 50  ASN n 
1 51  THR n 
1 52  VAL n 
1 53  PRO n 
1 54  ALA n 
1 55  PRO n 
1 56  ASP n 
1 57  GLY n 
1 58  ALA n 
1 59  ARG n 
1 60  HIS n 
1 61  ALA n 
1 62  GLY n 
1 63  ARG n 
1 64  GLN n 
1 65  ALA n 
1 66  CYS n 
1 67  VAL n 
1 68  GLN n 
1 69  LEU n 
1 70  TRP n 
1 71  SER n 
1 72  ALA n 
1 73  ILE n 
1 74  ALA n 
1 75  THR n 
1 76  GLN n 
1 77  PRO n 
1 78  GLY n 
1 79  THR n 
1 80  ARG n 
1 81  PHE n 
1 82  ASP n 
1 83  LEU n 
1 84  GLU n 
1 85  GLU n 
1 86  THR n 
1 87  PHE n 
1 88  VAL n 
1 89  ALA n 
1 90  GLY n 
1 91  ASP n 
1 92  ARG n 
1 93  ALA n 
1 94  THR n 
1 95  ILE n 
1 96  ARG n 
1 97  TRP n 
1 98  ARG n 
1 99  TYR n 
1 100 TRP n 
1 101 MSE n 
1 102 ALA n 
1 103 ASP n 
1 104 GLY n 
1 105 ASN n 
1 106 SER n 
1 107 VAL n 
1 108 ARG n 
1 109 GLY n 
1 110 VAL n 
1 111 ASN n 
1 112 LEU n 
1 113 MSE n 
1 114 ARG n 
1 115 VAL n 
1 116 GLN n 
1 117 ASP n 
1 118 GLY n 
1 119 ARG n 
1 120 ILE n 
1 121 VAL n 
1 122 GLU n 
1 123 ALA n 
1 124 MSE n 
1 125 GLY n 
1 126 TYR n 
1 127 VAL n 
1 128 LYS n 
1 129 GLY n 
# 
_entity_src_gen.entity_id                          1 
_entity_src_gen.pdbx_src_id                        1 
_entity_src_gen.pdbx_alt_source_flag               sample 
_entity_src_gen.pdbx_seq_type                      ? 
_entity_src_gen.pdbx_beg_seq_num                   ? 
_entity_src_gen.pdbx_end_seq_num                   ? 
_entity_src_gen.gene_src_common_name               'Mesorhizobium loti' 
_entity_src_gen.gene_src_genus                     ? 
_entity_src_gen.pdbx_gene_src_gene                 'mll8193, NP_108339.1' 
_entity_src_gen.gene_src_species                   ? 
_entity_src_gen.gene_src_strain                    ? 
_entity_src_gen.gene_src_tissue                    ? 
_entity_src_gen.gene_src_tissue_fraction           ? 
_entity_src_gen.gene_src_details                   ? 
_entity_src_gen.pdbx_gene_src_fragment             ? 
_entity_src_gen.pdbx_gene_src_scientific_name      'Mesorhizobium loti' 
_entity_src_gen.pdbx_gene_src_ncbi_taxonomy_id     381 
_entity_src_gen.pdbx_gene_src_variant              ? 
_entity_src_gen.pdbx_gene_src_cell_line            ? 
_entity_src_gen.pdbx_gene_src_atcc                 ? 
_entity_src_gen.pdbx_gene_src_organ                ? 
_entity_src_gen.pdbx_gene_src_organelle            ? 
_entity_src_gen.pdbx_gene_src_cell                 ? 
_entity_src_gen.pdbx_gene_src_cellular_location    ? 
_entity_src_gen.host_org_common_name               ? 
_entity_src_gen.pdbx_host_org_scientific_name      'Escherichia Coli' 
_entity_src_gen.pdbx_host_org_ncbi_taxonomy_id     562 
_entity_src_gen.host_org_genus                     ? 
_entity_src_gen.pdbx_host_org_gene                 ? 
_entity_src_gen.pdbx_host_org_organ                ? 
_entity_src_gen.host_org_species                   ? 
_entity_src_gen.pdbx_host_org_tissue               ? 
_entity_src_gen.pdbx_host_org_tissue_fraction      ? 
_entity_src_gen.pdbx_host_org_strain               HK100 
_entity_src_gen.pdbx_host_org_variant              ? 
_entity_src_gen.pdbx_host_org_cell_line            ? 
_entity_src_gen.pdbx_host_org_atcc                 ? 
_entity_src_gen.pdbx_host_org_culture_collection   ? 
_entity_src_gen.pdbx_host_org_cell                 ? 
_entity_src_gen.pdbx_host_org_organelle            ? 
_entity_src_gen.pdbx_host_org_cellular_location    ? 
_entity_src_gen.pdbx_host_org_vector_type          Plasmid 
_entity_src_gen.pdbx_host_org_vector               ? 
_entity_src_gen.host_org_details                   ? 
_entity_src_gen.expression_system_id               ? 
_entity_src_gen.plasmid_name                       SpeedET 
_entity_src_gen.plasmid_details                    ? 
_entity_src_gen.pdbx_description                   ? 
# 
loop_
_chem_comp.id 
_chem_comp.type 
_chem_comp.mon_nstd_flag 
_chem_comp.name 
_chem_comp.pdbx_synonyms 
_chem_comp.formula 
_chem_comp.formula_weight 
ALA 'L-peptide linking' y ALANINE          ?                 'C3 H7 N O2'     89.093  
ARG 'L-peptide linking' y ARGININE         ?                 'C6 H15 N4 O2 1' 175.209 
ASN 'L-peptide linking' y ASPARAGINE       ?                 'C4 H8 N2 O3'    132.118 
ASP 'L-peptide linking' y 'ASPARTIC ACID'  ?                 'C4 H7 N O4'     133.103 
CL  non-polymer         . 'CHLORIDE ION'   ?                 'Cl -1'          35.453  
CYS 'L-peptide linking' y CYSTEINE         ?                 'C3 H7 N O2 S'   121.158 
EDO non-polymer         . 1,2-ETHANEDIOL   'ETHYLENE GLYCOL' 'C2 H6 O2'       62.068  
GLN 'L-peptide linking' y GLUTAMINE        ?                 'C5 H10 N2 O3'   146.144 
GLU 'L-peptide linking' y 'GLUTAMIC ACID'  ?                 'C5 H9 N O4'     147.129 
GLY 'peptide linking'   y GLYCINE          ?                 'C2 H5 N O2'     75.067  
HIS 'L-peptide linking' y HISTIDINE        ?                 'C6 H10 N3 O2 1' 156.162 
HOH non-polymer         . WATER            ?                 'H2 O'           18.015  
ILE 'L-peptide linking' y ISOLEUCINE       ?                 'C6 H13 N O2'    131.173 
LEU 'L-peptide linking' y LEUCINE          ?                 'C6 H13 N O2'    131.173 
LYS 'L-peptide linking' y LYSINE           ?                 'C6 H15 N2 O2 1' 147.195 
MSE 'L-peptide linking' n SELENOMETHIONINE ?                 'C5 H11 N O2 Se' 196.106 
PHE 'L-peptide linking' y PHENYLALANINE    ?                 'C9 H11 N O2'    165.189 
PRO 'L-peptide linking' y PROLINE          ?                 'C5 H9 N O2'     115.130 
SER 'L-peptide linking' y SERINE           ?                 'C3 H7 N O3'     105.093 
THR 'L-peptide linking' y THREONINE        ?                 'C4 H9 N O3'     119.119 
TRP 'L-peptide linking' y TRYPTOPHAN       ?                 'C11 H12 N2 O2'  204.225 
TYR 'L-peptide linking' y TYROSINE         ?                 'C9 H11 N O3'    181.189 
UNL non-polymer         . 'UNKNOWN LIGAND' ?                 ?                ?       
VAL 'L-peptide linking' y VALINE           ?                 'C5 H11 N O2'    117.146 
# 
loop_
_pdbx_poly_seq_scheme.asym_id 
_pdbx_poly_seq_scheme.entity_id 
_pdbx_poly_seq_scheme.seq_id 
_pdbx_poly_seq_scheme.mon_id 
_pdbx_poly_seq_scheme.ndb_seq_num 
_pdbx_poly_seq_scheme.pdb_seq_num 
_pdbx_poly_seq_scheme.auth_seq_num 
_pdbx_poly_seq_scheme.pdb_mon_id 
_pdbx_poly_seq_scheme.auth_mon_id 
_pdbx_poly_seq_scheme.pdb_strand_id 
_pdbx_poly_seq_scheme.pdb_ins_code 
_pdbx_poly_seq_scheme.hetero 
A 1 1   GLY 1   0   ?   ?   ?   A . n 
A 1 2   MSE 2   1   ?   ?   ?   A . n 
A 1 3   LYS 3   2   ?   ?   ?   A . n 
A 1 4   GLN 4   3   ?   ?   ?   A . n 
A 1 5   ASP 5   4   ?   ?   ?   A . n 
A 1 6   SER 6   5   ?   ?   ?   A . n 
A 1 7   ILE 7   6   ?   ?   ?   A . n 
A 1 8   ILE 8   7   7   ILE ILE A . n 
A 1 9   THR 9   8   8   THR THR A . n 
A 1 10  LEU 10  9   9   LEU LEU A . n 
A 1 11  HIS 11  10  10  HIS HIS A . n 
A 1 12  PRO 12  11  11  PRO PRO A . n 
A 1 13  ASP 13  12  12  ASP ASP A . n 
A 1 14  ASP 14  13  13  ASP ASP A . n 
A 1 15  ARG 15  14  14  ARG ARG A . n 
A 1 16  SER 16  15  15  SER SER A . n 
A 1 17  GLU 17  16  16  GLU GLU A . n 
A 1 18  GLN 18  17  17  GLN GLN A . n 
A 1 19  THR 19  18  18  THR THR A . n 
A 1 20  ALA 20  19  19  ALA ALA A . n 
A 1 21  GLU 21  20  20  GLU GLU A . n 
A 1 22  ILE 22  21  21  ILE ILE A . n 
A 1 23  MSE 23  22  22  MSE MSE A . n 
A 1 24  ARG 24  23  23  ARG ARG A . n 
A 1 25  ARG 25  24  24  ARG ARG A . n 
A 1 26  PHE 26  25  25  PHE PHE A . n 
A 1 27  ASN 27  26  26  ASN ASN A . n 
A 1 28  ASP 28  27  27  ASP ASP A . n 
A 1 29  VAL 29  28  28  VAL VAL A . n 
A 1 30  PHE 30  29  29  PHE PHE A . n 
A 1 31  GLN 31  30  30  GLN GLN A . n 
A 1 32  LEU 32  31  31  LEU LEU A . n 
A 1 33  HIS 33  32  32  HIS HIS A . n 
A 1 34  ASP 34  33  33  ASP ASP A . n 
A 1 35  PRO 35  34  34  PRO PRO A . n 
A 1 36  ALA 36  35  35  ALA ALA A . n 
A 1 37  ALA 37  36  36  ALA ALA A . n 
A 1 38  LEU 38  37  37  LEU LEU A . n 
A 1 39  PRO 39  38  38  PRO PRO A . n 
A 1 40  GLU 40  39  39  GLU GLU A . n 
A 1 41  LEU 41  40  40  LEU LEU A . n 
A 1 42  ILE 42  41  41  ILE ILE A . n 
A 1 43  ALA 43  42  42  ALA ALA A . n 
A 1 44  GLU 44  43  43  GLU GLU A . n 
A 1 45  GLU 45  44  44  GLU GLU A . n 
A 1 46  CYS 46  45  45  CYS CYS A . n 
A 1 47  VAL 47  46  46  VAL VAL A . n 
A 1 48  ILE 48  47  47  ILE ILE A . n 
A 1 49  GLU 49  48  48  GLU GLU A . n 
A 1 50  ASN 50  49  49  ASN ASN A . n 
A 1 51  THR 51  50  50  THR THR A . n 
A 1 52  VAL 52  51  51  VAL VAL A . n 
A 1 53  PRO 53  52  52  PRO PRO A . n 
A 1 54  ALA 54  53  53  ALA ALA A . n 
A 1 55  PRO 55  54  54  PRO PRO A . n 
A 1 56  ASP 56  55  55  ASP ASP A . n 
A 1 57  GLY 57  56  56  GLY GLY A . n 
A 1 58  ALA 58  57  57  ALA ALA A . n 
A 1 59  ARG 59  58  58  ARG ARG A . n 
A 1 60  HIS 60  59  59  HIS HIS A . n 
A 1 61  ALA 61  60  60  ALA ALA A . n 
A 1 62  GLY 62  61  61  GLY GLY A . n 
A 1 63  ARG 63  62  62  ARG ARG A . n 
A 1 64  GLN 64  63  63  GLN GLN A . n 
A 1 65  ALA 65  64  64  ALA ALA A . n 
A 1 66  CYS 66  65  65  CYS CYS A . n 
A 1 67  VAL 67  66  66  VAL VAL A . n 
A 1 68  GLN 68  67  67  GLN GLN A . n 
A 1 69  LEU 69  68  68  LEU LEU A . n 
A 1 70  TRP 70  69  69  TRP TRP A . n 
A 1 71  SER 71  70  70  SER SER A . n 
A 1 72  ALA 72  71  71  ALA ALA A . n 
A 1 73  ILE 73  72  72  ILE ILE A . n 
A 1 74  ALA 74  73  73  ALA ALA A . n 
A 1 75  THR 75  74  74  THR THR A . n 
A 1 76  GLN 76  75  75  GLN GLN A . n 
A 1 77  PRO 77  76  76  PRO PRO A . n 
A 1 78  GLY 78  77  77  GLY GLY A . n 
A 1 79  THR 79  78  78  THR THR A . n 
A 1 80  ARG 80  79  79  ARG ARG A . n 
A 1 81  PHE 81  80  80  PHE PHE A . n 
A 1 82  ASP 82  81  81  ASP ASP A . n 
A 1 83  LEU 83  82  82  LEU LEU A . n 
A 1 84  GLU 84  83  83  GLU GLU A . n 
A 1 85  GLU 85  84  84  GLU GLU A . n 
A 1 86  THR 86  85  85  THR THR A . n 
A 1 87  PHE 87  86  86  PHE PHE A . n 
A 1 88  VAL 88  87  87  VAL VAL A . n 
A 1 89  ALA 89  88  88  ALA ALA A . n 
A 1 90  GLY 90  89  89  GLY GLY A . n 
A 1 91  ASP 91  90  90  ASP ASP A . n 
A 1 92  ARG 92  91  91  ARG ARG A . n 
A 1 93  ALA 93  92  92  ALA ALA A . n 
A 1 94  THR 94  93  93  THR THR A . n 
A 1 95  ILE 95  94  94  ILE ILE A . n 
A 1 96  ARG 96  95  95  ARG ARG A . n 
A 1 97  TRP 97  96  96  TRP TRP A . n 
A 1 98  ARG 98  97  97  ARG ARG A . n 
A 1 99  TYR 99  98  98  TYR TYR A . n 
A 1 100 TRP 100 99  99  TRP TRP A . n 
A 1 101 MSE 101 100 100 MSE MSE A . n 
A 1 102 ALA 102 101 101 ALA ALA A . n 
A 1 103 ASP 103 102 102 ASP ASP A . n 
A 1 104 GLY 104 103 103 GLY GLY A . n 
A 1 105 ASN 105 104 104 ASN ASN A . n 
A 1 106 SER 106 105 105 SER SER A . n 
A 1 107 VAL 107 106 106 VAL VAL A . n 
A 1 108 ARG 108 107 107 ARG ARG A . n 
A 1 109 GLY 109 108 108 GLY GLY A . n 
A 1 110 VAL 110 109 109 VAL VAL A . n 
A 1 111 ASN 111 110 110 ASN ASN A . n 
A 1 112 LEU 112 111 111 LEU LEU A . n 
A 1 113 MSE 113 112 112 MSE MSE A . n 
A 1 114 ARG 114 113 113 ARG ARG A . n 
A 1 115 VAL 115 114 114 VAL VAL A . n 
A 1 116 GLN 116 115 115 GLN GLN A . n 
A 1 117 ASP 117 116 116 ASP ASP A . n 
A 1 118 GLY 118 117 117 GLY GLY A . n 
A 1 119 ARG 119 118 118 ARG ARG A . n 
A 1 120 ILE 120 119 119 ILE ILE A . n 
A 1 121 VAL 121 120 120 VAL VAL A . n 
A 1 122 GLU 122 121 121 GLU GLU A . n 
A 1 123 ALA 123 122 122 ALA ALA A . n 
A 1 124 MSE 124 123 123 MSE MSE A . n 
A 1 125 GLY 125 124 124 GLY GLY A . n 
A 1 126 TYR 126 125 125 TYR TYR A . n 
A 1 127 VAL 127 126 126 VAL VAL A . n 
A 1 128 LYS 128 127 127 LYS LYS A . n 
A 1 129 GLY 129 128 128 GLY GLY A . n 
# 
loop_
_pdbx_nonpoly_scheme.asym_id 
_pdbx_nonpoly_scheme.entity_id 
_pdbx_nonpoly_scheme.mon_id 
_pdbx_nonpoly_scheme.ndb_seq_num 
_pdbx_nonpoly_scheme.pdb_seq_num 
_pdbx_nonpoly_scheme.auth_seq_num 
_pdbx_nonpoly_scheme.pdb_mon_id 
_pdbx_nonpoly_scheme.auth_mon_id 
_pdbx_nonpoly_scheme.pdb_strand_id 
_pdbx_nonpoly_scheme.pdb_ins_code 
B 2 UNL 1   129 1   UNL UNL A . 
C 3 CL  1   130 2   CL  CL  A . 
D 4 EDO 1   131 3   EDO EDO A . 
E 5 HOH 1   132 4   HOH HOH A . 
E 5 HOH 2   133 5   HOH HOH A . 
E 5 HOH 3   134 6   HOH HOH A . 
E 5 HOH 4   135 7   HOH HOH A . 
E 5 HOH 5   136 8   HOH HOH A . 
E 5 HOH 6   137 9   HOH HOH A . 
E 5 HOH 7   138 10  HOH HOH A . 
E 5 HOH 8   139 11  HOH HOH A . 
E 5 HOH 9   140 12  HOH HOH A . 
E 5 HOH 10  141 13  HOH HOH A . 
E 5 HOH 11  142 14  HOH HOH A . 
E 5 HOH 12  143 15  HOH HOH A . 
E 5 HOH 13  144 16  HOH HOH A . 
E 5 HOH 14  145 17  HOH HOH A . 
E 5 HOH 15  146 18  HOH HOH A . 
E 5 HOH 16  147 19  HOH HOH A . 
E 5 HOH 17  148 20  HOH HOH A . 
E 5 HOH 18  149 21  HOH HOH A . 
E 5 HOH 19  150 22  HOH HOH A . 
E 5 HOH 20  151 23  HOH HOH A . 
E 5 HOH 21  152 24  HOH HOH A . 
E 5 HOH 22  153 25  HOH HOH A . 
E 5 HOH 23  154 26  HOH HOH A . 
E 5 HOH 24  155 27  HOH HOH A . 
E 5 HOH 25  156 28  HOH HOH A . 
E 5 HOH 26  157 29  HOH HOH A . 
E 5 HOH 27  158 30  HOH HOH A . 
E 5 HOH 28  159 31  HOH HOH A . 
E 5 HOH 29  160 32  HOH HOH A . 
E 5 HOH 30  161 33  HOH HOH A . 
E 5 HOH 31  162 34  HOH HOH A . 
E 5 HOH 32  163 35  HOH HOH A . 
E 5 HOH 33  164 36  HOH HOH A . 
E 5 HOH 34  165 37  HOH HOH A . 
E 5 HOH 35  166 38  HOH HOH A . 
E 5 HOH 36  167 39  HOH HOH A . 
E 5 HOH 37  168 40  HOH HOH A . 
E 5 HOH 38  169 41  HOH HOH A . 
E 5 HOH 39  170 42  HOH HOH A . 
E 5 HOH 40  171 43  HOH HOH A . 
E 5 HOH 41  172 44  HOH HOH A . 
E 5 HOH 42  173 45  HOH HOH A . 
E 5 HOH 43  174 46  HOH HOH A . 
E 5 HOH 44  175 47  HOH HOH A . 
E 5 HOH 45  176 48  HOH HOH A . 
E 5 HOH 46  177 49  HOH HOH A . 
E 5 HOH 47  178 50  HOH HOH A . 
E 5 HOH 48  179 51  HOH HOH A . 
E 5 HOH 49  180 52  HOH HOH A . 
E 5 HOH 50  181 53  HOH HOH A . 
E 5 HOH 51  182 54  HOH HOH A . 
E 5 HOH 52  183 55  HOH HOH A . 
E 5 HOH 53  184 56  HOH HOH A . 
E 5 HOH 54  185 57  HOH HOH A . 
E 5 HOH 55  186 58  HOH HOH A . 
E 5 HOH 56  187 59  HOH HOH A . 
E 5 HOH 57  188 60  HOH HOH A . 
E 5 HOH 58  189 61  HOH HOH A . 
E 5 HOH 59  190 62  HOH HOH A . 
E 5 HOH 60  191 63  HOH HOH A . 
E 5 HOH 61  192 64  HOH HOH A . 
E 5 HOH 62  193 65  HOH HOH A . 
E 5 HOH 63  194 66  HOH HOH A . 
E 5 HOH 64  195 67  HOH HOH A . 
E 5 HOH 65  196 68  HOH HOH A . 
E 5 HOH 66  197 69  HOH HOH A . 
E 5 HOH 67  198 70  HOH HOH A . 
E 5 HOH 68  199 71  HOH HOH A . 
E 5 HOH 69  200 72  HOH HOH A . 
E 5 HOH 70  201 73  HOH HOH A . 
E 5 HOH 71  202 74  HOH HOH A . 
E 5 HOH 72  203 75  HOH HOH A . 
E 5 HOH 73  204 76  HOH HOH A . 
E 5 HOH 74  205 77  HOH HOH A . 
E 5 HOH 75  206 78  HOH HOH A . 
E 5 HOH 76  207 79  HOH HOH A . 
E 5 HOH 77  208 80  HOH HOH A . 
E 5 HOH 78  209 81  HOH HOH A . 
E 5 HOH 79  210 82  HOH HOH A . 
E 5 HOH 80  211 83  HOH HOH A . 
E 5 HOH 81  212 84  HOH HOH A . 
E 5 HOH 82  213 85  HOH HOH A . 
E 5 HOH 83  214 86  HOH HOH A . 
E 5 HOH 84  215 87  HOH HOH A . 
E 5 HOH 85  216 88  HOH HOH A . 
E 5 HOH 86  217 89  HOH HOH A . 
E 5 HOH 87  218 90  HOH HOH A . 
E 5 HOH 88  219 91  HOH HOH A . 
E 5 HOH 89  220 92  HOH HOH A . 
E 5 HOH 90  221 93  HOH HOH A . 
E 5 HOH 91  222 94  HOH HOH A . 
E 5 HOH 92  223 95  HOH HOH A . 
E 5 HOH 93  224 96  HOH HOH A . 
E 5 HOH 94  225 97  HOH HOH A . 
E 5 HOH 95  226 98  HOH HOH A . 
E 5 HOH 96  227 99  HOH HOH A . 
E 5 HOH 97  228 100 HOH HOH A . 
E 5 HOH 98  229 101 HOH HOH A . 
E 5 HOH 99  230 102 HOH HOH A . 
E 5 HOH 100 231 103 HOH HOH A . 
E 5 HOH 101 232 104 HOH HOH A . 
E 5 HOH 102 233 105 HOH HOH A . 
E 5 HOH 103 234 106 HOH HOH A . 
E 5 HOH 104 235 107 HOH HOH A . 
E 5 HOH 105 236 108 HOH HOH A . 
E 5 HOH 106 237 109 HOH HOH A . 
E 5 HOH 107 238 110 HOH HOH A . 
E 5 HOH 108 239 111 HOH HOH A . 
E 5 HOH 109 240 112 HOH HOH A . 
E 5 HOH 110 241 113 HOH HOH A . 
E 5 HOH 111 242 114 HOH HOH A . 
# 
loop_
_pdbx_unobs_or_zero_occ_atoms.id 
_pdbx_unobs_or_zero_occ_atoms.PDB_model_num 
_pdbx_unobs_or_zero_occ_atoms.polymer_flag 
_pdbx_unobs_or_zero_occ_atoms.occupancy_flag 
_pdbx_unobs_or_zero_occ_atoms.auth_asym_id 
_pdbx_unobs_or_zero_occ_atoms.auth_comp_id 
_pdbx_unobs_or_zero_occ_atoms.auth_seq_id 
_pdbx_unobs_or_zero_occ_atoms.PDB_ins_code 
_pdbx_unobs_or_zero_occ_atoms.auth_atom_id 
_pdbx_unobs_or_zero_occ_atoms.label_alt_id 
_pdbx_unobs_or_zero_occ_atoms.label_asym_id 
_pdbx_unobs_or_zero_occ_atoms.label_comp_id 
_pdbx_unobs_or_zero_occ_atoms.label_seq_id 
_pdbx_unobs_or_zero_occ_atoms.label_atom_id 
1 1 Y 1 A ASP 12 ? CG  ? A ASP 13 CG  
2 1 Y 1 A ASP 12 ? OD1 ? A ASP 13 OD1 
3 1 Y 1 A ASP 12 ? OD2 ? A ASP 13 OD2 
4 1 Y 1 A ASP 13 ? CG  ? A ASP 14 CG  
5 1 Y 1 A ASP 13 ? OD1 ? A ASP 14 OD1 
6 1 Y 1 A ASP 13 ? OD2 ? A ASP 14 OD2 
# 
loop_
_software.name 
_software.version 
_software.date 
_software.type 
_software.contact_author 
_software.contact_author_email 
_software.classification 
_software.location 
_software.language 
_software.citation_id 
_software.pdbx_ordinal 
REFMAC      5.2.0019 ?               program 'Garib N. Murshudov'         garib@ysbl.york.ac.uk                refinement        
http://www.ccp4.ac.uk/dist/html/refmac5.html                                Fortran_77 ? 1 
PHENIX      .        ?               package 'P.D. Adams'                 PDAdams@lbl.gov                      refinement        
http://www.phenix-online.org/                                               C++        ? 2 
SHELX       .        ?               package 'George M. Sheldrick'        gsheldr@shelx.uni-ac.gwdg.de         phasing           
http://shelx.uni-ac.gwdg.de/SHELX/                                          Fortran_77 ? 3 
MolProbity  3beta29  ?               package 'D.C. & J.S. Richardson lab' molprobity@kinemage.biochem.duke.edu 'model building'  
http://kinemage.biochem.duke.edu/molprobity/                                ?          ? 4 
XSCALE      .        ?               package 'Wolfgang Kabsch'            ?                                    'data scaling'    
http://www.mpimf-heidelberg.mpg.de/~kabsch/xds/html_doc/xscale_program.html ?          ? 5 
PDB_EXTRACT 3.006    'June 11, 2008' package PDB                          help@deposit.rcsb.org                'data extraction' 
http://sw-tools.pdb.org/apps/PDB_EXTRACT/                                   C++        ? 6 
XDS         .        ?               ?       ?                            ?                                    'data reduction'  ? 
?          ? 7 
SHELXD      .        ?               ?       ?                            ?                                    phasing           ? 
?          ? 8 
autoSHARP   .        ?               ?       ?                            ?                                    phasing           ? 
?          ? 9 
# 
_cell.entry_id           3FH1 
_cell.length_a           45.110 
_cell.length_b           45.110 
_cell.length_c           136.600 
_cell.angle_alpha        90.000 
_cell.angle_beta         90.000 
_cell.angle_gamma        90.000 
_cell.pdbx_unique_axis   ? 
_cell.Z_PDB              8 
_cell.length_a_esd       ? 
_cell.length_b_esd       ? 
_cell.length_c_esd       ? 
_cell.angle_alpha_esd    ? 
_cell.angle_beta_esd     ? 
_cell.angle_gamma_esd    ? 
# 
_symmetry.entry_id                         3FH1 
_symmetry.Int_Tables_number                96 
_symmetry.space_group_name_H-M             'P 43 21 2' 
_symmetry.pdbx_full_space_group_name_H-M   ? 
_symmetry.cell_setting                     ? 
_symmetry.space_group_name_Hall            ? 
# 
_exptl.crystals_number   1 
_exptl.method            'X-RAY DIFFRACTION' 
_exptl.entry_id          3FH1 
# 
_exptl_crystal.id                    1 
_exptl_crystal.density_Matthews      2.36 
_exptl_crystal.density_meas          ? 
_exptl_crystal.density_percent_sol   47.94 
_exptl_crystal.description           
'DATA WERE SCALED USING XSCALE WITH FRIEDEL PAIRS KEPT AS SEPARATE WHEN COMPUTING R-SYM, COMPLETENESS AND <I/SIGMA(I)>.' 
_exptl_crystal.F_000                 ? 
_exptl_crystal.preparation           ? 
# 
_exptl_crystal_grow.crystal_id      1 
_exptl_crystal_grow.method          'VAPOR DIFFUSION, SITTING DROP' 
_exptl_crystal_grow.pH              5.0 
_exptl_crystal_grow.temp            277 
_exptl_crystal_grow.pdbx_details    
'0.2000M (NH4)2HCitrate, 20.0000% PEG-3350, No Buffer pH 5.0, NANODROP, VAPOR DIFFUSION, SITTING DROP, temperature 277K' 
_exptl_crystal_grow.temp_details    ? 
_exptl_crystal_grow.pdbx_pH_range   ? 
# 
_diffrn.id                     1 
_diffrn.ambient_temp           100 
_diffrn.ambient_temp_details   ? 
_diffrn.crystal_id             1 
# 
_diffrn_detector.diffrn_id              1 
_diffrn_detector.detector               CCD 
_diffrn_detector.type                   'MARMOSAIC 300 mm CCD' 
_diffrn_detector.details                'Adjustable focusing mirrors in K-B geometry' 
_diffrn_detector.pdbx_collection_date   2008-10-11 
# 
_diffrn_radiation.diffrn_id                        1 
_diffrn_radiation.pdbx_monochromatic_or_laue_m_l   M 
_diffrn_radiation.monochromator                    'Si(111) Double Crystal Monochrometer' 
_diffrn_radiation.pdbx_diffrn_protocol             MAD 
_diffrn_radiation.wavelength_id                    1 
_diffrn_radiation.pdbx_scattering_type             x-ray 
# 
loop_
_diffrn_radiation_wavelength.id 
_diffrn_radiation_wavelength.wavelength 
_diffrn_radiation_wavelength.wt 
1 0.94645 1.0 
2 0.97965 1.0 
# 
_diffrn_source.diffrn_id                   1 
_diffrn_source.source                      SYNCHROTRON 
_diffrn_source.pdbx_synchrotron_beamline   23-ID-B 
_diffrn_source.type                        'APS BEAMLINE 23-ID-B' 
_diffrn_source.pdbx_wavelength_list        0.94645,0.97965 
_diffrn_source.pdbx_wavelength             ? 
_diffrn_source.pdbx_synchrotron_site       APS 
# 
_reflns.entry_id                     3FH1 
_reflns.d_resolution_high            1.60 
_reflns.d_resolution_low             28.904 
_reflns.number_obs                   19510 
_reflns.pdbx_Rmerge_I_obs            0.063 
_reflns.percent_possible_obs         99.600 
_reflns.B_iso_Wilson_estimate        20.689 
_reflns.observed_criterion_sigma_I   -3.00 
_reflns.observed_criterion_sigma_F   ? 
_reflns.number_all                   ? 
_reflns.pdbx_Rsym_value              ? 
_reflns.pdbx_netI_over_sigmaI        13.650 
_reflns.pdbx_redundancy              6.94 
_reflns.R_free_details               ? 
_reflns.limit_h_max                  ? 
_reflns.limit_h_min                  ? 
_reflns.limit_k_max                  ? 
_reflns.limit_k_min                  ? 
_reflns.limit_l_max                  ? 
_reflns.limit_l_min                  ? 
_reflns.observed_criterion_F_max     ? 
_reflns.observed_criterion_F_min     ? 
_reflns.pdbx_chi_squared             ? 
_reflns.pdbx_scaling_rejects         ? 
_reflns.pdbx_ordinal                 1 
_reflns.pdbx_diffrn_id               1 
# 
loop_
_reflns_shell.d_res_high 
_reflns_shell.d_res_low 
_reflns_shell.number_measured_obs 
_reflns_shell.number_measured_all 
_reflns_shell.number_unique_obs 
_reflns_shell.Rmerge_I_obs 
_reflns_shell.meanI_over_sigI_obs 
_reflns_shell.pdbx_Rsym_value 
_reflns_shell.pdbx_chi_squared 
_reflns_shell.pdbx_redundancy 
_reflns_shell.percent_possible_obs 
_reflns_shell.number_unique_all 
_reflns_shell.percent_possible_all 
_reflns_shell.pdbx_ordinal 
_reflns_shell.pdbx_diffrn_id 
1.60 1.66   13683 ? 3655 1.036 1.45 ? ? ? ? ? 98.00  1  1 
1.66 1.72   12033 ? 3187 0.771 1.92 ? ? ? ? ? 99.30  2  1 
1.72 1.80   13852 ? 3656 0.546 2.7  ? ? ? ? ? 99.60  3  1 
1.80 1.90   14116 ? 3715 0.324 4.4  ? ? ? ? ? 99.80  4  1 
1.90 2.02   13582 ? 3566 0.198 7.0  ? ? ? ? ? 99.90  5  1 
2.02 2.17   12966 ? 3391 0.125 10.6 ? ? ? ? ? 99.90  6  1 
2.17 2.39   13879 ? 3621 0.088 14.4 ? ? ? ? ? 100.00 7  1 
2.39 2.73   13486 ? 3502 0.064 19.1 ? ? ? ? ? 100.00 8  1 
2.73 3.44   13820 ? 3584 0.035 30.7 ? ? ? ? ? 99.90  9  1 
3.44 28.904 13963 ? 3605 0.023 43.5 ? ? ? ? ? 99.60  10 1 
# 
_refine.entry_id                                 3FH1 
_refine.ls_d_res_high                            1.600 
_refine.ls_d_res_low                             28.904 
_refine.pdbx_ls_sigma_F                          0.00 
_refine.pdbx_data_cutoff_high_absF               ? 
_refine.pdbx_data_cutoff_low_absF                ? 
_refine.ls_percent_reflns_obs                    99.700 
_refine.ls_number_reflns_obs                     19433 
_refine.ls_number_reflns_all                     ? 
_refine.pdbx_ls_cross_valid_method               THROUGHOUT 
_refine.pdbx_R_Free_selection_details            RANDOM 
_refine.details                                  
;1.HYDROGENS HAVE BEEN ADDED IN THE RIDING POSITIONS. 2.ATOM RECORD CONTAINS RESIDUAL B FACTORS ONLY. 3.A MET-INHIBITION PROTOCOL WAS USED FOR SELENOMETHIONINE INCORPORATION DURING PROTEIN EXPRESSION. THE OCCUPANCY OF THE SE ATOMS IN THE MSE RESIDUES WAS REDUCED TO 0.75 TO ACCOUNT FOR THE REDUCED SCATTERING POWER DUE TO PARTIAL S-MET INCORPORATION. 4. A CHLORIDE ION, FROM THE PROTEIN BUFFER, AND AN ETHYLENE GLYCOL MOLECULE, FROM THE CRYOPROTECTANT, WERE MODELED IN THE STRUCTURE. 5.ONE UNKNOWN LIGAND IS MODELED NEAR TO RESIDUE 69 AND 96.
;
_refine.ls_R_factor_all                          ? 
_refine.ls_R_factor_obs                          0.169 
_refine.ls_R_factor_R_work                       0.167 
_refine.ls_wR_factor_R_work                      ? 
_refine.ls_R_factor_R_free                       0.200 
_refine.ls_wR_factor_R_free                      ? 
_refine.ls_percent_reflns_R_free                 5.100 
_refine.ls_number_reflns_R_free                  990 
_refine.ls_R_factor_R_free_error                 ? 
_refine.B_iso_mean                               27.375 
_refine.solvent_model_param_bsol                 ? 
_refine.solvent_model_param_ksol                 ? 
_refine.pdbx_isotropic_thermal_model             ? 
_refine.aniso_B[1][1]                            0.690 
_refine.aniso_B[2][2]                            0.690 
_refine.aniso_B[3][3]                            -1.390 
_refine.aniso_B[1][2]                            0.000 
_refine.aniso_B[1][3]                            0.000 
_refine.aniso_B[2][3]                            0.000 
_refine.correlation_coeff_Fo_to_Fc               0.968 
_refine.correlation_coeff_Fo_to_Fc_free          0.958 
_refine.overall_SU_R_Cruickshank_DPI             ? 
_refine.overall_SU_R_free                        ? 
_refine.pdbx_overall_ESU_R                       0.080 
_refine.pdbx_overall_ESU_R_Free                  0.083 
_refine.overall_SU_ML                            0.056 
_refine.overall_SU_B                             3.281 
_refine.solvent_model_details                    'BABINET MODEL WITH MASK' 
_refine.pdbx_solvent_vdw_probe_radii             1.200 
_refine.pdbx_solvent_ion_probe_radii             0.800 
_refine.pdbx_solvent_shrinkage_radii             0.800 
_refine.ls_number_parameters                     ? 
_refine.ls_number_restraints                     ? 
_refine.pdbx_method_to_determine_struct          MAD 
_refine.pdbx_stereochemistry_target_values       'MAXIMUM LIKELIHOOD WITH PHASES' 
_refine.pdbx_stereochem_target_val_spec_case     ? 
_refine.overall_FOM_work_R_set                   ? 
_refine.B_iso_max                                63.81 
_refine.B_iso_min                                15.16 
_refine.occupancy_max                            1.00 
_refine.occupancy_min                            0.30 
_refine.pdbx_ls_sigma_I                          ? 
_refine.ls_redundancy_reflns_obs                 ? 
_refine.ls_R_factor_R_free_error_details         ? 
_refine.pdbx_starting_model                      ? 
_refine.pdbx_data_cutoff_high_rms_absF           ? 
_refine.overall_FOM_free_R_set                   ? 
_refine.pdbx_overall_phase_error                 ? 
_refine.pdbx_refine_id                           'X-RAY DIFFRACTION' 
_refine.pdbx_TLS_residual_ADP_flag               'LIKELY RESIDUAL' 
_refine.pdbx_diffrn_id                           1 
_refine.pdbx_overall_SU_R_free_Cruickshank_DPI   ? 
_refine.pdbx_overall_SU_R_Blow_DPI               ? 
_refine.pdbx_overall_SU_R_free_Blow_DPI          ? 
# 
_refine_hist.pdbx_refine_id                   'X-RAY DIFFRACTION' 
_refine_hist.cycle_id                         LAST 
_refine_hist.pdbx_number_atoms_protein        956 
_refine_hist.pdbx_number_atoms_nucleic_acid   0 
_refine_hist.pdbx_number_atoms_ligand         11 
_refine_hist.number_atoms_solvent             111 
_refine_hist.number_atoms_total               1078 
_refine_hist.d_res_high                       1.600 
_refine_hist.d_res_low                        28.904 
# 
loop_
_refine_ls_restr.type 
_refine_ls_restr.pdbx_refine_id 
_refine_ls_restr.number 
_refine_ls_restr.dev_ideal 
_refine_ls_restr.dev_ideal_target 
_refine_ls_restr.weight 
_refine_ls_restr.pdbx_restraint_function 
r_bond_refined_d         'X-RAY DIFFRACTION' 1101 0.018  0.022  ? ? 
r_bond_other_d           'X-RAY DIFFRACTION' 755  0.002  0.020  ? ? 
r_angle_refined_deg      'X-RAY DIFFRACTION' 1511 1.596  1.937  ? ? 
r_angle_other_deg        'X-RAY DIFFRACTION' 1819 0.936  3.000  ? ? 
r_dihedral_angle_1_deg   'X-RAY DIFFRACTION' 146  5.746  5.000  ? ? 
r_dihedral_angle_2_deg   'X-RAY DIFFRACTION' 58   32.553 22.759 ? ? 
r_dihedral_angle_3_deg   'X-RAY DIFFRACTION' 179  11.774 15.000 ? ? 
r_dihedral_angle_4_deg   'X-RAY DIFFRACTION' 15   16.245 15.000 ? ? 
r_chiral_restr           'X-RAY DIFFRACTION' 159  0.099  0.200  ? ? 
r_gen_planes_refined     'X-RAY DIFFRACTION' 1324 0.008  0.020  ? ? 
r_gen_planes_other       'X-RAY DIFFRACTION' 248  0.003  0.020  ? ? 
r_nbd_refined            'X-RAY DIFFRACTION' 207  0.227  0.300  ? ? 
r_nbd_other              'X-RAY DIFFRACTION' 815  0.222  0.300  ? ? 
r_nbtor_refined          'X-RAY DIFFRACTION' 536  0.177  0.500  ? ? 
r_nbtor_other            'X-RAY DIFFRACTION' 639  0.088  0.500  ? ? 
r_xyhbond_nbd_refined    'X-RAY DIFFRACTION' 178  0.247  0.500  ? ? 
r_symmetry_vdw_refined   'X-RAY DIFFRACTION' 13   0.333  0.300  ? ? 
r_symmetry_vdw_other     'X-RAY DIFFRACTION' 53   0.380  0.300  ? ? 
r_symmetry_hbond_refined 'X-RAY DIFFRACTION' 34   0.165  0.500  ? ? 
r_mcbond_it              'X-RAY DIFFRACTION' 829  2.334  3.000  ? ? 
r_mcbond_other           'X-RAY DIFFRACTION' 272  0.527  3.000  ? ? 
r_mcangle_it             'X-RAY DIFFRACTION' 1115 2.742  5.000  ? ? 
r_scbond_it              'X-RAY DIFFRACTION' 460  4.443  8.000  ? ? 
r_scangle_it             'X-RAY DIFFRACTION' 396  6.392  11.000 ? ? 
# 
_refine_ls_shell.d_res_high                       1.600 
_refine_ls_shell.d_res_low                        1.641 
_refine_ls_shell.pdbx_total_number_of_bins_used   20 
_refine_ls_shell.percent_reflns_obs               97.970 
_refine_ls_shell.number_reflns_R_work             1285 
_refine_ls_shell.R_factor_all                     ? 
_refine_ls_shell.R_factor_R_work                  0.236 
_refine_ls_shell.R_factor_R_free                  0.294 
_refine_ls_shell.percent_reflns_R_free            ? 
_refine_ls_shell.number_reflns_R_free             69 
_refine_ls_shell.R_factor_R_free_error            ? 
_refine_ls_shell.number_reflns_all                1354 
_refine_ls_shell.number_reflns_obs                ? 
_refine_ls_shell.redundancy_reflns_obs            ? 
_refine_ls_shell.pdbx_refine_id                   'X-RAY DIFFRACTION' 
# 
_struct.entry_id                  3FH1 
_struct.title                     
'Crystal structure of a ntf2-like protein of unknown function (mll8193) from mesorhizobium loti at 1.60 A resolution' 
_struct.pdbx_model_details        ? 
_struct.pdbx_CASP_flag            ? 
_struct.pdbx_model_type_details   ? 
# 
_struct_keywords.text            
'Structural genomics, Joint Center for Structural Genomics, JCSG, Protein Structure Initiative, PSI-2, unknown function' 
_struct_keywords.pdbx_keywords   'UNKNOWN FUNCTION' 
_struct_keywords.entry_id        3FH1 
# 
loop_
_struct_asym.id 
_struct_asym.pdbx_blank_PDB_chainid_flag 
_struct_asym.pdbx_modified 
_struct_asym.entity_id 
_struct_asym.details 
A N N 1 ? 
B N N 2 ? 
C N N 3 ? 
D N N 4 ? 
E N N 5 ? 
# 
_struct_ref.id                         1 
_struct_ref.db_name                    UNP 
_struct_ref.db_code                    Q983T0_RHILO 
_struct_ref.pdbx_db_accession          Q983T0 
_struct_ref.entity_id                  1 
_struct_ref.pdbx_seq_one_letter_code   
;MKQDSIITLHPDDRSEQTAEIMRRFNDVFQLHDPAALPELIAEECVIENTVPAPDGARHAGRQACVQLWSAIATQPGTRF
DLEETFVAGDRATIRWRYWMADGNSVRGVNLMRVQDGRIVEAMGYVKG
;
_struct_ref.pdbx_align_begin           1 
_struct_ref.pdbx_db_isoform            ? 
# 
_struct_ref_seq.align_id                      1 
_struct_ref_seq.ref_id                        1 
_struct_ref_seq.pdbx_PDB_id_code              3FH1 
_struct_ref_seq.pdbx_strand_id                A 
_struct_ref_seq.seq_align_beg                 2 
_struct_ref_seq.pdbx_seq_align_beg_ins_code   ? 
_struct_ref_seq.seq_align_end                 129 
_struct_ref_seq.pdbx_seq_align_end_ins_code   ? 
_struct_ref_seq.pdbx_db_accession             Q983T0 
_struct_ref_seq.db_align_beg                  1 
_struct_ref_seq.pdbx_db_align_beg_ins_code    ? 
_struct_ref_seq.db_align_end                  128 
_struct_ref_seq.pdbx_db_align_end_ins_code    ? 
_struct_ref_seq.pdbx_auth_seq_align_beg       1 
_struct_ref_seq.pdbx_auth_seq_align_end       128 
# 
_struct_ref_seq_dif.align_id                     1 
_struct_ref_seq_dif.pdbx_pdb_id_code             3FH1 
_struct_ref_seq_dif.mon_id                       GLY 
_struct_ref_seq_dif.pdbx_pdb_strand_id           A 
_struct_ref_seq_dif.seq_num                      1 
_struct_ref_seq_dif.pdbx_pdb_ins_code            ? 
_struct_ref_seq_dif.pdbx_seq_db_name             UNP 
_struct_ref_seq_dif.pdbx_seq_db_accession_code   Q983T0 
_struct_ref_seq_dif.db_mon_id                    ? 
_struct_ref_seq_dif.pdbx_seq_db_seq_num          ? 
_struct_ref_seq_dif.details                      'expression tag' 
_struct_ref_seq_dif.pdbx_auth_seq_num            0 
_struct_ref_seq_dif.pdbx_ordinal                 1 
# 
_pdbx_struct_assembly.id                   1 
_pdbx_struct_assembly.details              author_and_software_defined_assembly 
_pdbx_struct_assembly.method_details       PISA 
_pdbx_struct_assembly.oligomeric_details   dimeric 
_pdbx_struct_assembly.oligomeric_count     2 
# 
loop_
_pdbx_struct_assembly_prop.biol_id 
_pdbx_struct_assembly_prop.type 
_pdbx_struct_assembly_prop.value 
_pdbx_struct_assembly_prop.details 
1 'ABSA (A^2)' 4020  ? 
1 MORE         -22   ? 
1 'SSA (A^2)'  11170 ? 
# 
_pdbx_struct_assembly_gen.assembly_id       1 
_pdbx_struct_assembly_gen.oper_expression   1,2 
_pdbx_struct_assembly_gen.asym_id_list      A,B,C,D,E 
# 
loop_
_pdbx_struct_oper_list.id 
_pdbx_struct_oper_list.type 
_pdbx_struct_oper_list.name 
_pdbx_struct_oper_list.symmetry_operation 
_pdbx_struct_oper_list.matrix[1][1] 
_pdbx_struct_oper_list.matrix[1][2] 
_pdbx_struct_oper_list.matrix[1][3] 
_pdbx_struct_oper_list.vector[1] 
_pdbx_struct_oper_list.matrix[2][1] 
_pdbx_struct_oper_list.matrix[2][2] 
_pdbx_struct_oper_list.matrix[2][3] 
_pdbx_struct_oper_list.vector[2] 
_pdbx_struct_oper_list.matrix[3][1] 
_pdbx_struct_oper_list.matrix[3][2] 
_pdbx_struct_oper_list.matrix[3][3] 
_pdbx_struct_oper_list.vector[3] 
1 'identity operation'         1_555 x,y,z    1.0000000000  0.0000000000 0.0000000000 0.0000000000  0.0000000000 1.0000000000  0.0000000000 0.0000000000   0.0000000000 0.0000000000 1.0000000000 0.0000000000  
2 'crystal symmetry operation' 7_556 y,x,-z+1 -0.9214692075 0.0265357264 0.3875440038 13.0048949285 0.0265357264 -0.9910335201 0.1309519655 -19.2493609004 0.3875440038 0.1309519655 0.9125027276 -1.3172412086 
# 
_struct_biol.id   1 
# 
loop_
_struct_conf.conf_type_id 
_struct_conf.id 
_struct_conf.pdbx_PDB_helix_id 
_struct_conf.beg_label_comp_id 
_struct_conf.beg_label_asym_id 
_struct_conf.beg_label_seq_id 
_struct_conf.pdbx_beg_PDB_ins_code 
_struct_conf.end_label_comp_id 
_struct_conf.end_label_asym_id 
_struct_conf.end_label_seq_id 
_struct_conf.pdbx_end_PDB_ins_code 
_struct_conf.beg_auth_comp_id 
_struct_conf.beg_auth_asym_id 
_struct_conf.beg_auth_seq_id 
_struct_conf.end_auth_comp_id 
_struct_conf.end_auth_asym_id 
_struct_conf.end_auth_seq_id 
_struct_conf.pdbx_PDB_helix_class 
_struct_conf.details 
_struct_conf.pdbx_PDB_helix_length 
HELX_P HELX_P1 1 ARG A 15 ? LEU A 32 ? ARG A 14 LEU A 31 1 ? 18 
HELX_P HELX_P2 2 ASP A 34 ? ALA A 36 ? ASP A 33 ALA A 35 5 ? 3  
HELX_P HELX_P3 3 ALA A 37 ? LEU A 41 ? ALA A 36 LEU A 40 1 ? 5  
HELX_P HELX_P4 4 GLY A 62 ? GLN A 76 ? GLY A 61 GLN A 75 1 ? 15 
# 
_struct_conf_type.id          HELX_P 
_struct_conf_type.criteria    ? 
_struct_conf_type.reference   ? 
# 
loop_
_struct_conn.id 
_struct_conn.conn_type_id 
_struct_conn.pdbx_leaving_atom_flag 
_struct_conn.pdbx_PDB_id 
_struct_conn.ptnr1_label_asym_id 
_struct_conn.ptnr1_label_comp_id 
_struct_conn.ptnr1_label_seq_id 
_struct_conn.ptnr1_label_atom_id 
_struct_conn.pdbx_ptnr1_label_alt_id 
_struct_conn.pdbx_ptnr1_PDB_ins_code 
_struct_conn.pdbx_ptnr1_standard_comp_id 
_struct_conn.ptnr1_symmetry 
_struct_conn.ptnr2_label_asym_id 
_struct_conn.ptnr2_label_comp_id 
_struct_conn.ptnr2_label_seq_id 
_struct_conn.ptnr2_label_atom_id 
_struct_conn.pdbx_ptnr2_label_alt_id 
_struct_conn.pdbx_ptnr2_PDB_ins_code 
_struct_conn.ptnr1_auth_asym_id 
_struct_conn.ptnr1_auth_comp_id 
_struct_conn.ptnr1_auth_seq_id 
_struct_conn.ptnr2_auth_asym_id 
_struct_conn.ptnr2_auth_comp_id 
_struct_conn.ptnr2_auth_seq_id 
_struct_conn.ptnr2_symmetry 
_struct_conn.pdbx_ptnr3_label_atom_id 
_struct_conn.pdbx_ptnr3_label_seq_id 
_struct_conn.pdbx_ptnr3_label_comp_id 
_struct_conn.pdbx_ptnr3_label_asym_id 
_struct_conn.pdbx_ptnr3_label_alt_id 
_struct_conn.pdbx_ptnr3_PDB_ins_code 
_struct_conn.details 
_struct_conn.pdbx_dist_value 
_struct_conn.pdbx_value_order 
_struct_conn.pdbx_role 
covale1  covale both ? A ILE 22  C ? ? ? 1_555 A MSE 23  N ? ? A ILE 21  A MSE 22  1_555 ? ? ? ? ? ? ? 1.335 ? ? 
covale2  covale both ? A MSE 23  C ? ? ? 1_555 A ARG 24  N A ? A MSE 22  A ARG 23  1_555 ? ? ? ? ? ? ? 1.333 ? ? 
covale3  covale both ? A MSE 23  C ? ? ? 1_555 A ARG 24  N B ? A MSE 22  A ARG 23  1_555 ? ? ? ? ? ? ? 1.329 ? ? 
covale4  covale both ? A TRP 100 C ? ? ? 1_555 A MSE 101 N ? ? A TRP 99  A MSE 100 1_555 ? ? ? ? ? ? ? 1.330 ? ? 
covale5  covale both ? A MSE 101 C ? ? ? 1_555 A ALA 102 N ? ? A MSE 100 A ALA 101 1_555 ? ? ? ? ? ? ? 1.329 ? ? 
covale6  covale both ? A LEU 112 C A ? ? 1_555 A MSE 113 N ? ? A LEU 111 A MSE 112 1_555 ? ? ? ? ? ? ? 1.315 ? ? 
covale7  covale both ? A LEU 112 C B ? ? 1_555 A MSE 113 N ? ? A LEU 111 A MSE 112 1_555 ? ? ? ? ? ? ? 1.344 ? ? 
covale8  covale both ? A MSE 113 C ? ? ? 1_555 A ARG 114 N ? ? A MSE 112 A ARG 113 1_555 ? ? ? ? ? ? ? 1.337 ? ? 
covale9  covale both ? A ALA 123 C ? ? ? 1_555 A MSE 124 N A ? A ALA 122 A MSE 123 1_555 ? ? ? ? ? ? ? 1.333 ? ? 
covale10 covale both ? A ALA 123 C ? ? ? 1_555 A MSE 124 N B ? A ALA 122 A MSE 123 1_555 ? ? ? ? ? ? ? 1.334 ? ? 
covale11 covale both ? A MSE 124 C A ? ? 1_555 A GLY 125 N ? ? A MSE 123 A GLY 124 1_555 ? ? ? ? ? ? ? 1.322 ? ? 
covale12 covale both ? A MSE 124 C B ? ? 1_555 A GLY 125 N ? ? A MSE 123 A GLY 124 1_555 ? ? ? ? ? ? ? 1.323 ? ? 
# 
_struct_conn_type.id          covale 
_struct_conn_type.criteria    ? 
_struct_conn_type.reference   ? 
# 
loop_
_pdbx_modification_feature.ordinal 
_pdbx_modification_feature.label_comp_id 
_pdbx_modification_feature.label_asym_id 
_pdbx_modification_feature.label_seq_id 
_pdbx_modification_feature.label_alt_id 
_pdbx_modification_feature.modified_residue_label_comp_id 
_pdbx_modification_feature.modified_residue_label_asym_id 
_pdbx_modification_feature.modified_residue_label_seq_id 
_pdbx_modification_feature.modified_residue_label_alt_id 
_pdbx_modification_feature.auth_comp_id 
_pdbx_modification_feature.auth_asym_id 
_pdbx_modification_feature.auth_seq_id 
_pdbx_modification_feature.PDB_ins_code 
_pdbx_modification_feature.symmetry 
_pdbx_modification_feature.modified_residue_auth_comp_id 
_pdbx_modification_feature.modified_residue_auth_asym_id 
_pdbx_modification_feature.modified_residue_auth_seq_id 
_pdbx_modification_feature.modified_residue_PDB_ins_code 
_pdbx_modification_feature.modified_residue_symmetry 
_pdbx_modification_feature.comp_id_linking_atom 
_pdbx_modification_feature.modified_residue_id_linking_atom 
_pdbx_modification_feature.modified_residue_id 
_pdbx_modification_feature.ref_pcm_id 
_pdbx_modification_feature.ref_comp_id 
_pdbx_modification_feature.type 
_pdbx_modification_feature.category 
1 MSE A 23  ? . . . . MSE A 22  ? 1_555 . . . . . . . MET 1 MSE Selenomethionine 'Named protein modification' 
2 MSE A 101 ? . . . . MSE A 100 ? 1_555 . . . . . . . MET 1 MSE Selenomethionine 'Named protein modification' 
3 MSE A 113 ? . . . . MSE A 112 ? 1_555 . . . . . . . MET 1 MSE Selenomethionine 'Named protein modification' 
4 MSE A 124 A . . . . MSE A 123 ? 1_555 . . . . . . . MET 1 MSE Selenomethionine 'Named protein modification' 
5 MSE A 124 B . . . . MSE A 123 ? 1_555 . . . . . . . MET 1 MSE Selenomethionine 'Named protein modification' 
# 
loop_
_struct_mon_prot_cis.pdbx_id 
_struct_mon_prot_cis.label_comp_id 
_struct_mon_prot_cis.label_seq_id 
_struct_mon_prot_cis.label_asym_id 
_struct_mon_prot_cis.label_alt_id 
_struct_mon_prot_cis.pdbx_PDB_ins_code 
_struct_mon_prot_cis.auth_comp_id 
_struct_mon_prot_cis.auth_seq_id 
_struct_mon_prot_cis.auth_asym_id 
_struct_mon_prot_cis.pdbx_label_comp_id_2 
_struct_mon_prot_cis.pdbx_label_seq_id_2 
_struct_mon_prot_cis.pdbx_label_asym_id_2 
_struct_mon_prot_cis.pdbx_PDB_ins_code_2 
_struct_mon_prot_cis.pdbx_auth_comp_id_2 
_struct_mon_prot_cis.pdbx_auth_seq_id_2 
_struct_mon_prot_cis.pdbx_auth_asym_id_2 
_struct_mon_prot_cis.pdbx_PDB_model_num 
_struct_mon_prot_cis.pdbx_omega_angle 
1 VAL 52 A . ? VAL 51 A PRO 53 A ? PRO 52 A 1 -5.35 
2 ALA 54 A . ? ALA 53 A PRO 55 A ? PRO 54 A 1 3.20  
# 
_struct_sheet.id               A 
_struct_sheet.type             ? 
_struct_sheet.number_strands   7 
_struct_sheet.details          ? 
# 
loop_
_struct_sheet_order.sheet_id 
_struct_sheet_order.range_id_1 
_struct_sheet_order.range_id_2 
_struct_sheet_order.offset 
_struct_sheet_order.sense 
A 1 2 ? parallel      
A 2 3 ? anti-parallel 
A 3 4 ? anti-parallel 
A 4 5 ? anti-parallel 
A 5 6 ? parallel      
A 6 7 ? anti-parallel 
# 
loop_
_struct_sheet_range.sheet_id 
_struct_sheet_range.id 
_struct_sheet_range.beg_label_comp_id 
_struct_sheet_range.beg_label_asym_id 
_struct_sheet_range.beg_label_seq_id 
_struct_sheet_range.pdbx_beg_PDB_ins_code 
_struct_sheet_range.end_label_comp_id 
_struct_sheet_range.end_label_asym_id 
_struct_sheet_range.end_label_seq_id 
_struct_sheet_range.pdbx_end_PDB_ins_code 
_struct_sheet_range.beg_auth_comp_id 
_struct_sheet_range.beg_auth_asym_id 
_struct_sheet_range.beg_auth_seq_id 
_struct_sheet_range.end_auth_comp_id 
_struct_sheet_range.end_auth_asym_id 
_struct_sheet_range.end_auth_seq_id 
A 1 THR A 9   ? HIS A 11  ? THR A 8   HIS A 10  
A 2 ARG A 80  ? ALA A 89  ? ARG A 79  ALA A 88  
A 3 ARG A 92  ? TRP A 100 ? ARG A 91  TRP A 99  
A 4 SER A 106 ? GLN A 116 ? SER A 105 GLN A 115 
A 5 ARG A 119 ? VAL A 127 ? ARG A 118 VAL A 126 
A 6 ILE A 42  ? GLU A 49  ? ILE A 41  GLU A 48  
A 7 ARG A 59  ? ALA A 61  ? ARG A 58  ALA A 60  
# 
loop_
_pdbx_struct_sheet_hbond.sheet_id 
_pdbx_struct_sheet_hbond.range_id_1 
_pdbx_struct_sheet_hbond.range_id_2 
_pdbx_struct_sheet_hbond.range_1_label_atom_id 
_pdbx_struct_sheet_hbond.range_1_label_comp_id 
_pdbx_struct_sheet_hbond.range_1_label_asym_id 
_pdbx_struct_sheet_hbond.range_1_label_seq_id 
_pdbx_struct_sheet_hbond.range_1_PDB_ins_code 
_pdbx_struct_sheet_hbond.range_1_auth_atom_id 
_pdbx_struct_sheet_hbond.range_1_auth_comp_id 
_pdbx_struct_sheet_hbond.range_1_auth_asym_id 
_pdbx_struct_sheet_hbond.range_1_auth_seq_id 
_pdbx_struct_sheet_hbond.range_2_label_atom_id 
_pdbx_struct_sheet_hbond.range_2_label_comp_id 
_pdbx_struct_sheet_hbond.range_2_label_asym_id 
_pdbx_struct_sheet_hbond.range_2_label_seq_id 
_pdbx_struct_sheet_hbond.range_2_PDB_ins_code 
_pdbx_struct_sheet_hbond.range_2_auth_atom_id 
_pdbx_struct_sheet_hbond.range_2_auth_comp_id 
_pdbx_struct_sheet_hbond.range_2_auth_asym_id 
_pdbx_struct_sheet_hbond.range_2_auth_seq_id 
A 1 2 N THR A 9   ? N THR A 8   O THR A 86  ? O THR A 85  
A 2 3 N GLU A 85  ? N GLU A 84  O ARG A 96  ? O ARG A 95  
A 3 4 N ALA A 93  ? N ALA A 92  O MSE A 113 ? O MSE A 112 
A 4 5 N GLN A 116 ? N GLN A 115 O ARG A 119 ? O ARG A 118 
A 5 6 O GLY A 125 ? O GLY A 124 N GLU A 49  ? N GLU A 48  
A 6 7 N ILE A 48  ? N ILE A 47  O HIS A 60  ? O HIS A 59  
# 
loop_
_struct_site.id 
_struct_site.pdbx_evidence_code 
_struct_site.pdbx_auth_asym_id 
_struct_site.pdbx_auth_comp_id 
_struct_site.pdbx_auth_seq_id 
_struct_site.pdbx_auth_ins_code 
_struct_site.pdbx_num_residues 
_struct_site.details 
AC1 Software A UNL 129 ? 5 'BINDING SITE FOR RESIDUE UNL A 129' 
AC2 Software A CL  130 ? 4 'BINDING SITE FOR RESIDUE CL A 130'  
AC3 Software A EDO 131 ? 7 'BINDING SITE FOR RESIDUE EDO A 131' 
# 
loop_
_struct_site_gen.id 
_struct_site_gen.site_id 
_struct_site_gen.pdbx_num_res 
_struct_site_gen.label_comp_id 
_struct_site_gen.label_asym_id 
_struct_site_gen.label_seq_id 
_struct_site_gen.pdbx_auth_ins_code 
_struct_site_gen.auth_comp_id 
_struct_site_gen.auth_asym_id 
_struct_site_gen.auth_seq_id 
_struct_site_gen.label_atom_id 
_struct_site_gen.label_alt_id 
_struct_site_gen.symmetry 
_struct_site_gen.details 
1  AC1 5 ASN A 27  ? ASN A 26  . ? 1_555 ? 
2  AC1 5 ASN A 50  ? ASN A 49  . ? 1_555 ? 
3  AC1 5 TRP A 70  ? TRP A 69  . ? 1_555 ? 
4  AC1 5 ASN A 111 ? ASN A 110 . ? 1_555 ? 
5  AC1 5 HOH E .   ? HOH A 173 . ? 1_555 ? 
6  AC2 4 GLU A 84  ? GLU A 83  . ? 1_555 ? 
7  AC2 4 ARG A 98  ? ARG A 97  . ? 1_555 ? 
8  AC2 4 HOH E .   ? HOH A 179 . ? 1_555 ? 
9  AC2 4 HOH E .   ? HOH A 201 . ? 1_555 ? 
10 AC3 7 PRO A 39  ? PRO A 38  . ? 1_555 ? 
11 AC3 7 GLU A 40  ? GLU A 39  . ? 1_555 ? 
12 AC3 7 ILE A 42  ? ILE A 41  . ? 1_555 ? 
13 AC3 7 ARG A 63  ? ARG A 62  . ? 1_555 ? 
14 AC3 7 ARG A 119 ? ARG A 118 . ? 1_555 ? 
15 AC3 7 HOH E .   ? HOH A 162 . ? 1_555 ? 
16 AC3 7 HOH E .   ? HOH A 194 . ? 1_555 ? 
# 
_pdbx_entry_details.entry_id                   3FH1 
_pdbx_entry_details.compound_details           ? 
_pdbx_entry_details.source_details             ? 
_pdbx_entry_details.nonpolymer_details         ? 
_pdbx_entry_details.sequence_details           
;THE CONSTRUCT WAS EXPRESSED WITH A PURIFICATION TAG MGSDKIHHHHHHENLYFQG. THE TAG WAS REMOVED WITH TEV PROTEASE LEAVING ONLY A GLYCINE (0) FOLLOWED BY THE TARGET SEQUENCE.
;
_pdbx_entry_details.has_ligand_of_interest     ? 
_pdbx_entry_details.has_protein_modification   Y 
# 
_pdbx_validate_rmsd_angle.id                         1 
_pdbx_validate_rmsd_angle.PDB_model_num              1 
_pdbx_validate_rmsd_angle.auth_atom_id_1             NE 
_pdbx_validate_rmsd_angle.auth_asym_id_1             A 
_pdbx_validate_rmsd_angle.auth_comp_id_1             ARG 
_pdbx_validate_rmsd_angle.auth_seq_id_1              62 
_pdbx_validate_rmsd_angle.PDB_ins_code_1             ? 
_pdbx_validate_rmsd_angle.label_alt_id_1             ? 
_pdbx_validate_rmsd_angle.auth_atom_id_2             CZ 
_pdbx_validate_rmsd_angle.auth_asym_id_2             A 
_pdbx_validate_rmsd_angle.auth_comp_id_2             ARG 
_pdbx_validate_rmsd_angle.auth_seq_id_2              62 
_pdbx_validate_rmsd_angle.PDB_ins_code_2             ? 
_pdbx_validate_rmsd_angle.label_alt_id_2             ? 
_pdbx_validate_rmsd_angle.auth_atom_id_3             NH1 
_pdbx_validate_rmsd_angle.auth_asym_id_3             A 
_pdbx_validate_rmsd_angle.auth_comp_id_3             ARG 
_pdbx_validate_rmsd_angle.auth_seq_id_3              62 
_pdbx_validate_rmsd_angle.PDB_ins_code_3             ? 
_pdbx_validate_rmsd_angle.label_alt_id_3             ? 
_pdbx_validate_rmsd_angle.angle_value                124.04 
_pdbx_validate_rmsd_angle.angle_target_value         120.30 
_pdbx_validate_rmsd_angle.angle_deviation            3.74 
_pdbx_validate_rmsd_angle.angle_standard_deviation   0.50 
_pdbx_validate_rmsd_angle.linker_flag                N 
# 
_pdbx_validate_torsion.id              1 
_pdbx_validate_torsion.PDB_model_num   1 
_pdbx_validate_torsion.auth_comp_id    ALA 
_pdbx_validate_torsion.auth_asym_id    A 
_pdbx_validate_torsion.auth_seq_id     57 
_pdbx_validate_torsion.PDB_ins_code    ? 
_pdbx_validate_torsion.label_alt_id    A 
_pdbx_validate_torsion.phi             -59.54 
_pdbx_validate_torsion.psi             170.05 
# 
_pdbx_SG_project.project_name          'PSI, Protein Structure Initiative' 
_pdbx_SG_project.full_name_of_center   'Joint Center for Structural Genomics' 
_pdbx_SG_project.id                    1 
_pdbx_SG_project.initial_of_center     JCSG 
# 
loop_
_pdbx_struct_mod_residue.id 
_pdbx_struct_mod_residue.label_asym_id 
_pdbx_struct_mod_residue.label_comp_id 
_pdbx_struct_mod_residue.label_seq_id 
_pdbx_struct_mod_residue.auth_asym_id 
_pdbx_struct_mod_residue.auth_comp_id 
_pdbx_struct_mod_residue.auth_seq_id 
_pdbx_struct_mod_residue.PDB_ins_code 
_pdbx_struct_mod_residue.parent_comp_id 
_pdbx_struct_mod_residue.details 
1 A MSE 23  A MSE 22  ? MET SELENOMETHIONINE 
2 A MSE 101 A MSE 100 ? MET SELENOMETHIONINE 
3 A MSE 113 A MSE 112 ? MET SELENOMETHIONINE 
4 A MSE 124 A MSE 123 ? MET SELENOMETHIONINE 
# 
_pdbx_refine_tls.pdbx_refine_id   'X-RAY DIFFRACTION' 
_pdbx_refine_tls.id               1 
_pdbx_refine_tls.details          ? 
_pdbx_refine_tls.method           refined 
_pdbx_refine_tls.origin_x         -0.1164 
_pdbx_refine_tls.origin_y         -0.4823 
_pdbx_refine_tls.origin_z         0.3138 
_pdbx_refine_tls.T[1][1]          -0.0494 
_pdbx_refine_tls.T[2][2]          -0.0194 
_pdbx_refine_tls.T[3][3]          -0.0199 
_pdbx_refine_tls.T[1][2]          0.0149 
_pdbx_refine_tls.T[1][3]          0.0097 
_pdbx_refine_tls.T[2][3]          0.0147 
_pdbx_refine_tls.L[1][1]          0.4798 
_pdbx_refine_tls.L[2][2]          1.8595 
_pdbx_refine_tls.L[3][3]          0.9885 
_pdbx_refine_tls.L[1][2]          -0.2118 
_pdbx_refine_tls.L[1][3]          -0.2096 
_pdbx_refine_tls.L[2][3]          0.4424 
_pdbx_refine_tls.S[1][1]          0.0279 
_pdbx_refine_tls.S[2][2]          0.0222 
_pdbx_refine_tls.S[3][3]          -0.0501 
_pdbx_refine_tls.S[1][2]          0.0350 
_pdbx_refine_tls.S[1][3]          0.0640 
_pdbx_refine_tls.S[2][3]          0.1536 
_pdbx_refine_tls.S[2][1]          0.0072 
_pdbx_refine_tls.S[3][1]          -0.0829 
_pdbx_refine_tls.S[3][2]          -0.1177 
# 
_pdbx_refine_tls_group.pdbx_refine_id      'X-RAY DIFFRACTION' 
_pdbx_refine_tls_group.beg_auth_seq_id     7 
_pdbx_refine_tls_group.selection_details   ? 
_pdbx_refine_tls_group.id                  1 
_pdbx_refine_tls_group.refine_tls_id       1 
_pdbx_refine_tls_group.beg_auth_asym_id    A 
_pdbx_refine_tls_group.end_auth_asym_id    A 
_pdbx_refine_tls_group.end_auth_seq_id     128 
_pdbx_refine_tls_group.beg_label_asym_id   . 
_pdbx_refine_tls_group.beg_label_seq_id    . 
_pdbx_refine_tls_group.end_label_asym_id   . 
_pdbx_refine_tls_group.end_label_seq_id    . 
_pdbx_refine_tls_group.selection           ? 
# 
_phasing.method   MAD 
# 
loop_
_pdbx_unobs_or_zero_occ_residues.id 
_pdbx_unobs_or_zero_occ_residues.PDB_model_num 
_pdbx_unobs_or_zero_occ_residues.polymer_flag 
_pdbx_unobs_or_zero_occ_residues.occupancy_flag 
_pdbx_unobs_or_zero_occ_residues.auth_asym_id 
_pdbx_unobs_or_zero_occ_residues.auth_comp_id 
_pdbx_unobs_or_zero_occ_residues.auth_seq_id 
_pdbx_unobs_or_zero_occ_residues.PDB_ins_code 
_pdbx_unobs_or_zero_occ_residues.label_asym_id 
_pdbx_unobs_or_zero_occ_residues.label_comp_id 
_pdbx_unobs_or_zero_occ_residues.label_seq_id 
1 1 Y 1 A GLY 0 ? A GLY 1 
2 1 Y 1 A MSE 1 ? A MSE 2 
3 1 Y 1 A LYS 2 ? A LYS 3 
4 1 Y 1 A GLN 3 ? A GLN 4 
5 1 Y 1 A ASP 4 ? A ASP 5 
6 1 Y 1 A SER 5 ? A SER 6 
7 1 Y 1 A ILE 6 ? A ILE 7 
# 
loop_
_chem_comp_atom.comp_id 
_chem_comp_atom.atom_id 
_chem_comp_atom.type_symbol 
_chem_comp_atom.pdbx_aromatic_flag 
_chem_comp_atom.pdbx_stereo_config 
_chem_comp_atom.pdbx_ordinal 
ALA N    N  N N 1   
ALA CA   C  N S 2   
ALA C    C  N N 3   
ALA O    O  N N 4   
ALA CB   C  N N 5   
ALA OXT  O  N N 6   
ALA H    H  N N 7   
ALA H2   H  N N 8   
ALA HA   H  N N 9   
ALA HB1  H  N N 10  
ALA HB2  H  N N 11  
ALA HB3  H  N N 12  
ALA HXT  H  N N 13  
ARG N    N  N N 14  
ARG CA   C  N S 15  
ARG C    C  N N 16  
ARG O    O  N N 17  
ARG CB   C  N N 18  
ARG CG   C  N N 19  
ARG CD   C  N N 20  
ARG NE   N  N N 21  
ARG CZ   C  N N 22  
ARG NH1  N  N N 23  
ARG NH2  N  N N 24  
ARG OXT  O  N N 25  
ARG H    H  N N 26  
ARG H2   H  N N 27  
ARG HA   H  N N 28  
ARG HB2  H  N N 29  
ARG HB3  H  N N 30  
ARG HG2  H  N N 31  
ARG HG3  H  N N 32  
ARG HD2  H  N N 33  
ARG HD3  H  N N 34  
ARG HE   H  N N 35  
ARG HH11 H  N N 36  
ARG HH12 H  N N 37  
ARG HH21 H  N N 38  
ARG HH22 H  N N 39  
ARG HXT  H  N N 40  
ASN N    N  N N 41  
ASN CA   C  N S 42  
ASN C    C  N N 43  
ASN O    O  N N 44  
ASN CB   C  N N 45  
ASN CG   C  N N 46  
ASN OD1  O  N N 47  
ASN ND2  N  N N 48  
ASN OXT  O  N N 49  
ASN H    H  N N 50  
ASN H2   H  N N 51  
ASN HA   H  N N 52  
ASN HB2  H  N N 53  
ASN HB3  H  N N 54  
ASN HD21 H  N N 55  
ASN HD22 H  N N 56  
ASN HXT  H  N N 57  
ASP N    N  N N 58  
ASP CA   C  N S 59  
ASP C    C  N N 60  
ASP O    O  N N 61  
ASP CB   C  N N 62  
ASP CG   C  N N 63  
ASP OD1  O  N N 64  
ASP OD2  O  N N 65  
ASP OXT  O  N N 66  
ASP H    H  N N 67  
ASP H2   H  N N 68  
ASP HA   H  N N 69  
ASP HB2  H  N N 70  
ASP HB3  H  N N 71  
ASP HD2  H  N N 72  
ASP HXT  H  N N 73  
CL  CL   CL N N 74  
CYS N    N  N N 75  
CYS CA   C  N R 76  
CYS C    C  N N 77  
CYS O    O  N N 78  
CYS CB   C  N N 79  
CYS SG   S  N N 80  
CYS OXT  O  N N 81  
CYS H    H  N N 82  
CYS H2   H  N N 83  
CYS HA   H  N N 84  
CYS HB2  H  N N 85  
CYS HB3  H  N N 86  
CYS HG   H  N N 87  
CYS HXT  H  N N 88  
EDO C1   C  N N 89  
EDO O1   O  N N 90  
EDO C2   C  N N 91  
EDO O2   O  N N 92  
EDO H11  H  N N 93  
EDO H12  H  N N 94  
EDO HO1  H  N N 95  
EDO H21  H  N N 96  
EDO H22  H  N N 97  
EDO HO2  H  N N 98  
GLN N    N  N N 99  
GLN CA   C  N S 100 
GLN C    C  N N 101 
GLN O    O  N N 102 
GLN CB   C  N N 103 
GLN CG   C  N N 104 
GLN CD   C  N N 105 
GLN OE1  O  N N 106 
GLN NE2  N  N N 107 
GLN OXT  O  N N 108 
GLN H    H  N N 109 
GLN H2   H  N N 110 
GLN HA   H  N N 111 
GLN HB2  H  N N 112 
GLN HB3  H  N N 113 
GLN HG2  H  N N 114 
GLN HG3  H  N N 115 
GLN HE21 H  N N 116 
GLN HE22 H  N N 117 
GLN HXT  H  N N 118 
GLU N    N  N N 119 
GLU CA   C  N S 120 
GLU C    C  N N 121 
GLU O    O  N N 122 
GLU CB   C  N N 123 
GLU CG   C  N N 124 
GLU CD   C  N N 125 
GLU OE1  O  N N 126 
GLU OE2  O  N N 127 
GLU OXT  O  N N 128 
GLU H    H  N N 129 
GLU H2   H  N N 130 
GLU HA   H  N N 131 
GLU HB2  H  N N 132 
GLU HB3  H  N N 133 
GLU HG2  H  N N 134 
GLU HG3  H  N N 135 
GLU HE2  H  N N 136 
GLU HXT  H  N N 137 
GLY N    N  N N 138 
GLY CA   C  N N 139 
GLY C    C  N N 140 
GLY O    O  N N 141 
GLY OXT  O  N N 142 
GLY H    H  N N 143 
GLY H2   H  N N 144 
GLY HA2  H  N N 145 
GLY HA3  H  N N 146 
GLY HXT  H  N N 147 
HIS N    N  N N 148 
HIS CA   C  N S 149 
HIS C    C  N N 150 
HIS O    O  N N 151 
HIS CB   C  N N 152 
HIS CG   C  Y N 153 
HIS ND1  N  Y N 154 
HIS CD2  C  Y N 155 
HIS CE1  C  Y N 156 
HIS NE2  N  Y N 157 
HIS OXT  O  N N 158 
HIS H    H  N N 159 
HIS H2   H  N N 160 
HIS HA   H  N N 161 
HIS HB2  H  N N 162 
HIS HB3  H  N N 163 
HIS HD1  H  N N 164 
HIS HD2  H  N N 165 
HIS HE1  H  N N 166 
HIS HE2  H  N N 167 
HIS HXT  H  N N 168 
HOH O    O  N N 169 
HOH H1   H  N N 170 
HOH H2   H  N N 171 
ILE N    N  N N 172 
ILE CA   C  N S 173 
ILE C    C  N N 174 
ILE O    O  N N 175 
ILE CB   C  N S 176 
ILE CG1  C  N N 177 
ILE CG2  C  N N 178 
ILE CD1  C  N N 179 
ILE OXT  O  N N 180 
ILE H    H  N N 181 
ILE H2   H  N N 182 
ILE HA   H  N N 183 
ILE HB   H  N N 184 
ILE HG12 H  N N 185 
ILE HG13 H  N N 186 
ILE HG21 H  N N 187 
ILE HG22 H  N N 188 
ILE HG23 H  N N 189 
ILE HD11 H  N N 190 
ILE HD12 H  N N 191 
ILE HD13 H  N N 192 
ILE HXT  H  N N 193 
LEU N    N  N N 194 
LEU CA   C  N S 195 
LEU C    C  N N 196 
LEU O    O  N N 197 
LEU CB   C  N N 198 
LEU CG   C  N N 199 
LEU CD1  C  N N 200 
LEU CD2  C  N N 201 
LEU OXT  O  N N 202 
LEU H    H  N N 203 
LEU H2   H  N N 204 
LEU HA   H  N N 205 
LEU HB2  H  N N 206 
LEU HB3  H  N N 207 
LEU HG   H  N N 208 
LEU HD11 H  N N 209 
LEU HD12 H  N N 210 
LEU HD13 H  N N 211 
LEU HD21 H  N N 212 
LEU HD22 H  N N 213 
LEU HD23 H  N N 214 
LEU HXT  H  N N 215 
LYS N    N  N N 216 
LYS CA   C  N S 217 
LYS C    C  N N 218 
LYS O    O  N N 219 
LYS CB   C  N N 220 
LYS CG   C  N N 221 
LYS CD   C  N N 222 
LYS CE   C  N N 223 
LYS NZ   N  N N 224 
LYS OXT  O  N N 225 
LYS H    H  N N 226 
LYS H2   H  N N 227 
LYS HA   H  N N 228 
LYS HB2  H  N N 229 
LYS HB3  H  N N 230 
LYS HG2  H  N N 231 
LYS HG3  H  N N 232 
LYS HD2  H  N N 233 
LYS HD3  H  N N 234 
LYS HE2  H  N N 235 
LYS HE3  H  N N 236 
LYS HZ1  H  N N 237 
LYS HZ2  H  N N 238 
LYS HZ3  H  N N 239 
LYS HXT  H  N N 240 
MSE N    N  N N 241 
MSE CA   C  N S 242 
MSE C    C  N N 243 
MSE O    O  N N 244 
MSE OXT  O  N N 245 
MSE CB   C  N N 246 
MSE CG   C  N N 247 
MSE SE   SE N N 248 
MSE CE   C  N N 249 
MSE H    H  N N 250 
MSE H2   H  N N 251 
MSE HA   H  N N 252 
MSE HXT  H  N N 253 
MSE HB2  H  N N 254 
MSE HB3  H  N N 255 
MSE HG2  H  N N 256 
MSE HG3  H  N N 257 
MSE HE1  H  N N 258 
MSE HE2  H  N N 259 
MSE HE3  H  N N 260 
PHE N    N  N N 261 
PHE CA   C  N S 262 
PHE C    C  N N 263 
PHE O    O  N N 264 
PHE CB   C  N N 265 
PHE CG   C  Y N 266 
PHE CD1  C  Y N 267 
PHE CD2  C  Y N 268 
PHE CE1  C  Y N 269 
PHE CE2  C  Y N 270 
PHE CZ   C  Y N 271 
PHE OXT  O  N N 272 
PHE H    H  N N 273 
PHE H2   H  N N 274 
PHE HA   H  N N 275 
PHE HB2  H  N N 276 
PHE HB3  H  N N 277 
PHE HD1  H  N N 278 
PHE HD2  H  N N 279 
PHE HE1  H  N N 280 
PHE HE2  H  N N 281 
PHE HZ   H  N N 282 
PHE HXT  H  N N 283 
PRO N    N  N N 284 
PRO CA   C  N S 285 
PRO C    C  N N 286 
PRO O    O  N N 287 
PRO CB   C  N N 288 
PRO CG   C  N N 289 
PRO CD   C  N N 290 
PRO OXT  O  N N 291 
PRO H    H  N N 292 
PRO HA   H  N N 293 
PRO HB2  H  N N 294 
PRO HB3  H  N N 295 
PRO HG2  H  N N 296 
PRO HG3  H  N N 297 
PRO HD2  H  N N 298 
PRO HD3  H  N N 299 
PRO HXT  H  N N 300 
SER N    N  N N 301 
SER CA   C  N S 302 
SER C    C  N N 303 
SER O    O  N N 304 
SER CB   C  N N 305 
SER OG   O  N N 306 
SER OXT  O  N N 307 
SER H    H  N N 308 
SER H2   H  N N 309 
SER HA   H  N N 310 
SER HB2  H  N N 311 
SER HB3  H  N N 312 
SER HG   H  N N 313 
SER HXT  H  N N 314 
THR N    N  N N 315 
THR CA   C  N S 316 
THR C    C  N N 317 
THR O    O  N N 318 
THR CB   C  N R 319 
THR OG1  O  N N 320 
THR CG2  C  N N 321 
THR OXT  O  N N 322 
THR H    H  N N 323 
THR H2   H  N N 324 
THR HA   H  N N 325 
THR HB   H  N N 326 
THR HG1  H  N N 327 
THR HG21 H  N N 328 
THR HG22 H  N N 329 
THR HG23 H  N N 330 
THR HXT  H  N N 331 
TRP N    N  N N 332 
TRP CA   C  N S 333 
TRP C    C  N N 334 
TRP O    O  N N 335 
TRP CB   C  N N 336 
TRP CG   C  Y N 337 
TRP CD1  C  Y N 338 
TRP CD2  C  Y N 339 
TRP NE1  N  Y N 340 
TRP CE2  C  Y N 341 
TRP CE3  C  Y N 342 
TRP CZ2  C  Y N 343 
TRP CZ3  C  Y N 344 
TRP CH2  C  Y N 345 
TRP OXT  O  N N 346 
TRP H    H  N N 347 
TRP H2   H  N N 348 
TRP HA   H  N N 349 
TRP HB2  H  N N 350 
TRP HB3  H  N N 351 
TRP HD1  H  N N 352 
TRP HE1  H  N N 353 
TRP HE3  H  N N 354 
TRP HZ2  H  N N 355 
TRP HZ3  H  N N 356 
TRP HH2  H  N N 357 
TRP HXT  H  N N 358 
TYR N    N  N N 359 
TYR CA   C  N S 360 
TYR C    C  N N 361 
TYR O    O  N N 362 
TYR CB   C  N N 363 
TYR CG   C  Y N 364 
TYR CD1  C  Y N 365 
TYR CD2  C  Y N 366 
TYR CE1  C  Y N 367 
TYR CE2  C  Y N 368 
TYR CZ   C  Y N 369 
TYR OH   O  N N 370 
TYR OXT  O  N N 371 
TYR H    H  N N 372 
TYR H2   H  N N 373 
TYR HA   H  N N 374 
TYR HB2  H  N N 375 
TYR HB3  H  N N 376 
TYR HD1  H  N N 377 
TYR HD2  H  N N 378 
TYR HE1  H  N N 379 
TYR HE2  H  N N 380 
TYR HH   H  N N 381 
TYR HXT  H  N N 382 
VAL N    N  N N 383 
VAL CA   C  N S 384 
VAL C    C  N N 385 
VAL O    O  N N 386 
VAL CB   C  N N 387 
VAL CG1  C  N N 388 
VAL CG2  C  N N 389 
VAL OXT  O  N N 390 
VAL H    H  N N 391 
VAL H2   H  N N 392 
VAL HA   H  N N 393 
VAL HB   H  N N 394 
VAL HG11 H  N N 395 
VAL HG12 H  N N 396 
VAL HG13 H  N N 397 
VAL HG21 H  N N 398 
VAL HG22 H  N N 399 
VAL HG23 H  N N 400 
VAL HXT  H  N N 401 
# 
loop_
_chem_comp_bond.comp_id 
_chem_comp_bond.atom_id_1 
_chem_comp_bond.atom_id_2 
_chem_comp_bond.value_order 
_chem_comp_bond.pdbx_aromatic_flag 
_chem_comp_bond.pdbx_stereo_config 
_chem_comp_bond.pdbx_ordinal 
ALA N   CA   sing N N 1   
ALA N   H    sing N N 2   
ALA N   H2   sing N N 3   
ALA CA  C    sing N N 4   
ALA CA  CB   sing N N 5   
ALA CA  HA   sing N N 6   
ALA C   O    doub N N 7   
ALA C   OXT  sing N N 8   
ALA CB  HB1  sing N N 9   
ALA CB  HB2  sing N N 10  
ALA CB  HB3  sing N N 11  
ALA OXT HXT  sing N N 12  
ARG N   CA   sing N N 13  
ARG N   H    sing N N 14  
ARG N   H2   sing N N 15  
ARG CA  C    sing N N 16  
ARG CA  CB   sing N N 17  
ARG CA  HA   sing N N 18  
ARG C   O    doub N N 19  
ARG C   OXT  sing N N 20  
ARG CB  CG   sing N N 21  
ARG CB  HB2  sing N N 22  
ARG CB  HB3  sing N N 23  
ARG CG  CD   sing N N 24  
ARG CG  HG2  sing N N 25  
ARG CG  HG3  sing N N 26  
ARG CD  NE   sing N N 27  
ARG CD  HD2  sing N N 28  
ARG CD  HD3  sing N N 29  
ARG NE  CZ   sing N N 30  
ARG NE  HE   sing N N 31  
ARG CZ  NH1  sing N N 32  
ARG CZ  NH2  doub N N 33  
ARG NH1 HH11 sing N N 34  
ARG NH1 HH12 sing N N 35  
ARG NH2 HH21 sing N N 36  
ARG NH2 HH22 sing N N 37  
ARG OXT HXT  sing N N 38  
ASN N   CA   sing N N 39  
ASN N   H    sing N N 40  
ASN N   H2   sing N N 41  
ASN CA  C    sing N N 42  
ASN CA  CB   sing N N 43  
ASN CA  HA   sing N N 44  
ASN C   O    doub N N 45  
ASN C   OXT  sing N N 46  
ASN CB  CG   sing N N 47  
ASN CB  HB2  sing N N 48  
ASN CB  HB3  sing N N 49  
ASN CG  OD1  doub N N 50  
ASN CG  ND2  sing N N 51  
ASN ND2 HD21 sing N N 52  
ASN ND2 HD22 sing N N 53  
ASN OXT HXT  sing N N 54  
ASP N   CA   sing N N 55  
ASP N   H    sing N N 56  
ASP N   H2   sing N N 57  
ASP CA  C    sing N N 58  
ASP CA  CB   sing N N 59  
ASP CA  HA   sing N N 60  
ASP C   O    doub N N 61  
ASP C   OXT  sing N N 62  
ASP CB  CG   sing N N 63  
ASP CB  HB2  sing N N 64  
ASP CB  HB3  sing N N 65  
ASP CG  OD1  doub N N 66  
ASP CG  OD2  sing N N 67  
ASP OD2 HD2  sing N N 68  
ASP OXT HXT  sing N N 69  
CYS N   CA   sing N N 70  
CYS N   H    sing N N 71  
CYS N   H2   sing N N 72  
CYS CA  C    sing N N 73  
CYS CA  CB   sing N N 74  
CYS CA  HA   sing N N 75  
CYS C   O    doub N N 76  
CYS C   OXT  sing N N 77  
CYS CB  SG   sing N N 78  
CYS CB  HB2  sing N N 79  
CYS CB  HB3  sing N N 80  
CYS SG  HG   sing N N 81  
CYS OXT HXT  sing N N 82  
EDO C1  O1   sing N N 83  
EDO C1  C2   sing N N 84  
EDO C1  H11  sing N N 85  
EDO C1  H12  sing N N 86  
EDO O1  HO1  sing N N 87  
EDO C2  O2   sing N N 88  
EDO C2  H21  sing N N 89  
EDO C2  H22  sing N N 90  
EDO O2  HO2  sing N N 91  
GLN N   CA   sing N N 92  
GLN N   H    sing N N 93  
GLN N   H2   sing N N 94  
GLN CA  C    sing N N 95  
GLN CA  CB   sing N N 96  
GLN CA  HA   sing N N 97  
GLN C   O    doub N N 98  
GLN C   OXT  sing N N 99  
GLN CB  CG   sing N N 100 
GLN CB  HB2  sing N N 101 
GLN CB  HB3  sing N N 102 
GLN CG  CD   sing N N 103 
GLN CG  HG2  sing N N 104 
GLN CG  HG3  sing N N 105 
GLN CD  OE1  doub N N 106 
GLN CD  NE2  sing N N 107 
GLN NE2 HE21 sing N N 108 
GLN NE2 HE22 sing N N 109 
GLN OXT HXT  sing N N 110 
GLU N   CA   sing N N 111 
GLU N   H    sing N N 112 
GLU N   H2   sing N N 113 
GLU CA  C    sing N N 114 
GLU CA  CB   sing N N 115 
GLU CA  HA   sing N N 116 
GLU C   O    doub N N 117 
GLU C   OXT  sing N N 118 
GLU CB  CG   sing N N 119 
GLU CB  HB2  sing N N 120 
GLU CB  HB3  sing N N 121 
GLU CG  CD   sing N N 122 
GLU CG  HG2  sing N N 123 
GLU CG  HG3  sing N N 124 
GLU CD  OE1  doub N N 125 
GLU CD  OE2  sing N N 126 
GLU OE2 HE2  sing N N 127 
GLU OXT HXT  sing N N 128 
GLY N   CA   sing N N 129 
GLY N   H    sing N N 130 
GLY N   H2   sing N N 131 
GLY CA  C    sing N N 132 
GLY CA  HA2  sing N N 133 
GLY CA  HA3  sing N N 134 
GLY C   O    doub N N 135 
GLY C   OXT  sing N N 136 
GLY OXT HXT  sing N N 137 
HIS N   CA   sing N N 138 
HIS N   H    sing N N 139 
HIS N   H2   sing N N 140 
HIS CA  C    sing N N 141 
HIS CA  CB   sing N N 142 
HIS CA  HA   sing N N 143 
HIS C   O    doub N N 144 
HIS C   OXT  sing N N 145 
HIS CB  CG   sing N N 146 
HIS CB  HB2  sing N N 147 
HIS CB  HB3  sing N N 148 
HIS CG  ND1  sing Y N 149 
HIS CG  CD2  doub Y N 150 
HIS ND1 CE1  doub Y N 151 
HIS ND1 HD1  sing N N 152 
HIS CD2 NE2  sing Y N 153 
HIS CD2 HD2  sing N N 154 
HIS CE1 NE2  sing Y N 155 
HIS CE1 HE1  sing N N 156 
HIS NE2 HE2  sing N N 157 
HIS OXT HXT  sing N N 158 
HOH O   H1   sing N N 159 
HOH O   H2   sing N N 160 
ILE N   CA   sing N N 161 
ILE N   H    sing N N 162 
ILE N   H2   sing N N 163 
ILE CA  C    sing N N 164 
ILE CA  CB   sing N N 165 
ILE CA  HA   sing N N 166 
ILE C   O    doub N N 167 
ILE C   OXT  sing N N 168 
ILE CB  CG1  sing N N 169 
ILE CB  CG2  sing N N 170 
ILE CB  HB   sing N N 171 
ILE CG1 CD1  sing N N 172 
ILE CG1 HG12 sing N N 173 
ILE CG1 HG13 sing N N 174 
ILE CG2 HG21 sing N N 175 
ILE CG2 HG22 sing N N 176 
ILE CG2 HG23 sing N N 177 
ILE CD1 HD11 sing N N 178 
ILE CD1 HD12 sing N N 179 
ILE CD1 HD13 sing N N 180 
ILE OXT HXT  sing N N 181 
LEU N   CA   sing N N 182 
LEU N   H    sing N N 183 
LEU N   H2   sing N N 184 
LEU CA  C    sing N N 185 
LEU CA  CB   sing N N 186 
LEU CA  HA   sing N N 187 
LEU C   O    doub N N 188 
LEU C   OXT  sing N N 189 
LEU CB  CG   sing N N 190 
LEU CB  HB2  sing N N 191 
LEU CB  HB3  sing N N 192 
LEU CG  CD1  sing N N 193 
LEU CG  CD2  sing N N 194 
LEU CG  HG   sing N N 195 
LEU CD1 HD11 sing N N 196 
LEU CD1 HD12 sing N N 197 
LEU CD1 HD13 sing N N 198 
LEU CD2 HD21 sing N N 199 
LEU CD2 HD22 sing N N 200 
LEU CD2 HD23 sing N N 201 
LEU OXT HXT  sing N N 202 
LYS N   CA   sing N N 203 
LYS N   H    sing N N 204 
LYS N   H2   sing N N 205 
LYS CA  C    sing N N 206 
LYS CA  CB   sing N N 207 
LYS CA  HA   sing N N 208 
LYS C   O    doub N N 209 
LYS C   OXT  sing N N 210 
LYS CB  CG   sing N N 211 
LYS CB  HB2  sing N N 212 
LYS CB  HB3  sing N N 213 
LYS CG  CD   sing N N 214 
LYS CG  HG2  sing N N 215 
LYS CG  HG3  sing N N 216 
LYS CD  CE   sing N N 217 
LYS CD  HD2  sing N N 218 
LYS CD  HD3  sing N N 219 
LYS CE  NZ   sing N N 220 
LYS CE  HE2  sing N N 221 
LYS CE  HE3  sing N N 222 
LYS NZ  HZ1  sing N N 223 
LYS NZ  HZ2  sing N N 224 
LYS NZ  HZ3  sing N N 225 
LYS OXT HXT  sing N N 226 
MSE N   CA   sing N N 227 
MSE N   H    sing N N 228 
MSE N   H2   sing N N 229 
MSE CA  C    sing N N 230 
MSE CA  CB   sing N N 231 
MSE CA  HA   sing N N 232 
MSE C   O    doub N N 233 
MSE C   OXT  sing N N 234 
MSE OXT HXT  sing N N 235 
MSE CB  CG   sing N N 236 
MSE CB  HB2  sing N N 237 
MSE CB  HB3  sing N N 238 
MSE CG  SE   sing N N 239 
MSE CG  HG2  sing N N 240 
MSE CG  HG3  sing N N 241 
MSE SE  CE   sing N N 242 
MSE CE  HE1  sing N N 243 
MSE CE  HE2  sing N N 244 
MSE CE  HE3  sing N N 245 
PHE N   CA   sing N N 246 
PHE N   H    sing N N 247 
PHE N   H2   sing N N 248 
PHE CA  C    sing N N 249 
PHE CA  CB   sing N N 250 
PHE CA  HA   sing N N 251 
PHE C   O    doub N N 252 
PHE C   OXT  sing N N 253 
PHE CB  CG   sing N N 254 
PHE CB  HB2  sing N N 255 
PHE CB  HB3  sing N N 256 
PHE CG  CD1  doub Y N 257 
PHE CG  CD2  sing Y N 258 
PHE CD1 CE1  sing Y N 259 
PHE CD1 HD1  sing N N 260 
PHE CD2 CE2  doub Y N 261 
PHE CD2 HD2  sing N N 262 
PHE CE1 CZ   doub Y N 263 
PHE CE1 HE1  sing N N 264 
PHE CE2 CZ   sing Y N 265 
PHE CE2 HE2  sing N N 266 
PHE CZ  HZ   sing N N 267 
PHE OXT HXT  sing N N 268 
PRO N   CA   sing N N 269 
PRO N   CD   sing N N 270 
PRO N   H    sing N N 271 
PRO CA  C    sing N N 272 
PRO CA  CB   sing N N 273 
PRO CA  HA   sing N N 274 
PRO C   O    doub N N 275 
PRO C   OXT  sing N N 276 
PRO CB  CG   sing N N 277 
PRO CB  HB2  sing N N 278 
PRO CB  HB3  sing N N 279 
PRO CG  CD   sing N N 280 
PRO CG  HG2  sing N N 281 
PRO CG  HG3  sing N N 282 
PRO CD  HD2  sing N N 283 
PRO CD  HD3  sing N N 284 
PRO OXT HXT  sing N N 285 
SER N   CA   sing N N 286 
SER N   H    sing N N 287 
SER N   H2   sing N N 288 
SER CA  C    sing N N 289 
SER CA  CB   sing N N 290 
SER CA  HA   sing N N 291 
SER C   O    doub N N 292 
SER C   OXT  sing N N 293 
SER CB  OG   sing N N 294 
SER CB  HB2  sing N N 295 
SER CB  HB3  sing N N 296 
SER OG  HG   sing N N 297 
SER OXT HXT  sing N N 298 
THR N   CA   sing N N 299 
THR N   H    sing N N 300 
THR N   H2   sing N N 301 
THR CA  C    sing N N 302 
THR CA  CB   sing N N 303 
THR CA  HA   sing N N 304 
THR C   O    doub N N 305 
THR C   OXT  sing N N 306 
THR CB  OG1  sing N N 307 
THR CB  CG2  sing N N 308 
THR CB  HB   sing N N 309 
THR OG1 HG1  sing N N 310 
THR CG2 HG21 sing N N 311 
THR CG2 HG22 sing N N 312 
THR CG2 HG23 sing N N 313 
THR OXT HXT  sing N N 314 
TRP N   CA   sing N N 315 
TRP N   H    sing N N 316 
TRP N   H2   sing N N 317 
TRP CA  C    sing N N 318 
TRP CA  CB   sing N N 319 
TRP CA  HA   sing N N 320 
TRP C   O    doub N N 321 
TRP C   OXT  sing N N 322 
TRP CB  CG   sing N N 323 
TRP CB  HB2  sing N N 324 
TRP CB  HB3  sing N N 325 
TRP CG  CD1  doub Y N 326 
TRP CG  CD2  sing Y N 327 
TRP CD1 NE1  sing Y N 328 
TRP CD1 HD1  sing N N 329 
TRP CD2 CE2  doub Y N 330 
TRP CD2 CE3  sing Y N 331 
TRP NE1 CE2  sing Y N 332 
TRP NE1 HE1  sing N N 333 
TRP CE2 CZ2  sing Y N 334 
TRP CE3 CZ3  doub Y N 335 
TRP CE3 HE3  sing N N 336 
TRP CZ2 CH2  doub Y N 337 
TRP CZ2 HZ2  sing N N 338 
TRP CZ3 CH2  sing Y N 339 
TRP CZ3 HZ3  sing N N 340 
TRP CH2 HH2  sing N N 341 
TRP OXT HXT  sing N N 342 
TYR N   CA   sing N N 343 
TYR N   H    sing N N 344 
TYR N   H2   sing N N 345 
TYR CA  C    sing N N 346 
TYR CA  CB   sing N N 347 
TYR CA  HA   sing N N 348 
TYR C   O    doub N N 349 
TYR C   OXT  sing N N 350 
TYR CB  CG   sing N N 351 
TYR CB  HB2  sing N N 352 
TYR CB  HB3  sing N N 353 
TYR CG  CD1  doub Y N 354 
TYR CG  CD2  sing Y N 355 
TYR CD1 CE1  sing Y N 356 
TYR CD1 HD1  sing N N 357 
TYR CD2 CE2  doub Y N 358 
TYR CD2 HD2  sing N N 359 
TYR CE1 CZ   doub Y N 360 
TYR CE1 HE1  sing N N 361 
TYR CE2 CZ   sing Y N 362 
TYR CE2 HE2  sing N N 363 
TYR CZ  OH   sing N N 364 
TYR OH  HH   sing N N 365 
TYR OXT HXT  sing N N 366 
VAL N   CA   sing N N 367 
VAL N   H    sing N N 368 
VAL N   H2   sing N N 369 
VAL CA  C    sing N N 370 
VAL CA  CB   sing N N 371 
VAL CA  HA   sing N N 372 
VAL C   O    doub N N 373 
VAL C   OXT  sing N N 374 
VAL CB  CG1  sing N N 375 
VAL CB  CG2  sing N N 376 
VAL CB  HB   sing N N 377 
VAL CG1 HG11 sing N N 378 
VAL CG1 HG12 sing N N 379 
VAL CG1 HG13 sing N N 380 
VAL CG2 HG21 sing N N 381 
VAL CG2 HG22 sing N N 382 
VAL CG2 HG23 sing N N 383 
VAL OXT HXT  sing N N 384 
# 
_atom_sites.entry_id                    3FH1 
_atom_sites.fract_transf_matrix[1][1]   -0.01846875 
_atom_sites.fract_transf_matrix[1][2]   -0.00060645 
_atom_sites.fract_transf_matrix[1][3]   -0.01224573 
_atom_sites.fract_transf_matrix[2][1]   0.01225653 
_atom_sites.fract_transf_matrix[2][2]   -0.00149267 
_atom_sites.fract_transf_matrix[2][3]   -0.01841113 
_atom_sites.fract_transf_matrix[3][1]   -0.00010597 
_atom_sites.fract_transf_matrix[3][2]   -0.00730164 
_atom_sites.fract_transf_matrix[3][3]   0.00052143 
_atom_sites.fract_transf_vector[1]      0.395011 
_atom_sites.fract_transf_vector[2]      0.182631 
_atom_sites.fract_transf_vector[3]      0.430781 
# 
loop_
_atom_type.symbol 
C  
CL 
N  
O  
S  
SE 
# 
loop_
_atom_site.group_PDB 
_atom_site.id 
_atom_site.type_symbol 
_atom_site.label_atom_id 
_atom_site.label_alt_id 
_atom_site.label_comp_id 
_atom_site.label_asym_id 
_atom_site.label_entity_id 
_atom_site.label_seq_id 
_atom_site.pdbx_PDB_ins_code 
_atom_site.Cartn_x 
_atom_site.Cartn_y 
_atom_site.Cartn_z 
_atom_site.occupancy 
_atom_site.B_iso_or_equiv 
_atom_site.pdbx_formal_charge 
_atom_site.auth_seq_id 
_atom_site.auth_comp_id 
_atom_site.auth_asym_id 
_atom_site.auth_atom_id 
_atom_site.pdbx_PDB_model_num 
ATOM   1    N  N   . ILE A 1 8   ? -4.894  -8.220  11.039  1.00 51.89 ? 7   ILE A N   1 
ATOM   2    C  CA  . ILE A 1 8   ? -3.425  -7.910  11.147  1.00 50.56 ? 7   ILE A CA  1 
ATOM   3    C  C   . ILE A 1 8   ? -2.690  -8.905  12.091  1.00 54.81 ? 7   ILE A C   1 
ATOM   4    O  O   . ILE A 1 8   ? -3.027  -8.997  13.282  1.00 58.04 ? 7   ILE A O   1 
ATOM   5    C  CB  . ILE A 1 8   ? -3.163  -6.397  11.573  1.00 51.69 ? 7   ILE A CB  1 
ATOM   6    C  CG1 . ILE A 1 8   ? -3.822  -5.403  10.559  1.00 54.19 ? 7   ILE A CG1 1 
ATOM   7    C  CG2 . ILE A 1 8   ? -1.681  -6.139  11.715  1.00 50.54 ? 7   ILE A CG2 1 
ATOM   8    C  CD1 . ILE A 1 8   ? -3.264  -3.882  10.492  1.00 42.12 ? 7   ILE A CD1 1 
ATOM   9    N  N   . THR A 1 9   ? -1.733  -9.685  11.550  1.00 51.87 ? 8   THR A N   1 
ATOM   10   C  CA  . THR A 1 9   ? -0.854  -10.553 12.356  1.00 50.09 ? 8   THR A CA  1 
ATOM   11   C  C   . THR A 1 9   ? 0.340   -9.719  12.857  1.00 48.04 ? 8   THR A C   1 
ATOM   12   O  O   . THR A 1 9   ? 1.110   -9.213  12.059  1.00 32.57 ? 8   THR A O   1 
ATOM   13   C  CB  . THR A 1 9   ? -0.281  -11.733 11.539  1.00 53.41 ? 8   THR A CB  1 
ATOM   14   O  OG1 . THR A 1 9   ? -1.346  -12.574 11.064  1.00 58.40 ? 8   THR A OG1 1 
ATOM   15   C  CG2 . THR A 1 9   ? 0.704   -12.557 12.393  1.00 52.70 ? 8   THR A CG2 1 
ATOM   16   N  N   . LEU A 1 10  ? 0.477   -9.542  14.167  1.00 49.60 ? 9   LEU A N   1 
ATOM   17   C  CA  . LEU A 1 10  ? 1.574   -8.720  14.711  1.00 50.15 ? 9   LEU A CA  1 
ATOM   18   C  C   . LEU A 1 10  ? 2.685   -9.540  15.299  1.00 50.67 ? 9   LEU A C   1 
ATOM   19   O  O   . LEU A 1 10  ? 2.469   -10.401 16.154  1.00 50.80 ? 9   LEU A O   1 
ATOM   20   C  CB  . LEU A 1 10  ? 1.108   -7.743  15.786  1.00 51.00 ? 9   LEU A CB  1 
ATOM   21   C  CG  . LEU A 1 10  ? 0.807   -6.387  15.169  1.00 53.39 ? 9   LEU A CG  1 
ATOM   22   C  CD1 . LEU A 1 10  ? -0.476  -6.526  14.322  1.00 57.18 ? 9   LEU A CD1 1 
ATOM   23   C  CD2 . LEU A 1 10  ? 0.698   -5.318  16.227  1.00 47.43 ? 9   LEU A CD2 1 
ATOM   24   N  N   . HIS A 1 11  ? 3.881   -9.269  14.815  1.00 49.30 ? 10  HIS A N   1 
ATOM   25   C  CA  . HIS A 1 11  ? 5.053   -9.799  15.436  1.00 48.99 ? 10  HIS A CA  1 
ATOM   26   C  C   . HIS A 1 11  ? 5.429   -8.785  16.535  1.00 48.83 ? 10  HIS A C   1 
ATOM   27   O  O   . HIS A 1 11  ? 5.688   -7.624  16.240  1.00 44.90 ? 10  HIS A O   1 
ATOM   28   C  CB  . HIS A 1 11  ? 6.158   -9.968  14.418  1.00 49.18 ? 10  HIS A CB  1 
ATOM   29   C  CG  . HIS A 1 11  ? 7.422   -10.434 15.031  1.00 52.20 ? 10  HIS A CG  1 
ATOM   30   N  ND1 . HIS A 1 11  ? 7.567   -11.701 15.547  1.00 62.43 ? 10  HIS A ND1 1 
ATOM   31   C  CD2 . HIS A 1 11  ? 8.570   -9.775  15.299  1.00 54.51 ? 10  HIS A CD2 1 
ATOM   32   C  CE1 . HIS A 1 11  ? 8.768   -11.808 16.094  1.00 63.81 ? 10  HIS A CE1 1 
ATOM   33   N  NE2 . HIS A 1 11  ? 9.400   -10.654 15.949  1.00 57.71 ? 10  HIS A NE2 1 
ATOM   34   N  N   . PRO A 1 12  ? 5.468   -9.222  17.804  1.00 48.66 ? 11  PRO A N   1 
ATOM   35   C  CA  . PRO A 1 12  ? 5.765   -8.252  18.885  1.00 50.57 ? 11  PRO A CA  1 
ATOM   36   C  C   . PRO A 1 12  ? 7.085   -7.496  18.638  1.00 51.42 ? 11  PRO A C   1 
ATOM   37   O  O   . PRO A 1 12  ? 8.144   -8.114  18.408  1.00 50.98 ? 11  PRO A O   1 
ATOM   38   C  CB  . PRO A 1 12  ? 5.870   -9.126  20.145  1.00 50.12 ? 11  PRO A CB  1 
ATOM   39   C  CG  . PRO A 1 12  ? 5.193   -10.433 19.786  1.00 53.06 ? 11  PRO A CG  1 
ATOM   40   C  CD  . PRO A 1 12  ? 5.312   -10.605 18.296  1.00 49.78 ? 11  PRO A CD  1 
ATOM   41   N  N   . ASP A 1 13  ? 7.012   -6.168  18.663  1.00 50.41 ? 12  ASP A N   1 
ATOM   42   C  CA  . ASP A 1 13  ? 8.188   -5.337  18.429  1.00 50.51 ? 12  ASP A CA  1 
ATOM   43   C  C   . ASP A 1 13  ? 7.813   -3.942  18.757  1.00 49.14 ? 12  ASP A C   1 
ATOM   44   O  O   . ASP A 1 13  ? 6.649   -3.598  18.706  1.00 52.43 ? 12  ASP A O   1 
ATOM   45   C  CB  . ASP A 1 13  ? 8.641   -5.388  16.978  1.00 49.80 ? 12  ASP A CB  1 
ATOM   46   N  N   . ASP A 1 14  ? 8.821   -3.146  19.089  1.00 47.10 ? 13  ASP A N   1 
ATOM   47   C  CA  . ASP A 1 14  ? 8.630   -1.801  19.600  1.00 41.24 ? 13  ASP A CA  1 
ATOM   48   C  C   . ASP A 1 14  ? 7.421   -1.030  18.996  1.00 39.35 ? 13  ASP A C   1 
ATOM   49   O  O   . ASP A 1 14  ? 6.456   -0.656  19.706  1.00 47.57 ? 13  ASP A O   1 
ATOM   50   C  CB  . ASP A 1 14  ? 9.951   -1.009  19.447  1.00 44.85 ? 13  ASP A CB  1 
ATOM   51   N  N   . ARG A 1 15  ? 7.506   -0.768  17.708  1.00 31.43 ? 14  ARG A N   1 
ATOM   52   C  CA  . ARG A 1 15  ? 6.464   0.005   17.037  1.00 25.25 ? 14  ARG A CA  1 
ATOM   53   C  C   . ARG A 1 15  ? 5.508   -0.849  16.246  1.00 22.95 ? 14  ARG A C   1 
ATOM   54   O  O   . ARG A 1 15  ? 4.774   -0.341  15.383  1.00 23.28 ? 14  ARG A O   1 
ATOM   55   C  CB  . ARG A 1 15  ? 7.112   1.090   16.159  1.00 24.89 ? 14  ARG A CB  1 
ATOM   56   C  CG  . ARG A 1 15  ? 7.732   2.168   17.050  1.00 29.00 ? 14  ARG A CG  1 
ATOM   57   C  CD  . ARG A 1 15  ? 8.372   3.315   16.285  1.00 27.36 ? 14  ARG A CD  1 
ATOM   58   N  NE  . ARG A 1 15  ? 9.533   2.841   15.537  1.00 33.44 ? 14  ARG A NE  1 
ATOM   59   C  CZ  . ARG A 1 15  ? 10.762  2.739   16.032  1.00 38.96 ? 14  ARG A CZ  1 
ATOM   60   N  NH1 . ARG A 1 15  ? 11.042  3.104   17.277  1.00 34.16 ? 14  ARG A NH1 1 
ATOM   61   N  NH2 . ARG A 1 15  ? 11.744  2.298   15.253  1.00 41.53 ? 14  ARG A NH2 1 
ATOM   62   N  N   . SER A 1 16  ? 5.473   -2.166  16.489  1.00 21.59 ? 15  SER A N   1 
ATOM   63   C  CA  . SER A 1 16  ? 4.562   -2.978  15.713  1.00 20.98 ? 15  SER A CA  1 
ATOM   64   C  C   . SER A 1 16  ? 3.098   -2.495  15.782  1.00 19.57 ? 15  SER A C   1 
ATOM   65   O  O   . SER A 1 16  ? 2.404   -2.469  14.745  1.00 21.04 ? 15  SER A O   1 
ATOM   66   C  CB  . SER A 1 16  ? 4.630   -4.444  16.151  1.00 25.36 ? 15  SER A CB  1 
ATOM   67   O  OG  . SER A 1 16  ? 5.906   -5.021  15.881  1.00 24.20 ? 15  SER A OG  1 
ATOM   68   N  N   . GLU A 1 17  ? 2.625   -2.089  16.945  1.00 20.57 ? 16  GLU A N   1 
ATOM   69   C  CA  . GLU A 1 17  ? 1.249   -1.671  17.064  1.00 21.82 ? 16  GLU A CA  1 
ATOM   70   C  C   . GLU A 1 17  ? 1.003   -0.388  16.242  1.00 22.48 ? 16  GLU A C   1 
ATOM   71   O  O   . GLU A 1 17  ? -0.011  -0.268  15.583  1.00 20.86 ? 16  GLU A O   1 
ATOM   72   C  CB  . GLU A 1 17  ? 0.825   -1.467  18.532  1.00 21.41 ? 16  GLU A CB  1 
ATOM   73   C  CG  . GLU A 1 17  ? 0.648   -2.782  19.346  1.00 25.37 ? 16  GLU A CG  1 
ATOM   74   C  CD  . GLU A 1 17  ? -0.033  -2.543  20.713  1.00 32.00 ? 16  GLU A CD  1 
ATOM   75   O  OE1 . GLU A 1 17  ? -0.729  -1.490  20.909  1.00 26.60 ? 16  GLU A OE1 1 
ATOM   76   O  OE2 . GLU A 1 17  ? 0.081   -3.446  21.606  1.00 37.64 ? 16  GLU A OE2 1 
ATOM   77   N  N   . GLN A 1 18  ? 1.968   0.513   16.237  1.00 21.10 ? 17  GLN A N   1 
ATOM   78   C  CA  . GLN A 1 18  ? 1.860   1.721   15.402  1.00 21.08 ? 17  GLN A CA  1 
ATOM   79   C  C   . GLN A 1 18  ? 1.769   1.369   13.934  1.00 19.31 ? 17  GLN A C   1 
ATOM   80   O  O   . GLN A 1 18  ? 0.917   1.849   13.177  1.00 20.62 ? 17  GLN A O   1 
ATOM   81   C  CB  . GLN A 1 18  ? 3.039   2.649   15.681  1.00 21.19 ? 17  GLN A CB  1 
ATOM   82   C  CG  . GLN A 1 18  ? 3.183   3.747   14.617  1.00 19.73 ? 17  GLN A CG  1 
ATOM   83   C  CD  . GLN A 1 18  ? 4.181   4.802   15.038  1.00 20.08 ? 17  GLN A CD  1 
ATOM   84   O  OE1 . GLN A 1 18  ? 5.321   4.781   14.520  1.00 30.00 ? 17  GLN A OE1 1 
ATOM   85   N  NE2 . GLN A 1 18  ? 3.829   5.632   15.989  1.00 16.58 ? 17  GLN A NE2 1 
ATOM   86   N  N   . THR A 1 19  ? 2.674   0.501   13.470  1.00 21.26 ? 18  THR A N   1 
ATOM   87   C  CA  . THR A 1 19  ? 2.634   0.084   12.080  1.00 20.72 ? 18  THR A CA  1 
ATOM   88   C  C   . THR A 1 19  ? 1.308   -0.581  11.726  1.00 18.68 ? 18  THR A C   1 
ATOM   89   O  O   . THR A 1 19  ? 0.762   -0.344  10.646  1.00 20.94 ? 18  THR A O   1 
ATOM   90   C  CB  . THR A 1 19  ? 3.850   -0.806  11.787  1.00 21.60 ? 18  THR A CB  1 
ATOM   91   O  OG1 . THR A 1 19  ? 5.028   -0.090  12.173  1.00 21.79 ? 18  THR A OG1 1 
ATOM   92   C  CG2 . THR A 1 19  ? 3.950   -1.267  10.298  1.00 20.42 ? 18  THR A CG2 1 
ATOM   93   N  N   . ALA A 1 20  ? 0.771   -1.416  12.620  1.00 20.05 ? 19  ALA A N   1 
ATOM   94   C  CA  . ALA A 1 20  ? -0.548  -1.998  12.393  1.00 21.01 ? 19  ALA A CA  1 
ATOM   95   C  C   . ALA A 1 20  ? -1.629  -0.922  12.192  1.00 20.44 ? 19  ALA A C   1 
ATOM   96   O  O   . ALA A 1 20  ? -2.510  -1.066  11.304  1.00 22.56 ? 19  ALA A O   1 
ATOM   97   C  CB  . ALA A 1 20  ? -0.963  -2.974  13.534  1.00 22.87 ? 19  ALA A CB  1 
ATOM   98   N  N   . GLU A 1 21  ? -1.596  0.126   13.011  1.00 21.21 ? 20  GLU A N   1 
ATOM   99   C  CA  . GLU A 1 21  ? -2.574  1.202   12.907  1.00 21.74 ? 20  GLU A CA  1 
ATOM   100  C  C   . GLU A 1 21  ? -2.446  1.911   11.564  1.00 21.85 ? 20  GLU A C   1 
ATOM   101  O  O   . GLU A 1 21  ? -3.446  2.277   10.926  1.00 24.12 ? 20  GLU A O   1 
ATOM   102  C  CB  . GLU A 1 21  ? -2.385  2.215   14.038  1.00 24.54 ? 20  GLU A CB  1 
ATOM   103  C  CG  . GLU A 1 21  ? -3.198  1.960   15.163  1.00 33.48 ? 20  GLU A CG  1 
ATOM   104  C  CD  . GLU A 1 21  ? -4.666  2.071   14.792  1.00 33.58 ? 20  GLU A CD  1 
ATOM   105  O  OE1 . GLU A 1 21  ? -5.110  3.180   14.385  1.00 33.95 ? 20  GLU A OE1 1 
ATOM   106  O  OE2 . GLU A 1 21  ? -5.315  1.005   14.878  1.00 33.18 ? 20  GLU A OE2 1 
ATOM   107  N  N   . ILE A 1 22  ? -1.213  2.127   11.131  1.00 21.53 ? 21  ILE A N   1 
ATOM   108  C  CA  . ILE A 1 22  ? -0.965  2.762   9.821   1.00 20.36 ? 21  ILE A CA  1 
ATOM   109  C  C   . ILE A 1 22  ? -1.504  1.886   8.711   1.00 22.04 ? 21  ILE A C   1 
ATOM   110  O  O   . ILE A 1 22  ? -2.207  2.367   7.813   1.00 21.26 ? 21  ILE A O   1 
ATOM   111  C  CB  . ILE A 1 22  ? 0.521   3.068   9.645   1.00 21.86 ? 21  ILE A CB  1 
ATOM   112  C  CG1 . ILE A 1 22  ? 0.975   4.140   10.646  1.00 23.57 ? 21  ILE A CG1 1 
ATOM   113  C  CG2 . ILE A 1 22  ? 0.843   3.605   8.257   1.00 22.78 ? 21  ILE A CG2 1 
ATOM   114  C  CD1 . ILE A 1 22  ? 2.500   4.276   10.718  1.00 22.03 ? 21  ILE A CD1 1 
HETATM 115  N  N   . MSE A 1 23  ? -1.223  0.583   8.789   1.00 20.29 ? 22  MSE A N   1 
HETATM 116  C  CA  . MSE A 1 23  ? -1.717  -0.336  7.749   1.00 21.61 ? 22  MSE A CA  1 
HETATM 117  C  C   . MSE A 1 23  ? -3.219  -0.475  7.756   1.00 21.39 ? 22  MSE A C   1 
HETATM 118  O  O   . MSE A 1 23  ? -3.817  -0.652  6.715   1.00 21.54 ? 22  MSE A O   1 
HETATM 119  C  CB  . MSE A 1 23  ? -1.056  -1.712  7.818   1.00 22.29 ? 22  MSE A CB  1 
HETATM 120  C  CG  . MSE A 1 23  ? 0.462   -1.683  7.671   1.00 23.01 ? 22  MSE A CG  1 
HETATM 121  SE SE  . MSE A 1 23  ? 1.125   -0.753  6.125   0.75 22.42 ? 22  MSE A SE  1 
HETATM 122  C  CE  . MSE A 1 23  ? 2.582   0.334   7.048   1.00 25.39 ? 22  MSE A CE  1 
ATOM   123  N  N   A ARG A 1 24  ? -3.859  -0.366  8.920   0.50 20.69 ? 23  ARG A N   1 
ATOM   124  N  N   B ARG A 1 24  ? -3.825  -0.394  8.937   0.50 24.24 ? 23  ARG A N   1 
ATOM   125  C  CA  A ARG A 1 24  ? -5.312  -0.424  8.946   0.50 19.23 ? 23  ARG A CA  1 
ATOM   126  C  CA  B ARG A 1 24  ? -5.264  -0.489  9.050   0.50 25.85 ? 23  ARG A CA  1 
ATOM   127  C  C   A ARG A 1 24  ? -5.898  0.742   8.159   0.50 20.61 ? 23  ARG A C   1 
ATOM   128  C  C   B ARG A 1 24  ? -5.900  0.723   8.365   0.50 24.68 ? 23  ARG A C   1 
ATOM   129  O  O   A ARG A 1 24  ? -6.721  0.549   7.264   0.50 19.37 ? 23  ARG A O   1 
ATOM   130  O  O   B ARG A 1 24  ? -6.913  0.610   7.684   0.50 24.01 ? 23  ARG A O   1 
ATOM   131  C  CB  A ARG A 1 24  ? -5.795  -0.345  10.380  0.50 19.13 ? 23  ARG A CB  1 
ATOM   132  C  CB  B ARG A 1 24  ? -5.612  -0.568  10.533  0.50 27.10 ? 23  ARG A CB  1 
ATOM   133  C  CG  A ARG A 1 24  ? -7.280  -0.331  10.533  0.50 23.24 ? 23  ARG A CG  1 
ATOM   134  C  CG  B ARG A 1 24  ? -7.059  -0.770  10.872  0.50 35.14 ? 23  ARG A CG  1 
ATOM   135  C  CD  A ARG A 1 24  ? -7.655  -0.235  12.018  0.50 22.06 ? 23  ARG A CD  1 
ATOM   136  C  CD  B ARG A 1 24  ? -7.207  -1.586  12.194  0.50 32.97 ? 23  ARG A CD  1 
ATOM   137  N  NE  A ARG A 1 24  ? -7.311  1.050   12.590  0.50 22.58 ? 23  ARG A NE  1 
ATOM   138  N  NE  B ARG A 1 24  ? -6.250  -1.224  13.258  0.50 41.17 ? 23  ARG A NE  1 
ATOM   139  C  CZ  A ARG A 1 24  ? -7.965  2.167   12.313  0.50 21.59 ? 23  ARG A CZ  1 
ATOM   140  C  CZ  B ARG A 1 24  ? -5.315  -2.032  13.775  0.50 33.35 ? 23  ARG A CZ  1 
ATOM   141  N  NH1 A ARG A 1 24  ? -8.990  2.154   11.475  0.50 28.14 ? 23  ARG A NH1 1 
ATOM   142  N  NH1 B ARG A 1 24  ? -4.508  -1.596  14.742  0.50 21.98 ? 23  ARG A NH1 1 
ATOM   143  N  NH2 A ARG A 1 24  ? -7.607  3.298   12.886  0.50 24.53 ? 23  ARG A NH2 1 
ATOM   144  N  NH2 B ARG A 1 24  ? -5.197  -3.280  13.365  0.50 33.67 ? 23  ARG A NH2 1 
ATOM   145  N  N   A ARG A 1 25  ? -5.446  1.942   8.489   0.50 21.56 ? 24  ARG A N   1 
ATOM   146  N  N   B ARG A 1 25  ? -5.266  1.874   8.492   0.50 24.36 ? 24  ARG A N   1 
ATOM   147  C  CA  A ARG A 1 25  ? -5.912  3.144   7.817   0.50 21.63 ? 24  ARG A CA  1 
ATOM   148  C  CA  B ARG A 1 25  ? -5.796  3.076   7.871   0.50 22.82 ? 24  ARG A CA  1 
ATOM   149  C  C   A ARG A 1 25  ? -5.543  3.142   6.322   0.50 20.19 ? 24  ARG A C   1 
ATOM   150  C  C   B ARG A 1 25  ? -5.543  3.089   6.357   0.50 21.45 ? 24  ARG A C   1 
ATOM   151  O  O   A ARG A 1 25  ? -6.356  3.588   5.498   0.50 21.92 ? 24  ARG A O   1 
ATOM   152  O  O   B ARG A 1 25  ? -6.424  3.486   5.569   0.50 22.90 ? 24  ARG A O   1 
ATOM   153  C  CB  A ARG A 1 25  ? -5.412  4.417   8.529   0.50 21.47 ? 24  ARG A CB  1 
ATOM   154  C  CB  B ARG A 1 25  ? -5.212  4.316   8.544   0.50 25.31 ? 24  ARG A CB  1 
ATOM   155  C  CG  A ARG A 1 25  ? -5.891  4.642   9.980   0.50 18.87 ? 24  ARG A CG  1 
ATOM   156  C  CG  B ARG A 1 25  ? -5.997  5.555   8.274   0.50 33.14 ? 24  ARG A CG  1 
ATOM   157  C  CD  A ARG A 1 25  ? -5.071  5.788   10.587  0.50 30.12 ? 24  ARG A CD  1 
ATOM   158  C  CD  B ARG A 1 25  ? -7.138  5.687   9.264   0.50 36.95 ? 24  ARG A CD  1 
ATOM   159  N  NE  A ARG A 1 25  ? -5.482  6.237   11.933  0.50 37.43 ? 24  ARG A NE  1 
ATOM   160  N  NE  B ARG A 1 25  ? -8.162  6.601   8.773   0.50 38.81 ? 24  ARG A NE  1 
ATOM   161  C  CZ  A ARG A 1 25  ? -6.287  7.269   12.179  0.50 32.66 ? 24  ARG A CZ  1 
ATOM   162  C  CZ  B ARG A 1 25  ? -8.032  7.919   8.748   0.50 39.08 ? 24  ARG A CZ  1 
ATOM   163  N  NH1 A ARG A 1 25  ? -6.810  7.968   11.185  0.50 43.81 ? 24  ARG A NH1 1 
ATOM   164  N  NH1 B ARG A 1 25  ? -6.896  8.495   9.142   0.50 40.93 ? 24  ARG A NH1 1 
ATOM   165  N  NH2 A ARG A 1 25  ? -6.606  7.593   13.444  0.50 30.77 ? 24  ARG A NH2 1 
ATOM   166  N  NH2 B ARG A 1 25  ? -9.034  8.666   8.296   0.50 44.00 ? 24  ARG A NH2 1 
ATOM   167  N  N   . PHE A 1 26  ? -4.348  2.644   5.968   1.00 20.13 ? 25  PHE A N   1 
ATOM   168  C  CA  . PHE A 1 26  ? -3.961  2.496   4.568   1.00 20.49 ? 25  PHE A CA  1 
ATOM   169  C  C   . PHE A 1 26  ? -4.892  1.517   3.832   1.00 21.91 ? 25  PHE A C   1 
ATOM   170  O  O   . PHE A 1 26  ? -5.461  1.835   2.796   1.00 24.78 ? 25  PHE A O   1 
ATOM   171  C  CB  . PHE A 1 26  ? -2.527  2.007   4.488   1.00 22.82 ? 25  PHE A CB  1 
ATOM   172  C  CG  . PHE A 1 26  ? -2.050  1.780   3.094   1.00 19.30 ? 25  PHE A CG  1 
ATOM   173  C  CD1 . PHE A 1 26  ? -1.627  2.831   2.315   1.00 23.80 ? 25  PHE A CD1 1 
ATOM   174  C  CD2 . PHE A 1 26  ? -1.987  0.496   2.575   1.00 21.33 ? 25  PHE A CD2 1 
ATOM   175  C  CE1 . PHE A 1 26  ? -1.166  2.622   1.029   1.00 21.76 ? 25  PHE A CE1 1 
ATOM   176  C  CE2 . PHE A 1 26  ? -1.552  0.271   1.287   1.00 23.64 ? 25  PHE A CE2 1 
ATOM   177  C  CZ  . PHE A 1 26  ? -1.110  1.325   0.505   1.00 25.56 ? 25  PHE A CZ  1 
ATOM   178  N  N   . ASN A 1 27  ? -5.106  0.351   4.414   1.00 21.64 ? 26  ASN A N   1 
ATOM   179  C  CA  . ASN A 1 27  ? -5.983  -0.640  3.794   1.00 22.83 ? 26  ASN A CA  1 
ATOM   180  C  C   . ASN A 1 27  ? -7.415  -0.118  3.633   1.00 22.54 ? 26  ASN A C   1 
ATOM   181  O  O   . ASN A 1 27  ? -8.093  -0.406  2.639   1.00 24.67 ? 26  ASN A O   1 
ATOM   182  C  CB  . ASN A 1 27  ? -5.918  -1.940  4.588   1.00 25.33 ? 26  ASN A CB  1 
ATOM   183  C  CG  . ASN A 1 27  ? -4.665  -2.747  4.300   1.00 24.33 ? 26  ASN A CG  1 
ATOM   184  O  OD1 . ASN A 1 27  ? -4.034  -2.596  3.220   1.00 25.60 ? 26  ASN A OD1 1 
ATOM   185  N  ND2 . ASN A 1 27  ? -4.335  -3.637  5.218   1.00 26.24 ? 26  ASN A ND2 1 
ATOM   186  N  N   . ASP A 1 28  ? -7.893  0.647   4.631   1.00 23.45 ? 27  ASP A N   1 
ATOM   187  C  CA  . ASP A 1 28  ? -9.253  1.186   4.585   1.00 23.20 ? 27  ASP A CA  1 
ATOM   188  C  C   . ASP A 1 28  ? -9.429  2.125   3.415   1.00 24.36 ? 27  ASP A C   1 
ATOM   189  O  O   . ASP A 1 28  ? -10.509 2.205   2.863   1.00 25.25 ? 27  ASP A O   1 
ATOM   190  C  CB  . ASP A 1 28  ? -9.617  1.958   5.841   1.00 23.61 ? 27  ASP A CB  1 
ATOM   191  C  CG  . ASP A 1 28  ? -9.986  1.076   7.015   1.00 34.70 ? 27  ASP A CG  1 
ATOM   192  O  OD1 . ASP A 1 28  ? -10.193 -0.144  6.826   1.00 35.05 ? 27  ASP A OD1 1 
ATOM   193  O  OD2 . ASP A 1 28  ? -10.054 1.633   8.146   1.00 34.40 ? 27  ASP A OD2 1 
ATOM   194  N  N   . VAL A 1 29  ? -8.367  2.810   2.984   1.00 20.87 ? 28  VAL A N   1 
ATOM   195  C  CA  . VAL A 1 29  ? -8.503  3.697   1.822   1.00 22.23 ? 28  VAL A CA  1 
ATOM   196  C  C   . VAL A 1 29  ? -9.043  2.899   0.631   1.00 23.31 ? 28  VAL A C   1 
ATOM   197  O  O   . VAL A 1 29  ? -9.919  3.364   -0.102  1.00 23.74 ? 28  VAL A O   1 
ATOM   198  C  CB  . VAL A 1 29  ? -7.147  4.342   1.444   1.00 24.19 ? 28  VAL A CB  1 
ATOM   199  C  CG1 . VAL A 1 29  ? -7.175  4.885   -0.039  1.00 21.55 ? 28  VAL A CG1 1 
ATOM   200  C  CG2 . VAL A 1 29  ? -6.754  5.412   2.479   1.00 22.79 ? 28  VAL A CG2 1 
ATOM   201  N  N   . PHE A 1 30  ? -8.536  1.689   0.468   1.00 22.55 ? 29  PHE A N   1 
ATOM   202  C  CA  . PHE A 1 30  ? -8.891  0.860   -0.679  1.00 24.91 ? 29  PHE A CA  1 
ATOM   203  C  C   . PHE A 1 30  ? -10.213 0.167   -0.482  1.00 25.22 ? 29  PHE A C   1 
ATOM   204  O  O   . PHE A 1 30  ? -10.988 0.050   -1.421  1.00 27.92 ? 29  PHE A O   1 
ATOM   205  C  CB  . PHE A 1 30  ? -7.738  -0.096  -1.036  1.00 25.61 ? 29  PHE A CB  1 
ATOM   206  C  CG  . PHE A 1 30  ? -6.503  0.647   -1.317  1.00 22.02 ? 29  PHE A CG  1 
ATOM   207  C  CD1 . PHE A 1 30  ? -6.279  1.191   -2.557  1.00 22.62 ? 29  PHE A CD1 1 
ATOM   208  C  CD2 . PHE A 1 30  ? -5.616  0.922   -0.305  1.00 22.56 ? 29  PHE A CD2 1 
ATOM   209  C  CE1 . PHE A 1 30  ? -5.156  1.973   -2.788  1.00 24.61 ? 29  PHE A CE1 1 
ATOM   210  C  CE2 . PHE A 1 30  ? -4.509  1.727   -0.540  1.00 25.62 ? 29  PHE A CE2 1 
ATOM   211  C  CZ  . PHE A 1 30  ? -4.292  2.225   -1.789  1.00 25.18 ? 29  PHE A CZ  1 
ATOM   212  N  N   . GLN A 1 31  ? -10.442 -0.318  0.722   1.00 23.03 ? 30  GLN A N   1 
ATOM   213  C  CA  . GLN A 1 31  ? -11.700 -1.021  1.032   1.00 25.04 ? 30  GLN A CA  1 
ATOM   214  C  C   . GLN A 1 31  ? -12.900 -0.096  0.965   1.00 25.89 ? 30  GLN A C   1 
ATOM   215  O  O   . GLN A 1 31  ? -13.970 -0.506  0.501   1.00 26.51 ? 30  GLN A O   1 
ATOM   216  C  CB  . GLN A 1 31  ? -11.611 -1.637  2.410   1.00 24.71 ? 30  GLN A CB  1 
ATOM   217  C  CG  . GLN A 1 31  ? -10.535 -2.724  2.525   1.00 29.55 ? 30  GLN A CG  1 
ATOM   218  C  CD  . GLN A 1 31  ? -10.768 -3.892  1.562   1.00 39.11 ? 30  GLN A CD  1 
ATOM   219  O  OE1 . GLN A 1 31  ? -11.809 -4.559  1.617   1.00 44.52 ? 30  GLN A OE1 1 
ATOM   220  N  NE2 . GLN A 1 31  ? -9.830  -4.119  0.670   1.00 37.95 ? 30  GLN A NE2 1 
ATOM   221  N  N   . LEU A 1 32  ? -12.727 1.158   1.394   1.00 23.95 ? 31  LEU A N   1 
ATOM   222  C  CA  . LEU A 1 32  ? -13.782 2.157   1.394   1.00 25.41 ? 31  LEU A CA  1 
ATOM   223  C  C   . LEU A 1 32  ? -13.782 3.037   0.142   1.00 25.42 ? 31  LEU A C   1 
ATOM   224  O  O   . LEU A 1 32  ? -14.640 3.888   -0.015  1.00 24.94 ? 31  LEU A O   1 
ATOM   225  C  CB  . LEU A 1 32  ? -13.642 3.043   2.631   1.00 26.59 ? 31  LEU A CB  1 
ATOM   226  C  CG  . LEU A 1 32  ? -13.701 2.293   3.968   1.00 32.70 ? 31  LEU A CG  1 
ATOM   227  C  CD1 . LEU A 1 32  ? -13.492 3.290   5.086   1.00 40.76 ? 31  LEU A CD1 1 
ATOM   228  C  CD2 . LEU A 1 32  ? -15.013 1.550   4.153   1.00 37.44 ? 31  LEU A CD2 1 
ATOM   229  N  N   . HIS A 1 33  ? -12.843 2.794   -0.763  1.00 22.32 ? 32  HIS A N   1 
ATOM   230  C  CA  . HIS A 1 33  ? -12.658 3.610   -1.973  1.00 21.97 ? 32  HIS A CA  1 
ATOM   231  C  C   . HIS A 1 33  ? -12.640 5.101   -1.621  1.00 23.56 ? 32  HIS A C   1 
ATOM   232  O  O   . HIS A 1 33  ? -13.345 5.923   -2.233  1.00 25.20 ? 32  HIS A O   1 
ATOM   233  C  CB  . HIS A 1 33  ? -13.708 3.291   -3.022  1.00 20.75 ? 32  HIS A CB  1 
ATOM   234  C  CG  . HIS A 1 33  ? -13.735 1.853   -3.401  1.00 20.82 ? 32  HIS A CG  1 
ATOM   235  N  ND1 . HIS A 1 33  ? -12.847 1.306   -4.298  1.00 21.21 ? 32  HIS A ND1 1 
ATOM   236  C  CD2 . HIS A 1 33  ? -14.537 0.840   -2.990  1.00 28.14 ? 32  HIS A CD2 1 
ATOM   237  C  CE1 . HIS A 1 33  ? -13.106 0.013   -4.428  1.00 27.31 ? 32  HIS A CE1 1 
ATOM   238  N  NE2 . HIS A 1 33  ? -14.127 -0.291  -3.645  1.00 27.89 ? 32  HIS A NE2 1 
ATOM   239  N  N   . ASP A 1 34  ? -11.858 5.444   -0.607  1.00 25.08 ? 33  ASP A N   1 
ATOM   240  C  CA  . ASP A 1 34  ? -11.870 6.798   -0.061  1.00 25.23 ? 33  ASP A CA  1 
ATOM   241  C  C   . ASP A 1 34  ? -10.451 7.264   0.219   1.00 25.26 ? 33  ASP A C   1 
ATOM   242  O  O   . ASP A 1 34  ? -9.840  6.844   1.178   1.00 25.01 ? 33  ASP A O   1 
ATOM   243  C  CB  . ASP A 1 34  ? -12.697 6.825   1.232   1.00 25.40 ? 33  ASP A CB  1 
ATOM   244  C  CG  . ASP A 1 34  ? -12.802 8.219   1.805   1.00 32.73 ? 33  ASP A CG  1 
ATOM   245  O  OD1 . ASP A 1 34  ? -12.142 9.136   1.271   1.00 27.47 ? 33  ASP A OD1 1 
ATOM   246  O  OD2 . ASP A 1 34  ? -13.549 8.396   2.790   1.00 34.38 ? 33  ASP A OD2 1 
ATOM   247  N  N   . PRO A 1 35  ? -9.903  8.085   -0.660  1.00 23.83 ? 34  PRO A N   1 
ATOM   248  C  CA  . PRO A 1 35  ? -8.526  8.452   -0.473  1.00 25.03 ? 34  PRO A CA  1 
ATOM   249  C  C   . PRO A 1 35  ? -8.245  9.609   0.478   1.00 25.22 ? 34  PRO A C   1 
ATOM   250  O  O   . PRO A 1 35  ? -7.118  10.066  0.523   1.00 22.85 ? 34  PRO A O   1 
ATOM   251  C  CB  . PRO A 1 35  ? -8.109  8.857   -1.887  1.00 28.29 ? 34  PRO A CB  1 
ATOM   252  C  CG  . PRO A 1 35  ? -9.298  9.350   -2.517  1.00 30.03 ? 34  PRO A CG  1 
ATOM   253  C  CD  . PRO A 1 35  ? -10.465 8.679   -1.886  1.00 29.05 ? 34  PRO A CD  1 
ATOM   254  N  N   . ALA A 1 36  ? -9.223  10.080  1.238   1.00 25.94 ? 35  ALA A N   1 
ATOM   255  C  CA  . ALA A 1 36  ? -9.019  11.238  2.127   1.00 27.26 ? 35  ALA A CA  1 
ATOM   256  C  C   . ALA A 1 36  ? -7.833  11.078  3.094   1.00 27.42 ? 35  ALA A C   1 
ATOM   257  O  O   . ALA A 1 36  ? -7.082  12.018  3.294   1.00 28.97 ? 35  ALA A O   1 
ATOM   258  C  CB  . ALA A 1 36  ? -10.328 11.536  2.916   1.00 28.30 ? 35  ALA A CB  1 
ATOM   259  N  N   . ALA A 1 37  ? -7.636  9.889   3.657   1.00 29.88 ? 36  ALA A N   1 
ATOM   260  C  CA  . ALA A 1 37  ? -6.502  9.650   4.592   1.00 29.69 ? 36  ALA A CA  1 
ATOM   261  C  C   . ALA A 1 37  ? -5.123  9.596   3.983   1.00 28.90 ? 36  ALA A C   1 
ATOM   262  O  O   . ALA A 1 37  ? -4.111  9.571   4.730   1.00 28.35 ? 36  ALA A O   1 
ATOM   263  C  CB  . ALA A 1 37  ? -6.728  8.313   5.416   1.00 32.63 ? 36  ALA A CB  1 
ATOM   264  N  N   . LEU A 1 38  ? -5.010  9.483   2.666   1.00 22.29 ? 37  LEU A N   1 
ATOM   265  C  CA  . LEU A 1 38  ? -3.704  9.193   2.133   1.00 23.55 ? 37  LEU A CA  1 
ATOM   266  C  C   . LEU A 1 38  ? -2.624  10.195  2.501   1.00 22.62 ? 37  LEU A C   1 
ATOM   267  O  O   . LEU A 1 38  ? -1.556  9.784   2.960   1.00 24.32 ? 37  LEU A O   1 
ATOM   268  C  CB  . LEU A 1 38  ? -3.676  8.904   0.628   1.00 24.16 ? 37  LEU A CB  1 
ATOM   269  C  CG  . LEU A 1 38  ? -4.269  7.606   0.125   1.00 27.77 ? 37  LEU A CG  1 
ATOM   270  C  CD1 . LEU A 1 38  ? -4.452  7.719   -1.403  1.00 22.25 ? 37  LEU A CD1 1 
ATOM   271  C  CD2 . LEU A 1 38  ? -3.392  6.390   0.568   1.00 25.43 ? 37  LEU A CD2 1 
ATOM   272  N  N   . PRO A 1 39  ? -2.880  11.501  2.308   1.00 21.27 ? 38  PRO A N   1 
ATOM   273  C  CA  . PRO A 1 39  ? -1.759  12.402  2.571   1.00 20.50 ? 38  PRO A CA  1 
ATOM   274  C  C   . PRO A 1 39  ? -1.157  12.357  3.959   1.00 20.08 ? 38  PRO A C   1 
ATOM   275  O  O   . PRO A 1 39  ? 0.071   12.415  4.088   1.00 22.06 ? 38  PRO A O   1 
ATOM   276  C  CB  . PRO A 1 39  ? -2.356  13.770  2.307   1.00 19.77 ? 38  PRO A CB  1 
ATOM   277  C  CG  . PRO A 1 39  ? -3.472  13.530  1.375   1.00 22.88 ? 38  PRO A CG  1 
ATOM   278  C  CD  . PRO A 1 39  ? -4.049  12.214  1.755   1.00 22.91 ? 38  PRO A CD  1 
ATOM   279  N  N   . GLU A 1 40  ? -1.989  12.205  4.992   1.00 21.26 ? 39  GLU A N   1 
ATOM   280  C  CA  . GLU A 1 40  ? -1.446  12.210  6.349   1.00 21.55 ? 39  GLU A CA  1 
ATOM   281  C  C   . GLU A 1 40  ? -0.640  10.958  6.673   1.00 20.60 ? 39  GLU A C   1 
ATOM   282  O  O   . GLU A 1 40  ? 0.180   10.949  7.604   1.00 21.95 ? 39  GLU A O   1 
ATOM   283  C  CB  . GLU A 1 40  ? -2.590  12.405  7.332   1.00 24.17 ? 39  GLU A CB  1 
ATOM   284  C  CG  . GLU A 1 40  ? -3.478  11.201  7.480   1.00 27.57 ? 39  GLU A CG  1 
ATOM   285  C  CD  . GLU A 1 40  ? -4.876  11.556  8.058   1.00 30.97 ? 39  GLU A CD  1 
ATOM   286  O  OE1 . GLU A 1 40  ? -5.554  12.444  7.514   1.00 35.77 ? 39  GLU A OE1 1 
ATOM   287  O  OE2 . GLU A 1 40  ? -5.268  10.892  9.027   1.00 39.26 ? 39  GLU A OE2 1 
ATOM   288  N  N   . LEU A 1 41  ? -0.829  9.899   5.892   1.00 20.94 ? 40  LEU A N   1 
ATOM   289  C  CA  . LEU A 1 41  ? -0.141  8.626   6.130   1.00 20.77 ? 40  LEU A CA  1 
ATOM   290  C  C   . LEU A 1 41  ? 1.198   8.512   5.390   1.00 22.23 ? 40  LEU A C   1 
ATOM   291  O  O   . LEU A 1 41  ? 1.922   7.548   5.621   1.00 21.01 ? 40  LEU A O   1 
ATOM   292  C  CB  . LEU A 1 41  ? -1.005  7.445   5.671   1.00 21.48 ? 40  LEU A CB  1 
ATOM   293  C  CG  . LEU A 1 41  ? -2.345  7.250   6.354   1.00 21.31 ? 40  LEU A CG  1 
ATOM   294  C  CD1 . LEU A 1 41  ? -3.056  6.092   5.678   1.00 23.68 ? 40  LEU A CD1 1 
ATOM   295  C  CD2 . LEU A 1 41  ? -2.122  6.983   7.830   1.00 24.59 ? 40  LEU A CD2 1 
ATOM   296  N  N   . ILE A 1 42  ? 1.503   9.451   4.464   1.00 20.67 ? 41  ILE A N   1 
ATOM   297  C  CA  . ILE A 1 42  ? 2.592   9.325   3.501   1.00 19.82 ? 41  ILE A CA  1 
ATOM   298  C  C   . ILE A 1 42  ? 3.657   10.364  3.781   1.00 18.28 ? 41  ILE A C   1 
ATOM   299  O  O   . ILE A 1 42  ? 3.347   11.544  3.924   1.00 20.64 ? 41  ILE A O   1 
ATOM   300  C  CB  . ILE A 1 42  ? 2.025   9.493   2.064   1.00 19.82 ? 41  ILE A CB  1 
ATOM   301  C  CG1 . ILE A 1 42  ? 1.029   8.352   1.847   1.00 22.34 ? 41  ILE A CG1 1 
ATOM   302  C  CG2 . ILE A 1 42  ? 3.131   9.497   0.954   1.00 19.65 ? 41  ILE A CG2 1 
ATOM   303  C  CD1 . ILE A 1 42  ? 0.215   8.410   0.570   1.00 23.24 ? 41  ILE A CD1 1 
ATOM   304  N  N   . ALA A 1 43  ? 4.895   9.910   3.888   1.00 18.92 ? 42  ALA A N   1 
ATOM   305  C  CA  . ALA A 1 43  ? 6.046   10.781  4.074   1.00 21.43 ? 42  ALA A CA  1 
ATOM   306  C  C   . ALA A 1 43  ? 6.297   11.679  2.858   1.00 20.36 ? 42  ALA A C   1 
ATOM   307  O  O   . ALA A 1 43  ? 5.947   11.331  1.714   1.00 20.14 ? 42  ALA A O   1 
ATOM   308  C  CB  . ALA A 1 43  ? 7.304   9.949   4.361   1.00 19.44 ? 42  ALA A CB  1 
ATOM   309  N  N   . GLU A 1 44  ? 6.903   12.845  3.109   1.00 19.90 ? 43  GLU A N   1 
ATOM   310  C  CA  . GLU A 1 44  ? 7.206   13.779  2.034   1.00 21.25 ? 43  GLU A CA  1 
ATOM   311  C  C   . GLU A 1 44  ? 7.998   13.100  0.952   1.00 20.83 ? 43  GLU A C   1 
ATOM   312  O  O   . GLU A 1 44  ? 7.765   13.338  -0.247  1.00 21.58 ? 43  GLU A O   1 
ATOM   313  C  CB  . GLU A 1 44  ? 8.016   14.963  2.565   1.00 21.86 ? 43  GLU A CB  1 
ATOM   314  C  CG  . GLU A 1 44  ? 8.230   16.034  1.537   1.00 23.86 ? 43  GLU A CG  1 
ATOM   315  C  CD  . GLU A 1 44  ? 9.085   17.199  2.087   1.00 31.60 ? 43  GLU A CD  1 
ATOM   316  O  OE1 . GLU A 1 44  ? 10.325  17.138  2.011   1.00 37.77 ? 43  GLU A OE1 1 
ATOM   317  O  OE2 . GLU A 1 44  ? 8.492   18.173  2.581   1.00 29.53 ? 43  GLU A OE2 1 
ATOM   318  N  N   A GLU A 1 45  ? 8.925   12.248  1.361   0.70 19.40 ? 44  GLU A N   1 
ATOM   319  N  N   B GLU A 1 45  ? 8.944   12.263  1.374   0.30 20.07 ? 44  GLU A N   1 
ATOM   320  C  CA  A GLU A 1 45  ? 9.864   11.601  0.448   0.70 19.74 ? 44  GLU A CA  1 
ATOM   321  C  CA  B GLU A 1 45  ? 9.876   11.568  0.483   0.30 19.97 ? 44  GLU A CA  1 
ATOM   322  C  C   A GLU A 1 45  ? 9.444   10.180  0.061   0.70 20.77 ? 44  GLU A C   1 
ATOM   323  C  C   B GLU A 1 45  ? 9.485   10.114  0.234   0.30 19.58 ? 44  GLU A C   1 
ATOM   324  O  O   A GLU A 1 45  ? 10.236  9.464   -0.583  0.70 20.78 ? 44  GLU A O   1 
ATOM   325  O  O   B GLU A 1 45  ? 10.341  9.289   -0.081  0.30 19.75 ? 44  GLU A O   1 
ATOM   326  C  CB  A GLU A 1 45  ? 11.273  11.562  1.055   0.70 22.32 ? 44  GLU A CB  1 
ATOM   327  C  CB  B GLU A 1 45  ? 11.294  11.619  1.070   0.30 21.09 ? 44  GLU A CB  1 
ATOM   328  C  CG  A GLU A 1 45  ? 11.476  10.540  2.170   0.70 23.85 ? 44  GLU A CG  1 
ATOM   329  C  CG  B GLU A 1 45  ? 11.758  13.031  1.332   0.30 24.10 ? 44  GLU A CG  1 
ATOM   330  C  CD  A GLU A 1 45  ? 11.095  11.051  3.615   0.70 29.44 ? 44  GLU A CD  1 
ATOM   331  C  CD  B GLU A 1 45  ? 13.177  13.144  1.909   0.30 21.07 ? 44  GLU A CD  1 
ATOM   332  O  OE1 A GLU A 1 45  ? 10.216  11.959  3.801   0.70 18.85 ? 44  GLU A OE1 1 
ATOM   333  O  OE1 B GLU A 1 45  ? 13.997  12.218  1.729   0.30 29.23 ? 44  GLU A OE1 1 
ATOM   334  O  OE2 A GLU A 1 45  ? 11.700  10.498  4.577   0.70 31.67 ? 44  GLU A OE2 1 
ATOM   335  O  OE2 B GLU A 1 45  ? 13.467  14.192  2.535   0.30 31.88 ? 44  GLU A OE2 1 
ATOM   336  N  N   . CYS A 1 46  ? 8.204   9.791   0.372   1.00 18.95 ? 45  CYS A N   1 
ATOM   337  C  CA  . CYS A 1 46  ? 7.721   8.405   0.103   1.00 18.35 ? 45  CYS A CA  1 
ATOM   338  C  C   . CYS A 1 46  ? 8.023   7.943   -1.338  1.00 20.09 ? 45  CYS A C   1 
ATOM   339  O  O   . CYS A 1 46  ? 7.877   8.736   -2.251  1.00 20.57 ? 45  CYS A O   1 
ATOM   340  C  CB  . CYS A 1 46  ? 6.247   8.310   0.332   1.00 19.47 ? 45  CYS A CB  1 
ATOM   341  S  SG  . CYS A 1 46  ? 5.602   6.611   0.353   1.00 21.89 ? 45  CYS A SG  1 
ATOM   342  N  N   . VAL A 1 47  ? 8.430   6.685   -1.507  1.00 20.27 ? 46  VAL A N   1 
ATOM   343  C  CA  . VAL A 1 47  ? 8.643   6.097   -2.811  1.00 20.97 ? 46  VAL A CA  1 
ATOM   344  C  C   . VAL A 1 47  ? 7.757   4.846   -2.942  1.00 20.10 ? 46  VAL A C   1 
ATOM   345  O  O   . VAL A 1 47  ? 7.752   4.001   -2.048  1.00 21.65 ? 46  VAL A O   1 
ATOM   346  C  CB  . VAL A 1 47  ? 10.102  5.692   -3.000  1.00 22.29 ? 46  VAL A CB  1 
ATOM   347  C  CG1 . VAL A 1 47  ? 10.354  4.897   -4.307  1.00 25.01 ? 46  VAL A CG1 1 
ATOM   348  C  CG2 . VAL A 1 47  ? 10.976  6.955   -2.999  1.00 19.41 ? 46  VAL A CG2 1 
ATOM   349  N  N   . ILE A 1 48  ? 7.078   4.721   -4.073  1.00 21.57 ? 47  ILE A N   1 
ATOM   350  C  CA  . ILE A 1 48  ? 6.393   3.493   -4.448  1.00 19.68 ? 47  ILE A CA  1 
ATOM   351  C  C   . ILE A 1 48  ? 7.218   2.860   -5.602  1.00 20.60 ? 47  ILE A C   1 
ATOM   352  O  O   . ILE A 1 48  ? 7.580   3.532   -6.580  1.00 21.16 ? 47  ILE A O   1 
ATOM   353  C  CB  . ILE A 1 48  ? 4.976   3.782   -4.941  1.00 20.00 ? 47  ILE A CB  1 
ATOM   354  C  CG1 . ILE A 1 48  ? 4.123   4.287   -3.793  1.00 20.48 ? 47  ILE A CG1 1 
ATOM   355  C  CG2 . ILE A 1 48  ? 4.334   2.506   -5.578  1.00 22.47 ? 47  ILE A CG2 1 
ATOM   356  C  CD1 . ILE A 1 48  ? 2.755   4.853   -4.292  1.00 21.20 ? 47  ILE A CD1 1 
ATOM   357  N  N   . GLU A 1 49  ? 7.470   1.551   -5.493  1.00 18.70 ? 48  GLU A N   1 
ATOM   358  C  CA  . GLU A 1 49  ? 8.024   0.763   -6.598  1.00 21.32 ? 48  GLU A CA  1 
ATOM   359  C  C   . GLU A 1 49  ? 6.831   -0.056  -7.025  1.00 21.84 ? 48  GLU A C   1 
ATOM   360  O  O   . GLU A 1 49  ? 6.434   -1.005  -6.361  1.00 20.40 ? 48  GLU A O   1 
ATOM   361  C  CB  . GLU A 1 49  ? 9.208   -0.059  -6.164  1.00 21.38 ? 48  GLU A CB  1 
ATOM   362  C  CG  . GLU A 1 49  ? 10.387  0.817   -5.749  1.00 22.84 ? 48  GLU A CG  1 
ATOM   363  C  CD  . GLU A 1 49  ? 11.656  0.066   -5.465  1.00 26.46 ? 48  GLU A CD  1 
ATOM   364  O  OE1 . GLU A 1 49  ? 11.668  -1.184  -5.477  1.00 21.58 ? 48  GLU A OE1 1 
ATOM   365  O  OE2 . GLU A 1 49  ? 12.672  0.773   -5.186  1.00 30.15 ? 48  GLU A OE2 1 
ATOM   366  N  N   A ASN A 1 50  ? 6.171   0.353   -8.105  0.50 23.21 ? 49  ASN A N   1 
ATOM   367  N  N   B ASN A 1 50  ? 6.301   0.324   -8.188  0.50 21.59 ? 49  ASN A N   1 
ATOM   368  C  CA  A ASN A 1 50  ? 4.906   -0.287  -8.476  0.50 24.56 ? 49  ASN A CA  1 
ATOM   369  C  CA  B ASN A 1 50  ? 5.068   -0.221  -8.772  0.50 21.70 ? 49  ASN A CA  1 
ATOM   370  C  C   A ASN A 1 50  ? 5.139   -1.669  -9.103  0.50 22.68 ? 49  ASN A C   1 
ATOM   371  C  C   B ASN A 1 50  ? 5.180   -1.731  -9.032  0.50 20.29 ? 49  ASN A C   1 
ATOM   372  O  O   A ASN A 1 50  ? 6.238   -2.046  -9.506  0.50 20.39 ? 49  ASN A O   1 
ATOM   373  O  O   B ASN A 1 50  ? 6.270   -2.292  -9.036  0.50 18.96 ? 49  ASN A O   1 
ATOM   374  C  CB  A ASN A 1 50  ? 4.070   0.614   -9.409  0.50 25.78 ? 49  ASN A CB  1 
ATOM   375  C  CB  B ASN A 1 50  ? 4.786   0.518   -10.094 0.50 18.37 ? 49  ASN A CB  1 
ATOM   376  C  CG  A ASN A 1 50  ? 2.521   0.316   -9.384  0.50 24.81 ? 49  ASN A CG  1 
ATOM   377  C  CG  B ASN A 1 50  ? 3.302   0.475   -10.540 0.50 23.78 ? 49  ASN A CG  1 
ATOM   378  O  OD1 A ASN A 1 50  ? 1.977   -0.430  -8.556  0.50 22.16 ? 49  ASN A OD1 1 
ATOM   379  O  OD1 B ASN A 1 50  ? 2.732   -0.587  -10.756 0.50 31.42 ? 49  ASN A OD1 1 
ATOM   380  N  ND2 A ASN A 1 50  ? 1.819   0.951   -10.331 0.50 28.49 ? 49  ASN A ND2 1 
ATOM   381  N  ND2 B ASN A 1 50  ? 2.695   1.669   -10.720 0.50 26.20 ? 49  ASN A ND2 1 
ATOM   382  N  N   . THR A 1 51  ? 4.031   -2.375  -9.241  1.00 23.18 ? 50  THR A N   1 
ATOM   383  C  CA  . THR A 1 51  ? 3.992   -3.793  -9.640  1.00 22.57 ? 50  THR A CA  1 
ATOM   384  C  C   . THR A 1 51  ? 4.409   -4.042  -11.056 1.00 23.41 ? 50  THR A C   1 
ATOM   385  O  O   . THR A 1 51  ? 4.815   -5.155  -11.393 1.00 24.65 ? 50  THR A O   1 
ATOM   386  C  CB  . THR A 1 51  ? 2.583   -4.352  -9.492  1.00 23.48 ? 50  THR A CB  1 
ATOM   387  O  OG1 . THR A 1 51  ? 1.673   -3.536  -10.273 1.00 23.82 ? 50  THR A OG1 1 
ATOM   388  C  CG2 . THR A 1 51  ? 2.088   -4.411  -8.042  1.00 21.57 ? 50  THR A CG2 1 
ATOM   389  N  N   . VAL A 1 52  ? 4.267   -3.008  -11.874 1.00 24.43 ? 51  VAL A N   1 
ATOM   390  C  CA  . VAL A 1 52  ? 4.549   -3.052  -13.299 1.00 22.16 ? 51  VAL A CA  1 
ATOM   391  C  C   . VAL A 1 52  ? 5.252   -1.794  -13.764 1.00 23.67 ? 51  VAL A C   1 
ATOM   392  O  O   . VAL A 1 52  ? 5.160   -0.741  -13.136 1.00 23.83 ? 51  VAL A O   1 
ATOM   393  C  CB  . VAL A 1 52  ? 3.223   -3.215  -14.137 1.00 24.09 ? 51  VAL A CB  1 
ATOM   394  C  CG1 . VAL A 1 52  ? 2.561   -4.514  -13.752 1.00 24.61 ? 51  VAL A CG1 1 
ATOM   395  C  CG2 . VAL A 1 52  ? 2.244   -2.047  -13.882 1.00 25.58 ? 51  VAL A CG2 1 
ATOM   396  N  N   . PRO A 1 53  ? 5.971   -1.894  -14.880 1.00 24.02 ? 52  PRO A N   1 
ATOM   397  C  CA  . PRO A 1 53  ? 6.265   -3.070  -15.665 1.00 25.56 ? 52  PRO A CA  1 
ATOM   398  C  C   . PRO A 1 53  ? 7.586   -3.718  -15.301 1.00 25.78 ? 52  PRO A C   1 
ATOM   399  O  O   . PRO A 1 53  ? 8.527   -3.047  -14.925 1.00 23.62 ? 52  PRO A O   1 
ATOM   400  C  CB  . PRO A 1 53  ? 6.406   -2.493  -17.077 1.00 25.38 ? 52  PRO A CB  1 
ATOM   401  C  CG  . PRO A 1 53  ? 7.009   -1.129  -16.796 1.00 25.46 ? 52  PRO A CG  1 
ATOM   402  C  CD  . PRO A 1 53  ? 6.524   -0.664  -15.502 1.00 27.22 ? 52  PRO A CD  1 
ATOM   403  N  N   . ALA A 1 54  ? 7.668   -5.022  -15.476 1.00 24.07 ? 53  ALA A N   1 
ATOM   404  C  CA  . ALA A 1 54  ? 8.949   -5.711  -15.451 1.00 22.33 ? 53  ALA A CA  1 
ATOM   405  C  C   . ALA A 1 54  ? 9.901   -5.015  -16.433 1.00 24.96 ? 53  ALA A C   1 
ATOM   406  O  O   . ALA A 1 54  ? 9.473   -4.505  -17.478 1.00 24.41 ? 53  ALA A O   1 
ATOM   407  C  CB  . ALA A 1 54  ? 8.761   -7.167  -15.832 1.00 19.67 ? 53  ALA A CB  1 
ATOM   408  N  N   . PRO A 1 55  ? 11.202  -5.063  -16.155 1.00 24.24 ? 54  PRO A N   1 
ATOM   409  C  CA  . PRO A 1 55  ? 11.853  -5.754  -15.056 1.00 22.59 ? 54  PRO A CA  1 
ATOM   410  C  C   . PRO A 1 55  ? 11.783  -5.132  -13.715 1.00 23.86 ? 54  PRO A C   1 
ATOM   411  O  O   . PRO A 1 55  ? 11.820  -5.865  -12.728 1.00 21.64 ? 54  PRO A O   1 
ATOM   412  C  CB  . PRO A 1 55  ? 13.302  -5.793  -15.506 1.00 25.09 ? 54  PRO A CB  1 
ATOM   413  C  CG  . PRO A 1 55  ? 13.469  -4.557  -16.332 1.00 32.28 ? 54  PRO A CG  1 
ATOM   414  C  CD  . PRO A 1 55  ? 12.183  -4.432  -17.078 1.00 26.96 ? 54  PRO A CD  1 
ATOM   415  N  N   . ASP A 1 56  ? 11.678  -3.816  -13.642 1.00 22.35 ? 55  ASP A N   1 
ATOM   416  C  CA  . ASP A 1 56  ? 11.936  -3.088  -12.390 1.00 21.99 ? 55  ASP A CA  1 
ATOM   417  C  C   . ASP A 1 56  ? 10.741  -2.607  -11.581 1.00 23.94 ? 55  ASP A C   1 
ATOM   418  O  O   . ASP A 1 56  ? 10.845  -2.321  -10.368 1.00 22.45 ? 55  ASP A O   1 
ATOM   419  C  CB  . ASP A 1 56  ? 12.826  -1.871  -12.682 1.00 21.61 ? 55  ASP A CB  1 
ATOM   420  C  CG  . ASP A 1 56  ? 14.189  -2.234  -13.144 1.00 25.07 ? 55  ASP A CG  1 
ATOM   421  O  OD1 . ASP A 1 56  ? 14.727  -3.235  -12.650 1.00 30.55 ? 55  ASP A OD1 1 
ATOM   422  O  OD2 . ASP A 1 56  ? 14.748  -1.551  -14.034 1.00 19.92 ? 55  ASP A OD2 1 
ATOM   423  N  N   . GLY A 1 57  ? 9.614   -2.436  -12.280 1.00 20.41 ? 56  GLY A N   1 
ATOM   424  C  CA  . GLY A 1 57  ? 8.473   -1.727  -11.777 1.00 22.61 ? 56  GLY A CA  1 
ATOM   425  C  C   . GLY A 1 57  ? 8.714   -0.227  -11.926 1.00 25.89 ? 56  GLY A C   1 
ATOM   426  O  O   . GLY A 1 57  ? 9.842   0.207   -11.750 1.00 29.03 ? 56  GLY A O   1 
ATOM   427  N  N   A ALA A 1 58  ? 7.695   0.540   -12.294 0.50 23.40 ? 57  ALA A N   1 
ATOM   428  N  N   B ALA A 1 58  ? 7.664   0.540   -12.205 0.50 23.79 ? 57  ALA A N   1 
ATOM   429  C  CA  A ALA A 1 58  ? 7.831   1.978   -12.326 0.50 22.12 ? 57  ALA A CA  1 
ATOM   430  C  CA  B ALA A 1 58  ? 7.775   1.980   -12.279 0.50 22.44 ? 57  ALA A CA  1 
ATOM   431  C  C   A ALA A 1 58  ? 8.188   2.411   -10.916 0.50 23.93 ? 57  ALA A C   1 
ATOM   432  C  C   B ALA A 1 58  ? 7.849   2.576   -10.873 0.50 24.80 ? 57  ALA A C   1 
ATOM   433  O  O   A ALA A 1 58  ? 8.186   1.578   -9.989  0.50 23.62 ? 57  ALA A O   1 
ATOM   434  O  O   B ALA A 1 58  ? 7.226   2.092   -9.907  0.50 26.61 ? 57  ALA A O   1 
ATOM   435  C  CB  A ALA A 1 58  ? 6.529   2.623   -12.785 0.50 22.72 ? 57  ALA A CB  1 
ATOM   436  C  CB  B ALA A 1 58  ? 6.604   2.566   -13.076 0.50 22.38 ? 57  ALA A CB  1 
ATOM   437  N  N   . ARG A 1 59  ? 8.559   3.679   -10.777 1.00 20.54 ? 58  ARG A N   1 
ATOM   438  C  CA  . ARG A 1 59  ? 8.854   4.283   -9.503  1.00 21.46 ? 58  ARG A CA  1 
ATOM   439  C  C   . ARG A 1 59  ? 8.074   5.574   -9.415  1.00 20.98 ? 58  ARG A C   1 
ATOM   440  O  O   . ARG A 1 59  ? 7.959   6.286   -10.403 1.00 22.30 ? 58  ARG A O   1 
ATOM   441  C  CB  . ARG A 1 59  ? 10.366  4.521   -9.402  1.00 21.73 ? 58  ARG A CB  1 
ATOM   442  C  CG  . ARG A 1 59  ? 10.872  4.955   -8.091  1.00 24.23 ? 58  ARG A CG  1 
ATOM   443  C  CD  . ARG A 1 59  ? 12.387  5.105   -8.152  1.00 23.17 ? 58  ARG A CD  1 
ATOM   444  N  NE  . ARG A 1 59  ? 12.999  5.447   -6.859  1.00 25.08 ? 58  ARG A NE  1 
ATOM   445  C  CZ  . ARG A 1 59  ? 13.160  6.676   -6.407  1.00 28.61 ? 58  ARG A CZ  1 
ATOM   446  N  NH1 . ARG A 1 59  ? 12.819  7.729   -7.154  1.00 34.14 ? 58  ARG A NH1 1 
ATOM   447  N  NH2 . ARG A 1 59  ? 13.717  6.855   -5.217  1.00 31.22 ? 58  ARG A NH2 1 
ATOM   448  N  N   . HIS A 1 60  ? 7.528   5.861   -8.237  1.00 20.55 ? 59  HIS A N   1 
ATOM   449  C  CA  . HIS A 1 60  ? 6.775   7.110   -7.983  1.00 21.36 ? 59  HIS A CA  1 
ATOM   450  C  C   . HIS A 1 60  ? 7.430   7.670   -6.757  1.00 21.62 ? 59  HIS A C   1 
ATOM   451  O  O   . HIS A 1 60  ? 7.602   6.963   -5.760  1.00 21.35 ? 59  HIS A O   1 
ATOM   452  C  CB  . HIS A 1 60  ? 5.277   6.859   -7.779  1.00 21.14 ? 59  HIS A CB  1 
ATOM   453  C  CG  . HIS A 1 60  ? 4.653   6.142   -8.918  1.00 24.53 ? 59  HIS A CG  1 
ATOM   454  N  ND1 . HIS A 1 60  ? 3.953   6.790   -9.908  1.00 31.04 ? 59  HIS A ND1 1 
ATOM   455  C  CD2 . HIS A 1 60  ? 4.700   4.843   -9.267  1.00 28.34 ? 59  HIS A CD2 1 
ATOM   456  C  CE1 . HIS A 1 60  ? 3.588   5.906   -10.819 1.00 28.81 ? 59  HIS A CE1 1 
ATOM   457  N  NE2 . HIS A 1 60  ? 4.039   4.726   -10.459 1.00 29.14 ? 59  HIS A NE2 1 
ATOM   458  N  N   . ALA A 1 61  ? 7.765   8.943   -6.781  1.00 20.36 ? 60  ALA A N   1 
ATOM   459  C  CA  . ALA A 1 61  ? 8.502   9.545   -5.667  1.00 19.52 ? 60  ALA A CA  1 
ATOM   460  C  C   . ALA A 1 61  ? 7.873   10.836  -5.200  1.00 18.09 ? 60  ALA A C   1 
ATOM   461  O  O   . ALA A 1 61  ? 7.537   11.710  -6.003  1.00 18.27 ? 60  ALA A O   1 
ATOM   462  C  CB  . ALA A 1 61  ? 9.942   9.813   -6.086  1.00 21.81 ? 60  ALA A CB  1 
ATOM   463  N  N   . GLY A 1 62  ? 7.827   10.999  -3.888  1.00 21.20 ? 61  GLY A N   1 
ATOM   464  C  CA  . GLY A 1 62  ? 7.258   12.173  -3.275  1.00 19.25 ? 61  GLY A CA  1 
ATOM   465  C  C   . GLY A 1 62  ? 5.808   11.976  -2.917  1.00 20.93 ? 61  GLY A C   1 
ATOM   466  O  O   . GLY A 1 62  ? 5.076   11.252  -3.589  1.00 20.74 ? 61  GLY A O   1 
ATOM   467  N  N   . ARG A 1 63  ? 5.374   12.654  -1.878  1.00 20.52 ? 62  ARG A N   1 
ATOM   468  C  CA  . ARG A 1 63  ? 4.014   12.501  -1.398  1.00 18.69 ? 62  ARG A CA  1 
ATOM   469  C  C   . ARG A 1 63  ? 2.967   12.729  -2.501  1.00 22.02 ? 62  ARG A C   1 
ATOM   470  O  O   . ARG A 1 63  ? 2.012   11.975  -2.612  1.00 21.73 ? 62  ARG A O   1 
ATOM   471  C  CB  . ARG A 1 63  ? 3.727   13.440  -0.229  1.00 20.72 ? 62  ARG A CB  1 
ATOM   472  C  CG  . ARG A 1 63  ? 2.283   13.334  0.268   1.00 19.95 ? 62  ARG A CG  1 
ATOM   473  C  CD  . ARG A 1 63  ? 1.978   14.319  1.388   1.00 22.59 ? 62  ARG A CD  1 
ATOM   474  N  NE  . ARG A 1 63  ? 2.723   14.040  2.582   1.00 24.48 ? 62  ARG A NE  1 
ATOM   475  C  CZ  . ARG A 1 63  ? 3.645   14.823  3.139   1.00 23.64 ? 62  ARG A CZ  1 
ATOM   476  N  NH1 . ARG A 1 63  ? 3.945   16.042  2.706   1.00 24.72 ? 62  ARG A NH1 1 
ATOM   477  N  NH2 . ARG A 1 63  ? 4.246   14.384  4.221   1.00 24.45 ? 62  ARG A NH2 1 
ATOM   478  N  N   . GLN A 1 64  ? 3.161   13.757  -3.334  1.00 20.41 ? 63  GLN A N   1 
ATOM   479  C  CA  . GLN A 1 64  ? 2.154   14.081  -4.332  1.00 19.69 ? 63  GLN A CA  1 
ATOM   480  C  C   . GLN A 1 64  ? 1.916   12.920  -5.299  1.00 20.59 ? 63  GLN A C   1 
ATOM   481  O  O   . GLN A 1 64  ? 0.764   12.531  -5.583  1.00 20.72 ? 63  GLN A O   1 
ATOM   482  C  CB  . GLN A 1 64  ? 2.569   15.333  -5.078  1.00 20.54 ? 63  GLN A CB  1 
ATOM   483  C  CG  . GLN A 1 64  ? 1.599   15.787  -6.115  1.00 25.40 ? 63  GLN A CG  1 
ATOM   484  C  CD  . GLN A 1 64  ? 2.102   16.993  -6.881  1.00 26.69 ? 63  GLN A CD  1 
ATOM   485  O  OE1 . GLN A 1 64  ? 3.121   16.922  -7.604  1.00 27.11 ? 63  GLN A OE1 1 
ATOM   486  N  NE2 . GLN A 1 64  ? 1.393   18.079  -6.770  1.00 29.81 ? 63  GLN A NE2 1 
ATOM   487  N  N   . ALA A 1 65  ? 3.010   12.412  -5.870  1.00 19.83 ? 64  ALA A N   1 
ATOM   488  C  CA  . ALA A 1 65  ? 2.955   11.287  -6.830  1.00 19.19 ? 64  ALA A CA  1 
ATOM   489  C  C   . ALA A 1 65  ? 2.325   10.050  -6.179  1.00 20.03 ? 64  ALA A C   1 
ATOM   490  O  O   . ALA A 1 65  ? 1.576   9.319   -6.828  1.00 21.16 ? 64  ALA A O   1 
ATOM   491  C  CB  . ALA A 1 65  ? 4.352   10.957  -7.343  1.00 20.51 ? 64  ALA A CB  1 
ATOM   492  N  N   . CYS A 1 66  ? 2.702   9.795   -4.930  1.00 21.50 ? 65  CYS A N   1 
ATOM   493  C  CA  . CYS A 1 66  ? 2.214   8.595   -4.232  1.00 20.83 ? 65  CYS A CA  1 
ATOM   494  C  C   . CYS A 1 66  ? 0.726   8.740   -3.941  1.00 21.60 ? 65  CYS A C   1 
ATOM   495  O  O   . CYS A 1 66  ? -0.032  7.822   -4.199  1.00 21.97 ? 65  CYS A O   1 
ATOM   496  C  CB  . CYS A 1 66  ? 2.999   8.331   -2.974  1.00 22.11 ? 65  CYS A CB  1 
ATOM   497  S  SG  . CYS A 1 66  ? 4.719   7.903   -3.330  1.00 22.03 ? 65  CYS A SG  1 
ATOM   498  N  N   . VAL A 1 67  ? 0.301   9.892   -3.428  1.00 19.63 ? 66  VAL A N   1 
ATOM   499  C  CA  . VAL A 1 67  ? -1.152  10.178  -3.247  1.00 19.86 ? 66  VAL A CA  1 
ATOM   500  C  C   . VAL A 1 67  ? -1.909  10.062  -4.564  1.00 22.40 ? 66  VAL A C   1 
ATOM   501  O  O   . VAL A 1 67  ? -2.971  9.411   -4.624  1.00 21.98 ? 66  VAL A O   1 
ATOM   502  C  CB  . VAL A 1 67  ? -1.438  11.568  -2.589  1.00 19.94 ? 66  VAL A CB  1 
ATOM   503  C  CG1 . VAL A 1 67  ? -2.964  11.880  -2.667  1.00 21.05 ? 66  VAL A CG1 1 
ATOM   504  C  CG2 . VAL A 1 67  ? -0.878  11.563  -1.099  1.00 23.03 ? 66  VAL A CG2 1 
ATOM   505  N  N   . GLN A 1 68  ? -1.366  10.621  -5.641  1.00 21.77 ? 67  GLN A N   1 
ATOM   506  C  CA  . GLN A 1 68  ? -2.099  10.604  -6.904  1.00 23.55 ? 67  GLN A CA  1 
ATOM   507  C  C   . GLN A 1 68  ? -2.310  9.156   -7.368  1.00 23.12 ? 67  GLN A C   1 
ATOM   508  O  O   . GLN A 1 68  ? -3.411  8.819   -7.829  1.00 22.37 ? 67  GLN A O   1 
ATOM   509  C  CB  . GLN A 1 68  ? -1.365  11.383  -7.973  1.00 25.40 ? 67  GLN A CB  1 
ATOM   510  C  CG  . GLN A 1 68  ? -2.127  11.542  -9.274  1.00 29.59 ? 67  GLN A CG  1 
ATOM   511  C  CD  . GLN A 1 68  ? -1.425  12.562  -10.196 1.00 37.77 ? 67  GLN A CD  1 
ATOM   512  O  OE1 . GLN A 1 68  ? -1.028  13.666  -9.759  1.00 56.93 ? 67  GLN A OE1 1 
ATOM   513  N  NE2 . GLN A 1 68  ? -1.248  12.184  -11.456 1.00 51.74 ? 67  GLN A NE2 1 
ATOM   514  N  N   . LEU A 1 69  ? -1.272  8.328   -7.284  1.00 21.34 ? 68  LEU A N   1 
ATOM   515  C  CA  . LEU A 1 69  ? -1.345  6.968   -7.779  1.00 21.51 ? 68  LEU A CA  1 
ATOM   516  C  C   . LEU A 1 69  ? -2.320  6.153   -6.947  1.00 22.25 ? 68  LEU A C   1 
ATOM   517  O  O   . LEU A 1 69  ? -3.234  5.535   -7.466  1.00 22.84 ? 68  LEU A O   1 
ATOM   518  C  CB  . LEU A 1 69  ? 0.005   6.285   -7.807  1.00 23.43 ? 68  LEU A CB  1 
ATOM   519  C  CG  . LEU A 1 69  ? 0.042   4.781   -8.246  1.00 23.80 ? 68  LEU A CG  1 
ATOM   520  C  CD1 . LEU A 1 69  ? -0.310  4.646   -9.666  1.00 29.66 ? 68  LEU A CD1 1 
ATOM   521  C  CD2 . LEU A 1 69  ? 1.380   4.139   -7.964  1.00 25.02 ? 68  LEU A CD2 1 
ATOM   522  N  N   . TRP A 1 70  ? -2.133  6.161   -5.642  1.00 21.24 ? 69  TRP A N   1 
ATOM   523  C  CA  . TRP A 1 70  ? -3.022  5.399   -4.790  1.00 20.87 ? 69  TRP A CA  1 
ATOM   524  C  C   . TRP A 1 70  ? -4.486  5.882   -4.840  1.00 21.63 ? 69  TRP A C   1 
ATOM   525  O  O   . TRP A 1 70  ? -5.413  5.075   -4.752  1.00 21.82 ? 69  TRP A O   1 
ATOM   526  C  CB  . TRP A 1 70  ? -2.492  5.392   -3.386  1.00 21.36 ? 69  TRP A CB  1 
ATOM   527  C  CG  . TRP A 1 70  ? -1.424  4.369   -3.176  1.00 20.18 ? 69  TRP A CG  1 
ATOM   528  C  CD1 . TRP A 1 70  ? -1.376  3.101   -3.700  1.00 23.23 ? 69  TRP A CD1 1 
ATOM   529  C  CD2 . TRP A 1 70  ? -0.286  4.480   -2.311  1.00 18.16 ? 69  TRP A CD2 1 
ATOM   530  N  NE1 . TRP A 1 70  ? -0.274  2.423   -3.195  1.00 25.61 ? 69  TRP A NE1 1 
ATOM   531  C  CE2 . TRP A 1 70  ? 0.363   3.239   -2.309  1.00 20.85 ? 69  TRP A CE2 1 
ATOM   532  C  CE3 . TRP A 1 70  ? 0.211   5.504   -1.484  1.00 23.67 ? 69  TRP A CE3 1 
ATOM   533  C  CZ2 . TRP A 1 70  ? 1.516   3.022   -1.580  1.00 23.52 ? 69  TRP A CZ2 1 
ATOM   534  C  CZ3 . TRP A 1 70  ? 1.341   5.288   -0.783  1.00 25.94 ? 69  TRP A CZ3 1 
ATOM   535  C  CH2 . TRP A 1 70  ? 1.998   4.043   -0.831  1.00 25.29 ? 69  TRP A CH2 1 
ATOM   536  N  N   A SER A 1 71  ? -4.701  7.190   -4.964  0.50 20.18 ? 70  SER A N   1 
ATOM   537  N  N   B SER A 1 71  ? -4.685  7.186   -4.957  0.50 20.24 ? 70  SER A N   1 
ATOM   538  C  CA  A SER A 1 71  ? -6.061  7.755   -5.077  0.50 20.73 ? 70  SER A CA  1 
ATOM   539  C  CA  B SER A 1 71  ? -6.028  7.737   -5.070  0.50 20.92 ? 70  SER A CA  1 
ATOM   540  C  C   A SER A 1 71  ? -6.785  7.242   -6.319  0.50 23.41 ? 70  SER A C   1 
ATOM   541  C  C   B SER A 1 71  ? -6.738  7.151   -6.289  0.50 23.21 ? 70  SER A C   1 
ATOM   542  O  O   A SER A 1 71  ? -7.981  6.934   -6.301  0.50 23.10 ? 70  SER A O   1 
ATOM   543  O  O   B SER A 1 71  ? -7.858  6.656   -6.212  0.50 22.80 ? 70  SER A O   1 
ATOM   544  C  CB  A SER A 1 71  ? -6.002  9.289   -5.097  0.50 20.84 ? 70  SER A CB  1 
ATOM   545  C  CB  B SER A 1 71  ? -5.958  9.260   -5.157  0.50 20.98 ? 70  SER A CB  1 
ATOM   546  O  OG  A SER A 1 71  ? -5.481  9.788   -3.880  0.50 21.73 ? 70  SER A OG  1 
ATOM   547  O  OG  B SER A 1 71  ? -7.239  9.810   -4.981  0.50 22.92 ? 70  SER A OG  1 
ATOM   548  N  N   . ALA A 1 72  ? -6.057  7.180   -7.417  1.00 21.76 ? 71  ALA A N   1 
ATOM   549  C  CA  . ALA A 1 72  ? -6.638  6.716   -8.661  1.00 23.04 ? 71  ALA A CA  1 
ATOM   550  C  C   . ALA A 1 72  ? -6.996  5.233   -8.504  1.00 23.14 ? 71  ALA A C   1 
ATOM   551  O  O   . ALA A 1 72  ? -8.041  4.788   -8.982  1.00 26.96 ? 71  ALA A O   1 
ATOM   552  C  CB  . ALA A 1 72  ? -5.656  6.908   -9.817  1.00 25.53 ? 71  ALA A CB  1 
ATOM   553  N  N   . ILE A 1 73  ? -6.077  4.471   -7.929  1.00 22.32 ? 72  ILE A N   1 
ATOM   554  C  CA  . ILE A 1 73  ? -6.271  3.023   -7.719  1.00 24.78 ? 72  ILE A CA  1 
ATOM   555  C  C   . ILE A 1 73  ? -7.511  2.805   -6.870  1.00 25.79 ? 72  ILE A C   1 
ATOM   556  O  O   . ILE A 1 73  ? -8.354  1.975   -7.218  1.00 27.29 ? 72  ILE A O   1 
ATOM   557  C  CB  . ILE A 1 73  ? -5.041  2.314   -7.128  1.00 27.42 ? 72  ILE A CB  1 
ATOM   558  C  CG1 . ILE A 1 73  ? -3.925  2.282   -8.193  1.00 24.32 ? 72  ILE A CG1 1 
ATOM   559  C  CG2 . ILE A 1 73  ? -5.414  0.856   -6.654  1.00 22.91 ? 72  ILE A CG2 1 
ATOM   560  C  CD1 . ILE A 1 73  ? -2.561  1.898   -7.638  1.00 25.04 ? 72  ILE A CD1 1 
ATOM   561  N  N   . ALA A 1 74  ? -7.623  3.557   -5.789  1.00 23.96 ? 73  ALA A N   1 
ATOM   562  C  CA  . ALA A 1 74  ? -8.723  3.407   -4.816  1.00 22.72 ? 73  ALA A CA  1 
ATOM   563  C  C   . ALA A 1 74  ? -10.085 3.742   -5.359  1.00 23.06 ? 73  ALA A C   1 
ATOM   564  O  O   . ALA A 1 74  ? -11.087 3.302   -4.812  1.00 23.06 ? 73  ALA A O   1 
ATOM   565  C  CB  . ALA A 1 74  ? -8.477  4.264   -3.560  1.00 23.23 ? 73  ALA A CB  1 
ATOM   566  N  N   . THR A 1 75  ? -10.117 4.588   -6.366  1.00 21.74 ? 74  THR A N   1 
ATOM   567  C  CA  . THR A 1 75  ? -11.373 5.089   -6.884  1.00 23.57 ? 74  THR A CA  1 
ATOM   568  C  C   . THR A 1 75  ? -11.696 4.632   -8.310  1.00 26.47 ? 74  THR A C   1 
ATOM   569  O  O   . THR A 1 75  ? -12.673 5.118   -8.898  1.00 27.77 ? 74  THR A O   1 
ATOM   570  C  CB  . THR A 1 75  ? -11.430 6.653   -6.810  1.00 26.01 ? 74  THR A CB  1 
ATOM   571  O  OG1 . THR A 1 75  ? -10.388 7.199   -7.622  1.00 27.11 ? 74  THR A OG1 1 
ATOM   572  C  CG2 . THR A 1 75  ? -11.307 7.126   -5.373  1.00 25.61 ? 74  THR A CG2 1 
ATOM   573  N  N   A GLN A 1 76  ? -10.925 3.707   -8.873  0.50 27.05 ? 75  GLN A N   1 
ATOM   574  N  N   B GLN A 1 76  ? -10.932 3.701   -8.860  0.50 26.34 ? 75  GLN A N   1 
ATOM   575  C  CA  A GLN A 1 76  ? -11.185 3.238   -10.240 0.50 27.12 ? 75  GLN A CA  1 
ATOM   576  C  CA  B GLN A 1 76  ? -11.232 3.242   -10.203 0.50 27.62 ? 75  GLN A CA  1 
ATOM   577  C  C   A GLN A 1 76  ? -12.451 2.370   -10.264 0.50 27.15 ? 75  GLN A C   1 
ATOM   578  C  C   B GLN A 1 76  ? -12.515 2.415   -10.181 0.50 27.17 ? 75  GLN A C   1 
ATOM   579  O  O   A GLN A 1 76  ? -12.478 1.316   -9.626  0.50 25.88 ? 75  GLN A O   1 
ATOM   580  O  O   B GLN A 1 76  ? -12.638 1.467   -9.406  0.50 26.04 ? 75  GLN A O   1 
ATOM   581  C  CB  A GLN A 1 76  ? -9.983  2.439   -10.768 0.50 28.28 ? 75  GLN A CB  1 
ATOM   582  C  CB  B GLN A 1 76  ? -10.091 2.422   -10.779 0.50 28.14 ? 75  GLN A CB  1 
ATOM   583  C  CG  A GLN A 1 76  ? -10.084 1.973   -12.223 0.50 30.50 ? 75  GLN A CG  1 
ATOM   584  C  CG  B GLN A 1 76  ? -10.288 2.109   -12.238 0.50 31.99 ? 75  GLN A CG  1 
ATOM   585  C  CD  A GLN A 1 76  ? -10.183 3.120   -13.214 0.50 35.79 ? 75  GLN A CD  1 
ATOM   586  C  CD  B GLN A 1 76  ? -9.111  1.404   -12.825 0.50 31.38 ? 75  GLN A CD  1 
ATOM   587  O  OE1 A GLN A 1 76  ? -9.764  4.244   -12.937 0.50 41.73 ? 75  GLN A OE1 1 
ATOM   588  O  OE1 B GLN A 1 76  ? -8.263  0.867   -12.103 0.50 33.79 ? 75  GLN A OE1 1 
ATOM   589  N  NE2 A GLN A 1 76  ? -10.742 2.838   -14.382 0.50 44.28 ? 75  GLN A NE2 1 
ATOM   590  N  NE2 B GLN A 1 76  ? -9.040  1.390   -14.152 0.50 37.81 ? 75  GLN A NE2 1 
ATOM   591  N  N   . PRO A 1 77  ? -13.502 2.795   -11.002 1.00 26.36 ? 76  PRO A N   1 
ATOM   592  C  CA  . PRO A 1 77  ? -14.735 2.003   -11.053 1.00 26.41 ? 76  PRO A CA  1 
ATOM   593  C  C   . PRO A 1 77  ? -14.528 0.545   -11.444 1.00 26.81 ? 76  PRO A C   1 
ATOM   594  O  O   . PRO A 1 77  ? -13.671 0.200   -12.291 1.00 25.21 ? 76  PRO A O   1 
ATOM   595  C  CB  . PRO A 1 77  ? -15.604 2.733   -12.109 1.00 26.70 ? 76  PRO A CB  1 
ATOM   596  C  CG  . PRO A 1 77  ? -15.065 4.101   -12.154 1.00 28.76 ? 76  PRO A CG  1 
ATOM   597  C  CD  . PRO A 1 77  ? -13.596 4.008   -11.829 1.00 27.43 ? 76  PRO A CD  1 
ATOM   598  N  N   . GLY A 1 78  ? -15.282 -0.313  -10.782 1.00 26.00 ? 77  GLY A N   1 
ATOM   599  C  CA  . GLY A 1 78  ? -15.281 -1.726  -11.095 1.00 28.52 ? 77  GLY A CA  1 
ATOM   600  C  C   . GLY A 1 78  ? -14.121 -2.522  -10.564 1.00 29.29 ? 77  GLY A C   1 
ATOM   601  O  O   . GLY A 1 78  ? -13.980 -3.680  -10.922 1.00 30.29 ? 77  GLY A O   1 
ATOM   602  N  N   . THR A 1 79  ? -13.305 -1.907  -9.714  1.00 26.29 ? 78  THR A N   1 
ATOM   603  C  CA  . THR A 1 79  ? -12.120 -2.572  -9.179  1.00 24.28 ? 78  THR A CA  1 
ATOM   604  C  C   . THR A 1 79  ? -12.193 -2.595  -7.662  1.00 25.94 ? 78  THR A C   1 
ATOM   605  O  O   . THR A 1 79  ? -12.846 -1.745  -7.042  1.00 25.81 ? 78  THR A O   1 
ATOM   606  C  CB  . THR A 1 79  ? -10.857 -1.857  -9.588  1.00 25.16 ? 78  THR A CB  1 
ATOM   607  O  OG1 . THR A 1 79  ? -10.803 -0.586  -8.937  1.00 27.10 ? 78  THR A OG1 1 
ATOM   608  C  CG2 . THR A 1 79  ? -10.789 -1.670  -11.089 1.00 26.75 ? 78  THR A CG2 1 
ATOM   609  N  N   A ARG A 1 80  ? -11.546 -3.598  -7.066  0.50 25.23 ? 79  ARG A N   1 
ATOM   610  N  N   B ARG A 1 80  ? -11.502 -3.563  -7.064  0.50 24.79 ? 79  ARG A N   1 
ATOM   611  C  CA  A ARG A 1 80  ? -11.512 -3.747  -5.616  0.50 23.58 ? 79  ARG A CA  1 
ATOM   612  C  CA  B ARG A 1 80  ? -11.484 -3.711  -5.619  0.50 23.14 ? 79  ARG A CA  1 
ATOM   613  C  C   A ARG A 1 80  ? -10.332 -4.629  -5.210  0.50 23.55 ? 79  ARG A C   1 
ATOM   614  C  C   B ARG A 1 80  ? -10.413 -4.713  -5.201  0.50 23.62 ? 79  ARG A C   1 
ATOM   615  O  O   A ARG A 1 80  ? -9.651  -5.215  -6.053  0.50 21.49 ? 79  ARG A O   1 
ATOM   616  O  O   B ARG A 1 80  ? -9.902  -5.489  -6.027  0.50 23.20 ? 79  ARG A O   1 
ATOM   617  C  CB  A ARG A 1 80  ? -12.815 -4.375  -5.096  0.50 25.52 ? 79  ARG A CB  1 
ATOM   618  C  CB  B ARG A 1 80  ? -12.845 -4.180  -5.112  0.50 24.61 ? 79  ARG A CB  1 
ATOM   619  C  CG  A ARG A 1 80  ? -12.908 -5.908  -5.233  0.50 23.74 ? 79  ARG A CG  1 
ATOM   620  C  CG  B ARG A 1 80  ? -13.274 -5.543  -5.632  0.50 24.18 ? 79  ARG A CG  1 
ATOM   621  C  CD  A ARG A 1 80  ? -14.266 -6.450  -4.797  0.50 25.64 ? 79  ARG A CD  1 
ATOM   622  C  CD  B ARG A 1 80  ? -14.693 -5.852  -5.240  0.50 24.57 ? 79  ARG A CD  1 
ATOM   623  N  NE  A ARG A 1 80  ? -14.342 -7.907  -4.923  0.50 29.31 ? 79  ARG A NE  1 
ATOM   624  N  NE  B ARG A 1 80  ? -15.017 -7.226  -5.590  0.50 26.50 ? 79  ARG A NE  1 
ATOM   625  C  CZ  A ARG A 1 80  ? -14.734 -8.568  -6.019  0.50 32.53 ? 79  ARG A CZ  1 
ATOM   626  C  CZ  B ARG A 1 80  ? -14.698 -8.282  -4.853  0.50 32.70 ? 79  ARG A CZ  1 
ATOM   627  N  NH1 A ARG A 1 80  ? -15.101 -7.920  -7.122  0.50 30.96 ? 79  ARG A NH1 1 
ATOM   628  N  NH1 B ARG A 1 80  ? -14.047 -8.130  -3.705  0.50 29.71 ? 79  ARG A NH1 1 
ATOM   629  N  NH2 A ARG A 1 80  ? -14.754 -9.898  -6.014  0.50 27.69 ? 79  ARG A NH2 1 
ATOM   630  N  NH2 B ARG A 1 80  ? -15.029 -9.499  -5.279  0.50 34.55 ? 79  ARG A NH2 1 
ATOM   631  N  N   . PHE A 1 81  ? -10.098 -4.692  -3.912  1.00 21.37 ? 80  PHE A N   1 
ATOM   632  C  CA  . PHE A 1 81  ? -9.097  -5.590  -3.345  1.00 22.25 ? 80  PHE A CA  1 
ATOM   633  C  C   . PHE A 1 81  ? -9.705  -6.453  -2.257  1.00 24.61 ? 80  PHE A C   1 
ATOM   634  O  O   . PHE A 1 81  ? -10.497 -5.961  -1.449  1.00 23.42 ? 80  PHE A O   1 
ATOM   635  C  CB  . PHE A 1 81  ? -7.936  -4.827  -2.677  1.00 24.51 ? 80  PHE A CB  1 
ATOM   636  C  CG  . PHE A 1 81  ? -7.045  -4.071  -3.625  1.00 23.81 ? 80  PHE A CG  1 
ATOM   637  C  CD1 . PHE A 1 81  ? -7.360  -2.789  -4.044  1.00 24.45 ? 80  PHE A CD1 1 
ATOM   638  C  CD2 . PHE A 1 81  ? -5.852  -4.608  -4.049  1.00 24.99 ? 80  PHE A CD2 1 
ATOM   639  C  CE1 . PHE A 1 81  ? -6.497  -2.091  -4.927  1.00 24.40 ? 80  PHE A CE1 1 
ATOM   640  C  CE2 . PHE A 1 81  ? -5.015  -3.912  -4.907  1.00 24.96 ? 80  PHE A CE2 1 
ATOM   641  C  CZ  . PHE A 1 81  ? -5.363  -2.630  -5.330  1.00 26.93 ? 80  PHE A CZ  1 
ATOM   642  N  N   . ASP A 1 82  ? -9.323  -7.735  -2.232  1.00 23.48 ? 81  ASP A N   1 
ATOM   643  C  CA  . ASP A 1 82  ? -9.529  -8.577  -1.076  1.00 23.30 ? 81  ASP A CA  1 
ATOM   644  C  C   . ASP A 1 82  ? -8.189  -8.664  -0.359  1.00 23.19 ? 81  ASP A C   1 
ATOM   645  O  O   . ASP A 1 82  ? -7.145  -8.863  -0.970  1.00 25.51 ? 81  ASP A O   1 
ATOM   646  C  CB  . ASP A 1 82  ? -9.925  -9.985  -1.457  1.00 23.86 ? 81  ASP A CB  1 
ATOM   647  C  CG  . ASP A 1 82  ? -11.248 -10.071 -2.166  1.00 28.61 ? 81  ASP A CG  1 
ATOM   648  O  OD1 . ASP A 1 82  ? -12.120 -9.235  -1.890  1.00 30.30 ? 81  ASP A OD1 1 
ATOM   649  O  OD2 . ASP A 1 82  ? -11.404 -10.984 -2.992  1.00 31.41 ? 81  ASP A OD2 1 
ATOM   650  N  N   . LEU A 1 83  ? -8.220  -8.479  0.946   1.00 19.56 ? 82  LEU A N   1 
ATOM   651  C  CA  . LEU A 1 83  ? -7.040  -8.619  1.784   1.00 22.02 ? 82  LEU A CA  1 
ATOM   652  C  C   . LEU A 1 83  ? -6.883  -10.080 2.171   1.00 23.22 ? 82  LEU A C   1 
ATOM   653  O  O   . LEU A 1 83  ? -7.792  -10.697 2.761   1.00 25.93 ? 82  LEU A O   1 
ATOM   654  C  CB  . LEU A 1 83  ? -7.177  -7.794  3.048   1.00 23.33 ? 82  LEU A CB  1 
ATOM   655  C  CG  . LEU A 1 83  ? -7.215  -6.286  2.780   1.00 31.32 ? 82  LEU A CG  1 
ATOM   656  C  CD1 . LEU A 1 83  ? -7.601  -5.511  4.026   1.00 34.22 ? 82  LEU A CD1 1 
ATOM   657  C  CD2 . LEU A 1 83  ? -5.829  -5.819  2.273   1.00 33.62 ? 82  LEU A CD2 1 
ATOM   658  N  N   . GLU A 1 84  ? -5.709  -10.622 1.883   1.00 19.84 ? 83  GLU A N   1 
ATOM   659  C  CA  . GLU A 1 84  ? -5.379  -11.982 2.266   1.00 19.96 ? 83  GLU A CA  1 
ATOM   660  C  C   . GLU A 1 84  ? -4.741  -12.019 3.654   1.00 21.84 ? 83  GLU A C   1 
ATOM   661  O  O   . GLU A 1 84  ? -5.145  -12.818 4.509   1.00 25.08 ? 83  GLU A O   1 
ATOM   662  C  CB  . GLU A 1 84  ? -4.479  -12.669 1.242   1.00 21.02 ? 83  GLU A CB  1 
ATOM   663  C  CG  . GLU A 1 84  ? -5.141  -12.887 -0.077  1.00 19.86 ? 83  GLU A CG  1 
ATOM   664  C  CD  . GLU A 1 84  ? -4.209  -13.581 -1.091  1.00 22.61 ? 83  GLU A CD  1 
ATOM   665  O  OE1 . GLU A 1 84  ? -2.990  -13.687 -0.813  1.00 21.11 ? 83  GLU A OE1 1 
ATOM   666  O  OE2 . GLU A 1 84  ? -4.706  -14.003 -2.146  1.00 21.90 ? 83  GLU A OE2 1 
ATOM   667  N  N   . GLU A 1 85  ? -3.745  -11.175 3.883   1.00 22.84 ? 84  GLU A N   1 
ATOM   668  C  CA  . GLU A 1 85  ? -3.056  -11.152 5.164   1.00 23.75 ? 84  GLU A CA  1 
ATOM   669  C  C   . GLU A 1 85  ? -2.235  -9.904  5.281   1.00 23.64 ? 84  GLU A C   1 
ATOM   670  O  O   . GLU A 1 85  ? -1.493  -9.574  4.355   1.00 23.07 ? 84  GLU A O   1 
ATOM   671  C  CB  . GLU A 1 85  ? -2.099  -12.336 5.325   1.00 21.88 ? 84  GLU A CB  1 
ATOM   672  C  CG  . GLU A 1 85  ? -1.487  -12.431 6.738   1.00 24.81 ? 84  GLU A CG  1 
ATOM   673  C  CD  . GLU A 1 85  ? -0.322  -13.411 6.767   1.00 32.78 ? 84  GLU A CD  1 
ATOM   674  O  OE1 . GLU A 1 85  ? 0.559   -13.333 5.894   1.00 53.04 ? 84  GLU A OE1 1 
ATOM   675  O  OE2 . GLU A 1 85  ? -0.265  -14.156 7.707   1.00 41.51 ? 84  GLU A OE2 1 
ATOM   676  N  N   . THR A 1 86  ? -2.318  -9.256  6.434   1.00 22.65 ? 85  THR A N   1 
ATOM   677  C  CA  . THR A 1 86  ? -1.392  -8.172  6.790   1.00 21.59 ? 85  THR A CA  1 
ATOM   678  C  C   . THR A 1 86  ? -0.551  -8.681  7.937   1.00 23.83 ? 85  THR A C   1 
ATOM   679  O  O   . THR A 1 86  ? -1.113  -9.083  8.983   1.00 25.26 ? 85  THR A O   1 
ATOM   680  C  CB  . THR A 1 86  ? -2.117  -6.893  7.247   1.00 23.39 ? 85  THR A CB  1 
ATOM   681  O  OG1 . THR A 1 86  ? -2.980  -6.426  6.204   1.00 26.06 ? 85  THR A OG1 1 
ATOM   682  C  CG2 . THR A 1 86  ? -1.137  -5.823  7.633   1.00 23.57 ? 85  THR A CG2 1 
ATOM   683  N  N   . PHE A 1 87  ? 0.754   -8.700  7.737   1.00 22.13 ? 86  PHE A N   1 
ATOM   684  C  CA  . PHE A 1 87  ? 1.753   -9.135  8.735   1.00 22.95 ? 86  PHE A CA  1 
ATOM   685  C  C   . PHE A 1 87  ? 2.660   -7.946  9.062   1.00 22.64 ? 86  PHE A C   1 
ATOM   686  O  O   . PHE A 1 87  ? 3.207   -7.315  8.150   1.00 22.57 ? 86  PHE A O   1 
ATOM   687  C  CB  . PHE A 1 87  ? 2.602   -10.308 8.242   1.00 26.52 ? 86  PHE A CB  1 
ATOM   688  C  CG  . PHE A 1 87  ? 3.744   -10.625 9.175   1.00 27.15 ? 86  PHE A CG  1 
ATOM   689  C  CD1 . PHE A 1 87  ? 3.481   -11.268 10.350  1.00 28.43 ? 86  PHE A CD1 1 
ATOM   690  C  CD2 . PHE A 1 87  ? 5.049   -10.230 8.871   1.00 35.93 ? 86  PHE A CD2 1 
ATOM   691  C  CE1 . PHE A 1 87  ? 4.499   -11.533 11.272  1.00 31.88 ? 86  PHE A CE1 1 
ATOM   692  C  CE2 . PHE A 1 87  ? 6.087   -10.496 9.749   1.00 37.02 ? 86  PHE A CE2 1 
ATOM   693  C  CZ  . PHE A 1 87  ? 5.818   -11.144 10.952  1.00 33.37 ? 86  PHE A CZ  1 
ATOM   694  N  N   . VAL A 1 88  ? 2.763   -7.627  10.339  1.00 22.41 ? 87  VAL A N   1 
ATOM   695  C  CA  . VAL A 1 88  ? 3.537   -6.467  10.822  1.00 21.37 ? 87  VAL A CA  1 
ATOM   696  C  C   . VAL A 1 88  ? 4.652   -6.866  11.726  1.00 24.15 ? 87  VAL A C   1 
ATOM   697  O  O   . VAL A 1 88  ? 4.444   -7.711  12.604  1.00 22.46 ? 87  VAL A O   1 
ATOM   698  C  CB  . VAL A 1 88  ? 2.559   -5.520  11.591  1.00 25.10 ? 87  VAL A CB  1 
ATOM   699  C  CG1 . VAL A 1 88  ? 3.296   -4.414  12.273  1.00 29.74 ? 87  VAL A CG1 1 
ATOM   700  C  CG2 . VAL A 1 88  ? 1.484   -5.002  10.612  1.00 21.62 ? 87  VAL A CG2 1 
ATOM   701  N  N   . ALA A 1 89  ? 5.803   -6.225  11.585  1.00 21.88 ? 88  ALA A N   1 
ATOM   702  C  CA  . ALA A 1 89  ? 6.911   -6.411  12.499  1.00 22.45 ? 88  ALA A CA  1 
ATOM   703  C  C   . ALA A 1 89  ? 7.727   -5.128  12.532  1.00 22.11 ? 88  ALA A C   1 
ATOM   704  O  O   . ALA A 1 89  ? 8.315   -4.726  11.533  1.00 21.56 ? 88  ALA A O   1 
ATOM   705  C  CB  . ALA A 1 89  ? 7.781   -7.637  12.097  1.00 22.74 ? 88  ALA A CB  1 
ATOM   706  N  N   . GLY A 1 90  ? 7.706   -4.453  13.672  1.00 22.23 ? 89  GLY A N   1 
ATOM   707  C  CA  . GLY A 1 90  ? 8.485   -3.254  13.832  1.00 21.08 ? 89  GLY A CA  1 
ATOM   708  C  C   . GLY A 1 90  ? 7.929   -2.192  12.929  1.00 22.85 ? 89  GLY A C   1 
ATOM   709  O  O   . GLY A 1 90  ? 6.728   -1.929  12.961  1.00 22.39 ? 89  GLY A O   1 
ATOM   710  N  N   . ASP A 1 91  ? 8.794   -1.589  12.111  1.00 21.97 ? 90  ASP A N   1 
ATOM   711  C  CA  . ASP A 1 91  ? 8.405   -0.501  11.188  1.00 20.41 ? 90  ASP A CA  1 
ATOM   712  C  C   . ASP A 1 91  ? 8.092   -1.073  9.779   1.00 20.65 ? 90  ASP A C   1 
ATOM   713  O  O   . ASP A 1 91  ? 7.918   -0.328  8.790   1.00 23.93 ? 90  ASP A O   1 
ATOM   714  C  CB  . ASP A 1 91  ? 9.567   0.485   11.074  1.00 21.96 ? 90  ASP A CB  1 
ATOM   715  C  CG  . ASP A 1 91  ? 9.762   1.305   12.279  1.00 29.10 ? 90  ASP A CG  1 
ATOM   716  O  OD1 . ASP A 1 91  ? 8.751   1.704   12.920  1.00 30.32 ? 90  ASP A OD1 1 
ATOM   717  O  OD2 . ASP A 1 91  ? 10.958  1.582   12.559  1.00 34.04 ? 90  ASP A OD2 1 
ATOM   718  N  N   . ARG A 1 92  ? 7.935   -2.389  9.659   1.00 21.12 ? 91  ARG A N   1 
ATOM   719  C  CA  . ARG A 1 92  ? 7.650   -3.019  8.367   1.00 20.79 ? 91  ARG A CA  1 
ATOM   720  C  C   . ARG A 1 92  ? 6.388   -3.829  8.343   1.00 21.24 ? 91  ARG A C   1 
ATOM   721  O  O   . ARG A 1 92  ? 5.923   -4.285  9.384   1.00 22.00 ? 91  ARG A O   1 
ATOM   722  C  CB  . ARG A 1 92  ? 8.822   -3.932  7.985   1.00 22.30 ? 91  ARG A CB  1 
ATOM   723  C  CG  . ARG A 1 92  ? 10.093  -3.090  7.798   1.00 26.35 ? 91  ARG A CG  1 
ATOM   724  C  CD  . ARG A 1 92  ? 11.018  -3.786  6.944   1.00 30.57 ? 91  ARG A CD  1 
ATOM   725  N  NE  . ARG A 1 92  ? 12.284  -3.114  6.885   1.00 34.76 ? 91  ARG A NE  1 
ATOM   726  C  CZ  . ARG A 1 92  ? 13.164  -3.406  5.947   1.00 32.61 ? 91  ARG A CZ  1 
ATOM   727  N  NH1 . ARG A 1 92  ? 12.875  -4.314  5.026   1.00 38.78 ? 91  ARG A NH1 1 
ATOM   728  N  NH2 . ARG A 1 92  ? 14.337  -2.813  5.968   1.00 43.82 ? 91  ARG A NH2 1 
ATOM   729  N  N   . ALA A 1 93  ? 5.814   -4.012  7.168   1.00 20.50 ? 92  ALA A N   1 
ATOM   730  C  CA  . ALA A 1 93  ? 4.668   -4.848  7.034   1.00 21.43 ? 92  ALA A CA  1 
ATOM   731  C  C   . ALA A 1 93  ? 4.618   -5.444  5.678   1.00 21.57 ? 92  ALA A C   1 
ATOM   732  O  O   . ALA A 1 93  ? 5.202   -4.940  4.721   1.00 23.34 ? 92  ALA A O   1 
ATOM   733  C  CB  . ALA A 1 93  ? 3.409   -4.043  7.237   1.00 21.86 ? 92  ALA A CB  1 
ATOM   734  N  N   . THR A 1 94  ? 3.950   -6.581  5.604   1.00 20.53 ? 93  THR A N   1 
ATOM   735  C  CA  . THR A 1 94  ? 3.596   -7.142  4.287   1.00 20.70 ? 93  THR A CA  1 
ATOM   736  C  C   . THR A 1 94  ? 2.060   -7.219  4.192   1.00 21.89 ? 93  THR A C   1 
ATOM   737  O  O   . THR A 1 94  ? 1.393   -7.493  5.180   1.00 23.64 ? 93  THR A O   1 
ATOM   738  C  CB  . THR A 1 94  ? 4.219   -8.558  4.019   1.00 23.60 ? 93  THR A CB  1 
ATOM   739  O  OG1 . THR A 1 94  ? 3.739   -9.522  4.985   1.00 24.93 ? 93  THR A OG1 1 
ATOM   740  C  CG2 . THR A 1 94  ? 5.706   -8.491  4.007   1.00 23.22 ? 93  THR A CG2 1 
ATOM   741  N  N   . ILE A 1 95  ? 1.524   -6.896  3.030   1.00 20.00 ? 94  ILE A N   1 
ATOM   742  C  CA  . ILE A 1 95  ? 0.070   -6.973  2.817   1.00 20.69 ? 94  ILE A CA  1 
ATOM   743  C  C   . ILE A 1 95  ? -0.136  -7.782  1.581   1.00 20.30 ? 94  ILE A C   1 
ATOM   744  O  O   . ILE A 1 95  ? 0.227   -7.339  0.472   1.00 19.87 ? 94  ILE A O   1 
ATOM   745  C  CB  . ILE A 1 95  ? -0.607  -5.593  2.600   1.00 21.18 ? 94  ILE A CB  1 
ATOM   746  C  CG1 . ILE A 1 95  ? -0.216  -4.607  3.731   1.00 21.54 ? 94  ILE A CG1 1 
ATOM   747  C  CG2 . ILE A 1 95  ? -2.087  -5.781  2.476   1.00 22.65 ? 94  ILE A CG2 1 
ATOM   748  C  CD1 . ILE A 1 95  ? -0.545  -3.122  3.375   1.00 23.50 ? 94  ILE A CD1 1 
ATOM   749  N  N   . ARG A 1 96  ? -0.626  -9.013  1.776   1.00 20.89 ? 95  ARG A N   1 
ATOM   750  C  CA  . ARG A 1 96  ? -1.029  -9.851  0.632   1.00 20.24 ? 95  ARG A CA  1 
ATOM   751  C  C   . ARG A 1 96  ? -2.465  -9.557  0.288   1.00 21.27 ? 95  ARG A C   1 
ATOM   752  O  O   . ARG A 1 96  ? -3.327  -9.431  1.157   1.00 20.93 ? 95  ARG A O   1 
ATOM   753  C  CB  . ARG A 1 96  ? -0.827  -11.349 0.899   1.00 20.97 ? 95  ARG A CB  1 
ATOM   754  C  CG  . ARG A 1 96  ? 0.626   -11.810 0.808   1.00 25.15 ? 95  ARG A CG  1 
ATOM   755  C  CD  . ARG A 1 96  ? 0.649   -13.327 0.911   1.00 25.65 ? 95  ARG A CD  1 
ATOM   756  N  NE  . ARG A 1 96  ? 0.270   -13.926 2.193   1.00 24.74 ? 95  ARG A NE  1 
ATOM   757  C  CZ  . ARG A 1 96  ? -0.775  -14.739 2.386   1.00 24.59 ? 95  ARG A CZ  1 
ATOM   758  N  NH1 . ARG A 1 96  ? -1.688  -14.920 1.467   1.00 23.47 ? 95  ARG A NH1 1 
ATOM   759  N  NH2 . ARG A 1 96  ? -0.939  -15.361 3.551   1.00 23.34 ? 95  ARG A NH2 1 
ATOM   760  N  N   . TRP A 1 97  ? -2.731  -9.495  -1.013  1.00 21.54 ? 96  TRP A N   1 
ATOM   761  C  CA  . TRP A 1 97  ? -4.016  -9.131  -1.572  1.00 21.00 ? 96  TRP A CA  1 
ATOM   762  C  C   . TRP A 1 97  ? -4.350  -9.818  -2.871  1.00 19.84 ? 96  TRP A C   1 
ATOM   763  O  O   . TRP A 1 97  ? -3.504  -10.409 -3.526  1.00 20.27 ? 96  TRP A O   1 
ATOM   764  C  CB  . TRP A 1 97  ? -4.097  -7.592  -1.747  1.00 20.47 ? 96  TRP A CB  1 
ATOM   765  C  CG  . TRP A 1 97  ? -2.914  -6.965  -2.406  1.00 21.95 ? 96  TRP A CG  1 
ATOM   766  C  CD1 . TRP A 1 97  ? -1.954  -6.227  -1.770  1.00 21.01 ? 96  TRP A CD1 1 
ATOM   767  C  CD2 . TRP A 1 97  ? -2.591  -6.898  -3.812  1.00 20.81 ? 96  TRP A CD2 1 
ATOM   768  N  NE1 . TRP A 1 97  ? -1.027  -5.771  -2.656  1.00 22.84 ? 96  TRP A NE1 1 
ATOM   769  C  CE2 . TRP A 1 97  ? -1.394  -6.147  -3.916  1.00 20.35 ? 96  TRP A CE2 1 
ATOM   770  C  CE3 . TRP A 1 97  ? -3.163  -7.403  -4.975  1.00 22.38 ? 96  TRP A CE3 1 
ATOM   771  C  CZ2 . TRP A 1 97  ? -0.772  -5.907  -5.146  1.00 20.78 ? 96  TRP A CZ2 1 
ATOM   772  C  CZ3 . TRP A 1 97  ? -2.538  -7.168  -6.177  1.00 22.53 ? 96  TRP A CZ3 1 
ATOM   773  C  CH2 . TRP A 1 97  ? -1.390  -6.417  -6.255  1.00 21.92 ? 96  TRP A CH2 1 
ATOM   774  N  N   . ARG A 1 98  ? -5.634  -9.755  -3.229  1.00 20.01 ? 97  ARG A N   1 
ATOM   775  C  CA  . ARG A 1 98  ? -6.139  -10.128 -4.535  1.00 19.96 ? 97  ARG A CA  1 
ATOM   776  C  C   . ARG A 1 98  ? -6.834  -8.891  -5.104  1.00 20.99 ? 97  ARG A C   1 
ATOM   777  O  O   . ARG A 1 98  ? -7.729  -8.316  -4.460  1.00 21.84 ? 97  ARG A O   1 
ATOM   778  C  CB  . ARG A 1 98  ? -7.117  -11.288 -4.454  1.00 22.31 ? 97  ARG A CB  1 
ATOM   779  C  CG  . ARG A 1 98  ? -7.696  -11.601 -5.822  1.00 21.95 ? 97  ARG A CG  1 
ATOM   780  C  CD  . ARG A 1 98  ? -8.631  -12.776 -5.812  1.00 24.40 ? 97  ARG A CD  1 
ATOM   781  N  NE  . ARG A 1 98  ? -8.081  -14.021 -5.285  1.00 23.59 ? 97  ARG A NE  1 
ATOM   782  C  CZ  . ARG A 1 98  ? -7.510  -14.933 -6.060  1.00 22.39 ? 97  ARG A CZ  1 
ATOM   783  N  NH1 . ARG A 1 98  ? -7.396  -14.729 -7.368  1.00 23.99 ? 97  ARG A NH1 1 
ATOM   784  N  NH2 . ARG A 1 98  ? -7.069  -16.063 -5.539  1.00 25.12 ? 97  ARG A NH2 1 
ATOM   785  N  N   . TYR A 1 99  ? -6.370  -8.465  -6.270  1.00 21.43 ? 98  TYR A N   1 
ATOM   786  C  CA  . TYR A 1 99  ? -6.937  -7.297  -6.972  1.00 22.40 ? 98  TYR A CA  1 
ATOM   787  C  C   . TYR A 1 99  ? -7.898  -7.781  -8.042  1.00 23.71 ? 98  TYR A C   1 
ATOM   788  O  O   . TYR A 1 99  ? -7.544  -8.636  -8.872  1.00 23.22 ? 98  TYR A O   1 
ATOM   789  C  CB  . TYR A 1 99  ? -5.784  -6.505  -7.611  1.00 23.93 ? 98  TYR A CB  1 
ATOM   790  C  CG  . TYR A 1 99  ? -6.225  -5.320  -8.436  1.00 24.50 ? 98  TYR A CG  1 
ATOM   791  C  CD1 . TYR A 1 99  ? -6.893  -4.287  -7.860  1.00 23.74 ? 98  TYR A CD1 1 
ATOM   792  C  CD2 . TYR A 1 99  ? -5.907  -5.226  -9.800  1.00 27.14 ? 98  TYR A CD2 1 
ATOM   793  C  CE1 . TYR A 1 99  ? -7.284  -3.180  -8.587  1.00 26.02 ? 98  TYR A CE1 1 
ATOM   794  C  CE2 . TYR A 1 99  ? -6.315  -4.116  -10.565 1.00 29.21 ? 98  TYR A CE2 1 
ATOM   795  C  CZ  . TYR A 1 99  ? -6.989  -3.084  -9.940  1.00 31.59 ? 98  TYR A CZ  1 
ATOM   796  O  OH  . TYR A 1 99  ? -7.400  -1.953  -10.640 1.00 29.88 ? 98  TYR A OH  1 
ATOM   797  N  N   . TRP A 1 100 ? -9.101  -7.194  -8.042  1.00 23.28 ? 99  TRP A N   1 
ATOM   798  C  CA  . TRP A 1 100 ? -10.141 -7.501  -9.007  1.00 23.04 ? 99  TRP A CA  1 
ATOM   799  C  C   . TRP A 1 100 ? -10.249 -6.345  -9.965  1.00 27.94 ? 99  TRP A C   1 
ATOM   800  O  O   . TRP A 1 100 ? -10.417 -5.201  -9.561  1.00 26.72 ? 99  TRP A O   1 
ATOM   801  C  CB  . TRP A 1 100 ? -11.486 -7.730  -8.323  1.00 25.02 ? 99  TRP A CB  1 
ATOM   802  C  CG  . TRP A 1 100 ? -11.509 -8.905  -7.446  1.00 22.56 ? 99  TRP A CG  1 
ATOM   803  C  CD1 . TRP A 1 100 ? -11.157 -8.967  -6.120  1.00 22.81 ? 99  TRP A CD1 1 
ATOM   804  C  CD2 . TRP A 1 100 ? -11.952 -10.208 -7.800  1.00 27.05 ? 99  TRP A CD2 1 
ATOM   805  N  NE1 . TRP A 1 100 ? -11.340 -10.236 -5.653  1.00 27.05 ? 99  TRP A NE1 1 
ATOM   806  C  CE2 . TRP A 1 100 ? -11.821 -11.020 -6.664  1.00 22.76 ? 99  TRP A CE2 1 
ATOM   807  C  CE3 . TRP A 1 100 ? -12.427 -10.774 -8.982  1.00 26.82 ? 99  TRP A CE3 1 
ATOM   808  C  CZ2 . TRP A 1 100 ? -12.171 -12.369 -6.662  1.00 25.97 ? 99  TRP A CZ2 1 
ATOM   809  C  CZ3 . TRP A 1 100 ? -12.758 -12.111 -8.978  1.00 26.09 ? 99  TRP A CZ3 1 
ATOM   810  C  CH2 . TRP A 1 100 ? -12.646 -12.887 -7.815  1.00 27.10 ? 99  TRP A CH2 1 
HETATM 811  N  N   . MSE A 1 101 ? -10.148 -6.678  -11.248 1.00 31.44 ? 100 MSE A N   1 
HETATM 812  C  CA  . MSE A 1 101 ? -10.143 -5.708  -12.334 1.00 34.64 ? 100 MSE A CA  1 
HETATM 813  C  C   . MSE A 1 101 ? -11.538 -5.533  -12.914 1.00 31.12 ? 100 MSE A C   1 
HETATM 814  O  O   . MSE A 1 101 ? -12.407 -6.378  -12.734 1.00 29.73 ? 100 MSE A O   1 
HETATM 815  C  CB  . MSE A 1 101 ? -9.179  -6.177  -13.407 1.00 32.52 ? 100 MSE A CB  1 
HETATM 816  C  CG  . MSE A 1 101 ? -7.744  -5.949  -13.044 1.00 40.56 ? 100 MSE A CG  1 
HETATM 817  SE SE  . MSE A 1 101 ? -6.580  -7.156  -14.037 0.75 48.52 ? 100 MSE A SE  1 
HETATM 818  C  CE  . MSE A 1 101 ? -6.628  -8.513  -12.863 1.00 27.41 ? 100 MSE A CE  1 
ATOM   819  N  N   . ALA A 1 102 ? -11.744 -4.411  -13.598 1.00 36.55 ? 101 ALA A N   1 
ATOM   820  C  CA  . ALA A 1 102 ? -13.048 -4.092  -14.185 1.00 38.20 ? 101 ALA A CA  1 
ATOM   821  C  C   . ALA A 1 102 ? -13.533 -5.147  -15.164 1.00 39.12 ? 101 ALA A C   1 
ATOM   822  O  O   . ALA A 1 102 ? -14.733 -5.328  -15.300 1.00 40.90 ? 101 ALA A O   1 
ATOM   823  C  CB  . ALA A 1 102 ? -13.025 -2.715  -14.837 1.00 38.78 ? 101 ALA A CB  1 
ATOM   824  N  N   . ASP A 1 103 ? -12.611 -5.860  -15.818 1.00 39.39 ? 102 ASP A N   1 
ATOM   825  C  CA  . ASP A 1 103 ? -12.991 -6.927  -16.753 1.00 37.99 ? 102 ASP A CA  1 
ATOM   826  C  C   . ASP A 1 103 ? -13.343 -8.224  -16.067 1.00 37.04 ? 102 ASP A C   1 
ATOM   827  O  O   . ASP A 1 103 ? -13.569 -9.219  -16.738 1.00 38.95 ? 102 ASP A O   1 
ATOM   828  C  CB  . ASP A 1 103 ? -11.885 -7.206  -17.769 1.00 37.04 ? 102 ASP A CB  1 
ATOM   829  C  CG  . ASP A 1 103 ? -10.634 -7.791  -17.139 1.00 44.98 ? 102 ASP A CG  1 
ATOM   830  O  OD1 . ASP A 1 103 ? -10.643 -8.166  -15.938 1.00 36.66 ? 102 ASP A OD1 1 
ATOM   831  O  OD2 . ASP A 1 103 ? -9.632  -7.876  -17.868 1.00 52.05 ? 102 ASP A OD2 1 
ATOM   832  N  N   . GLY A 1 104 ? -13.362 -8.244  -14.736 1.00 34.39 ? 103 GLY A N   1 
ATOM   833  C  CA  . GLY A 1 104 ? -13.766 -9.455  -14.029 1.00 31.25 ? 103 GLY A CA  1 
ATOM   834  C  C   . GLY A 1 104 ? -12.604 -10.377 -13.686 1.00 29.26 ? 103 GLY A C   1 
ATOM   835  O  O   . GLY A 1 104 ? -12.786 -11.339 -12.955 1.00 30.63 ? 103 GLY A O   1 
ATOM   836  N  N   . ASN A 1 105 ? -11.416 -10.089 -14.204 1.00 30.78 ? 104 ASN A N   1 
ATOM   837  C  CA  . ASN A 1 105 ? -10.242 -10.911 -13.884 1.00 30.63 ? 104 ASN A CA  1 
ATOM   838  C  C   . ASN A 1 105 ? -9.671  -10.469 -12.528 1.00 27.32 ? 104 ASN A C   1 
ATOM   839  O  O   . ASN A 1 105 ? -10.003 -9.394  -12.030 1.00 24.45 ? 104 ASN A O   1 
ATOM   840  C  CB  . ASN A 1 105 ? -9.183  -10.765 -14.990 1.00 32.03 ? 104 ASN A CB  1 
ATOM   841  C  CG  . ASN A 1 105 ? -9.630  -11.383 -16.306 1.00 43.57 ? 104 ASN A CG  1 
ATOM   842  O  OD1 . ASN A 1 105 ? -10.135 -12.498 -16.324 1.00 44.02 ? 104 ASN A OD1 1 
ATOM   843  N  ND2 . ASN A 1 105 ? -9.448  -10.657 -17.406 1.00 42.44 ? 104 ASN A ND2 1 
ATOM   844  N  N   . SER A 1 106 ? -8.796  -11.285 -11.959 1.00 25.79 ? 105 SER A N   1 
ATOM   845  C  CA  . SER A 1 106 ? -8.114  -10.891 -10.742 1.00 23.79 ? 105 SER A CA  1 
ATOM   846  C  C   . SER A 1 106 ? -6.680  -11.314 -10.827 1.00 23.08 ? 105 SER A C   1 
ATOM   847  O  O   . SER A 1 106 ? -6.315  -12.089 -11.726 1.00 22.92 ? 105 SER A O   1 
ATOM   848  C  CB  . SER A 1 106 ? -8.744  -11.515 -9.496  1.00 24.05 ? 105 SER A CB  1 
ATOM   849  O  OG  . SER A 1 106 ? -8.496  -12.910 -9.414  1.00 24.88 ? 105 SER A OG  1 
ATOM   850  N  N   . VAL A 1 107 ? -5.878  -10.784 -9.916  1.00 21.62 ? 106 VAL A N   1 
ATOM   851  C  CA  . VAL A 1 107 ? -4.494  -11.183 -9.775  1.00 19.80 ? 106 VAL A CA  1 
ATOM   852  C  C   . VAL A 1 107 ? -4.090  -11.079 -8.288  1.00 22.19 ? 106 VAL A C   1 
ATOM   853  O  O   . VAL A 1 107 ? -4.480  -10.151 -7.574  1.00 21.70 ? 106 VAL A O   1 
ATOM   854  C  CB  . VAL A 1 107 ? -3.525  -10.372 -10.683 1.00 21.00 ? 106 VAL A CB  1 
ATOM   855  C  CG1 . VAL A 1 107 ? -3.551  -8.852  -10.346 1.00 21.27 ? 106 VAL A CG1 1 
ATOM   856  C  CG2 . VAL A 1 107 ? -2.098  -10.950 -10.610 1.00 26.27 ? 106 VAL A CG2 1 
ATOM   857  N  N   . ARG A 1 108 ? -3.354  -12.069 -7.796  1.00 19.13 ? 107 ARG A N   1 
ATOM   858  C  CA  . ARG A 1 108 ? -2.796  -11.967 -6.453  1.00 19.74 ? 107 ARG A CA  1 
ATOM   859  C  C   . ARG A 1 108 ? -1.506  -11.175 -6.445  1.00 21.66 ? 107 ARG A C   1 
ATOM   860  O  O   . ARG A 1 108 ? -0.713  -11.218 -7.391  1.00 21.85 ? 107 ARG A O   1 
ATOM   861  C  CB  . ARG A 1 108 ? -2.584  -13.351 -5.867  1.00 19.53 ? 107 ARG A CB  1 
ATOM   862  C  CG  . ARG A 1 108 ? -3.787  -14.243 -5.780  1.00 19.72 ? 107 ARG A CG  1 
ATOM   863  C  CD  . ARG A 1 108 ? -3.425  -15.595 -5.217  1.00 22.62 ? 107 ARG A CD  1 
ATOM   864  N  NE  . ARG A 1 108 ? -3.083  -15.562 -3.799  1.00 20.09 ? 107 ARG A NE  1 
ATOM   865  C  CZ  . ARG A 1 108 ? -2.241  -16.418 -3.223  1.00 22.55 ? 107 ARG A CZ  1 
ATOM   866  N  NH1 . ARG A 1 108 ? -1.680  -17.376 -3.917  1.00 20.88 ? 107 ARG A NH1 1 
ATOM   867  N  NH2 . ARG A 1 108 ? -1.986  -16.325 -1.933  1.00 23.58 ? 107 ARG A NH2 1 
ATOM   868  N  N   . GLY A 1 109 ? -1.267  -10.492 -5.331  1.00 20.42 ? 108 GLY A N   1 
ATOM   869  C  CA  . GLY A 1 109 ? -0.068  -9.653  -5.156  1.00 21.45 ? 108 GLY A CA  1 
ATOM   870  C  C   . GLY A 1 109 ? 0.266   -9.402  -3.726  1.00 18.64 ? 108 GLY A C   1 
ATOM   871  O  O   . GLY A 1 109 ? -0.374  -9.919  -2.793  1.00 18.44 ? 108 GLY A O   1 
ATOM   872  N  N   . VAL A 1 110 ? 1.296   -8.597  -3.533  1.00 19.73 ? 109 VAL A N   1 
ATOM   873  C  CA  . VAL A 1 110 ? 1.768   -8.279  -2.219  1.00 19.91 ? 109 VAL A CA  1 
ATOM   874  C  C   . VAL A 1 110 ? 2.419   -6.902  -2.252  1.00 21.06 ? 109 VAL A C   1 
ATOM   875  O  O   . VAL A 1 110 ? 3.034   -6.489  -3.269  1.00 20.99 ? 109 VAL A O   1 
ATOM   876  C  CB  . VAL A 1 110 ? 2.824   -9.328  -1.706  1.00 19.95 ? 109 VAL A CB  1 
ATOM   877  C  CG1 . VAL A 1 110 ? 4.088   -9.345  -2.585  1.00 22.01 ? 109 VAL A CG1 1 
ATOM   878  C  CG2 . VAL A 1 110 ? 3.089   -9.129  -0.185  1.00 21.43 ? 109 VAL A CG2 1 
ATOM   879  N  N   . ASN A 1 111 ? 2.257   -6.183  -1.142  1.00 21.17 ? 110 ASN A N   1 
ATOM   880  C  CA  . ASN A 1 111 ? 2.987   -4.953  -0.903  1.00 18.80 ? 110 ASN A CA  1 
ATOM   881  C  C   . ASN A 1 111 ? 3.959   -5.165  0.284   1.00 21.68 ? 110 ASN A C   1 
ATOM   882  O  O   . ASN A 1 111 ? 3.585   -5.738  1.336   1.00 23.42 ? 110 ASN A O   1 
ATOM   883  C  CB  . ASN A 1 111 ? 2.094   -3.804  -0.419  1.00 22.19 ? 110 ASN A CB  1 
ATOM   884  C  CG  . ASN A 1 111 ? 1.256   -3.198  -1.495  1.00 26.85 ? 110 ASN A CG  1 
ATOM   885  O  OD1 . ASN A 1 111 ? 1.049   -3.758  -2.545  1.00 25.67 ? 110 ASN A OD1 1 
ATOM   886  N  ND2 . ASN A 1 111 ? 0.789   -1.966  -1.238  1.00 34.79 ? 110 ASN A ND2 1 
ATOM   887  N  N   A LEU A 1 112 ? 5.210   -4.730  0.108   0.50 21.20 ? 111 LEU A N   1 
ATOM   888  N  N   B LEU A 1 112 ? 5.201   -4.745  0.088   0.50 21.55 ? 111 LEU A N   1 
ATOM   889  C  CA  A LEU A 1 112 ? 6.162   -4.614  1.196   0.50 18.93 ? 111 LEU A CA  1 
ATOM   890  C  CA  B LEU A 1 112 ? 6.173   -4.665  1.130   0.50 19.92 ? 111 LEU A CA  1 
ATOM   891  C  C   A LEU A 1 112 ? 6.243   -3.152  1.603   0.50 20.82 ? 111 LEU A C   1 
ATOM   892  C  C   B LEU A 1 112 ? 6.099   -3.186  1.552   0.50 20.73 ? 111 LEU A C   1 
ATOM   893  O  O   A LEU A 1 112 ? 6.641   -2.269  0.830   0.50 22.61 ? 111 LEU A O   1 
ATOM   894  O  O   B LEU A 1 112 ? 6.143   -2.305  0.668   0.50 20.76 ? 111 LEU A O   1 
ATOM   895  C  CB  A LEU A 1 112 ? 7.561   -5.073  0.808   0.50 20.21 ? 111 LEU A CB  1 
ATOM   896  C  CB  B LEU A 1 112 ? 7.559   -5.024  0.560   0.50 20.04 ? 111 LEU A CB  1 
ATOM   897  C  CG  A LEU A 1 112 ? 7.880   -6.543  1.027   0.50 18.77 ? 111 LEU A CG  1 
ATOM   898  C  CG  B LEU A 1 112 ? 7.770   -6.341  -0.241  0.50 21.68 ? 111 LEU A CG  1 
ATOM   899  C  CD1 A LEU A 1 112 ? 6.915   -7.423  0.163   0.50 21.82 ? 111 LEU A CD1 1 
ATOM   900  C  CD1 B LEU A 1 112 ? 9.292   -6.515  -0.608  0.50 18.80 ? 111 LEU A CD1 1 
ATOM   901  C  CD2 A LEU A 1 112 ? 9.379   -6.824  0.723   0.50 16.18 ? 111 LEU A CD2 1 
ATOM   902  C  CD2 B LEU A 1 112 ? 7.238   -7.537  0.526   0.50 25.86 ? 111 LEU A CD2 1 
HETATM 903  N  N   . MSE A 1 113 ? 5.926   -2.922  2.858   1.00 20.04 ? 112 MSE A N   1 
HETATM 904  C  CA  . MSE A 1 113 ? 5.742   -1.556  3.369   1.00 21.39 ? 112 MSE A CA  1 
HETATM 905  C  C   . MSE A 1 113 ? 6.698   -1.231  4.436   1.00 23.01 ? 112 MSE A C   1 
HETATM 906  O  O   . MSE A 1 113 ? 7.007   -2.078  5.268   1.00 22.82 ? 112 MSE A O   1 
HETATM 907  C  CB  . MSE A 1 113 ? 4.310   -1.399  3.944   1.00 21.66 ? 112 MSE A CB  1 
HETATM 908  C  CG  . MSE A 1 113 ? 3.188   -1.826  3.022   1.00 19.53 ? 112 MSE A CG  1 
HETATM 909  SE SE  . MSE A 1 113 ? 2.854   -0.633  1.575   0.75 20.11 ? 112 MSE A SE  1 
HETATM 910  C  CE  . MSE A 1 113 ? 2.003   0.758   2.602   1.00 21.49 ? 112 MSE A CE  1 
ATOM   911  N  N   . ARG A 1 114 ? 7.164   0.022   4.446   1.00 19.91 ? 113 ARG A N   1 
ATOM   912  C  CA  . ARG A 1 114 ? 8.082   0.465   5.466   1.00 19.92 ? 113 ARG A CA  1 
ATOM   913  C  C   . ARG A 1 114 ? 7.703   1.872   5.949   1.00 20.77 ? 113 ARG A C   1 
ATOM   914  O  O   . ARG A 1 114 ? 7.356   2.738   5.113   1.00 22.33 ? 113 ARG A O   1 
ATOM   915  C  CB  . ARG A 1 114 ? 9.517   0.426   4.984   1.00 22.13 ? 113 ARG A CB  1 
ATOM   916  C  CG  . ARG A 1 114 ? 10.522  0.790   6.085   1.00 26.01 ? 113 ARG A CG  1 
ATOM   917  C  CD  . ARG A 1 114 ? 11.965  0.519   5.717   1.00 28.41 ? 113 ARG A CD  1 
ATOM   918  N  NE  . ARG A 1 114 ? 12.399  1.231   4.533   1.00 30.43 ? 113 ARG A NE  1 
ATOM   919  C  CZ  . ARG A 1 114 ? 12.879  2.460   4.539   1.00 32.55 ? 113 ARG A CZ  1 
ATOM   920  N  NH1 . ARG A 1 114 ? 13.004  3.129   5.671   1.00 30.74 ? 113 ARG A NH1 1 
ATOM   921  N  NH2 . ARG A 1 114 ? 13.252  3.018   3.391   1.00 41.19 ? 113 ARG A NH2 1 
ATOM   922  N  N   A VAL A 1 115 ? 7.687   2.046   7.265   0.50 21.71 ? 114 VAL A N   1 
ATOM   923  N  N   B VAL A 1 115 ? 7.632   2.011   7.276   0.50 21.24 ? 114 VAL A N   1 
ATOM   924  C  CA  A VAL A 1 115 ? 7.348   3.328   7.868   0.50 20.03 ? 114 VAL A CA  1 
ATOM   925  C  CA  B VAL A 1 115 ? 7.300   3.261   7.958   0.50 20.60 ? 114 VAL A CA  1 
ATOM   926  C  C   A VAL A 1 115 ? 8.490   3.910   8.627   0.50 22.36 ? 114 VAL A C   1 
ATOM   927  C  C   B VAL A 1 115 ? 8.558   3.911   8.503   0.50 23.17 ? 114 VAL A C   1 
ATOM   928  O  O   A VAL A 1 115 ? 9.299   3.184   9.216   0.50 18.12 ? 114 VAL A O   1 
ATOM   929  O  O   B VAL A 1 115 ? 9.560   3.229   8.742   0.50 22.49 ? 114 VAL A O   1 
ATOM   930  C  CB  A VAL A 1 115 ? 6.175   3.188   8.820   0.50 22.09 ? 114 VAL A CB  1 
ATOM   931  C  CB  B VAL A 1 115 ? 6.320   3.001   9.152   0.50 20.01 ? 114 VAL A CB  1 
ATOM   932  C  CG1 A VAL A 1 115 ? 4.923   2.765   8.000   0.50 15.16 ? 114 VAL A CG1 1 
ATOM   933  C  CG1 B VAL A 1 115 ? 5.901   4.281   9.826   0.50 19.01 ? 114 VAL A CG1 1 
ATOM   934  C  CG2 A VAL A 1 115 ? 6.525   2.194   9.935   0.50 20.41 ? 114 VAL A CG2 1 
ATOM   935  C  CG2 B VAL A 1 115 ? 5.028   2.231   8.676   0.50 18.36 ? 114 VAL A CG2 1 
ATOM   936  N  N   . GLN A 1 116 ? 8.540   5.245   8.647   1.00 20.73 ? 115 GLN A N   1 
ATOM   937  C  CA  . GLN A 1 116 ? 9.576   5.959   9.381   1.00 23.59 ? 115 GLN A CA  1 
ATOM   938  C  C   . GLN A 1 116 ? 8.886   7.211   9.906   1.00 21.77 ? 115 GLN A C   1 
ATOM   939  O  O   . GLN A 1 116 ? 8.129   7.854   9.170   1.00 21.24 ? 115 GLN A O   1 
ATOM   940  C  CB  . GLN A 1 116 ? 10.704  6.325   8.454   1.00 25.64 ? 115 GLN A CB  1 
ATOM   941  C  CG  . GLN A 1 116 ? 11.791  7.080   9.101   1.00 33.07 ? 115 GLN A CG  1 
ATOM   942  C  CD  . GLN A 1 116 ? 12.931  7.291   8.144   1.00 37.94 ? 115 GLN A CD  1 
ATOM   943  O  OE1 . GLN A 1 116 ? 13.195  8.408   7.722   1.00 49.36 ? 115 GLN A OE1 1 
ATOM   944  N  NE2 . GLN A 1 116 ? 13.552  6.199   7.731   1.00 46.73 ? 115 GLN A NE2 1 
ATOM   945  N  N   A ASP A 1 117 ? 9.145   7.570   11.156  0.50 22.84 ? 116 ASP A N   1 
ATOM   946  N  N   B ASP A 1 117 ? 9.098   7.470   11.188  0.50 22.12 ? 116 ASP A N   1 
ATOM   947  C  CA  A ASP A 1 117 ? 8.495   8.727   11.787  0.50 22.55 ? 116 ASP A CA  1 
ATOM   948  C  CA  B ASP A 1 117 ? 8.510   8.610   11.856  0.50 21.49 ? 116 ASP A CA  1 
ATOM   949  C  C   A ASP A 1 117 ? 6.970   8.666   11.680  0.50 20.79 ? 116 ASP A C   1 
ATOM   950  C  C   B ASP A 1 117 ? 7.002   8.644   11.649  0.50 19.67 ? 116 ASP A C   1 
ATOM   951  O  O   A ASP A 1 117 ? 6.311   9.699   11.593  0.50 21.33 ? 116 ASP A O   1 
ATOM   952  O  O   B ASP A 1 117 ? 6.402   9.692   11.444  0.50 19.86 ? 116 ASP A O   1 
ATOM   953  C  CB  A ASP A 1 117 ? 8.984   10.055  11.185  0.50 24.83 ? 116 ASP A CB  1 
ATOM   954  C  CB  B ASP A 1 117 ? 9.188   9.882   11.379  0.50 22.59 ? 116 ASP A CB  1 
ATOM   955  C  CG  A ASP A 1 117 ? 10.303  10.518  11.763  0.50 33.55 ? 116 ASP A CG  1 
ATOM   956  C  CG  B ASP A 1 117 ? 10.626  9.968   11.834  0.50 29.96 ? 116 ASP A CG  1 
ATOM   957  O  OD1 A ASP A 1 117 ? 10.990  9.696   12.412  0.50 36.02 ? 116 ASP A OD1 1 
ATOM   958  O  OD1 B ASP A 1 117 ? 10.871  9.679   13.020  0.50 30.09 ? 116 ASP A OD1 1 
ATOM   959  O  OD2 A ASP A 1 117 ? 10.659  11.706  11.538  0.50 34.28 ? 116 ASP A OD2 1 
ATOM   960  O  OD2 B ASP A 1 117 ? 11.503  10.349  11.029  0.50 28.71 ? 116 ASP A OD2 1 
ATOM   961  N  N   . GLY A 1 118 ? 6.404   7.461   11.710  1.00 20.45 ? 117 GLY A N   1 
ATOM   962  C  CA  . GLY A 1 118 ? 4.953   7.325   11.711  1.00 19.69 ? 117 GLY A CA  1 
ATOM   963  C  C   . GLY A 1 118 ? 4.242   7.474   10.379  1.00 19.84 ? 117 GLY A C   1 
ATOM   964  O  O   . GLY A 1 118 ? 3.010   7.574   10.357  1.00 20.09 ? 117 GLY A O   1 
ATOM   965  N  N   . ARG A 1 119 ? 5.017   7.589   9.303   1.00 20.38 ? 118 ARG A N   1 
ATOM   966  C  CA  . ARG A 1 119 ? 4.467   7.672   7.953   1.00 18.94 ? 118 ARG A CA  1 
ATOM   967  C  C   . ARG A 1 119 ? 5.099   6.660   7.008   1.00 19.19 ? 118 ARG A C   1 
ATOM   968  O  O   . ARG A 1 119 ? 6.280   6.236   7.227   1.00 20.52 ? 118 ARG A O   1 
ATOM   969  C  CB  . ARG A 1 119 ? 4.612   9.084   7.365   1.00 20.22 ? 118 ARG A CB  1 
ATOM   970  C  CG  . ARG A 1 119 ? 3.805   10.148  8.123   1.00 21.11 ? 118 ARG A CG  1 
ATOM   971  C  CD  . ARG A 1 119 ? 3.832   11.495  7.388   1.00 22.25 ? 118 ARG A CD  1 
ATOM   972  N  NE  . ARG A 1 119 ? 3.063   12.513  8.129   1.00 22.65 ? 118 ARG A NE  1 
ATOM   973  C  CZ  . ARG A 1 119 ? 3.561   13.200  9.146   1.00 22.81 ? 118 ARG A CZ  1 
ATOM   974  N  NH1 . ARG A 1 119 ? 4.801   13.012  9.521   1.00 21.33 ? 118 ARG A NH1 1 
ATOM   975  N  NH2 . ARG A 1 119 ? 2.812   14.066  9.788   1.00 24.48 ? 118 ARG A NH2 1 
ATOM   976  N  N   . ILE A 1 120 ? 4.351   6.294   5.976   1.00 20.43 ? 119 ILE A N   1 
ATOM   977  C  CA  . ILE A 1 120 ? 4.860   5.358   4.958   1.00 20.26 ? 119 ILE A CA  1 
ATOM   978  C  C   . ILE A 1 120 ? 5.943   6.036   4.159   1.00 20.31 ? 119 ILE A C   1 
ATOM   979  O  O   . ILE A 1 120 ? 5.680   7.103   3.574   1.00 20.98 ? 119 ILE A O   1 
ATOM   980  C  CB  . ILE A 1 120 ? 3.776   4.874   3.991   1.00 21.24 ? 119 ILE A CB  1 
ATOM   981  C  CG1 . ILE A 1 120 ? 2.689   4.165   4.804   1.00 22.70 ? 119 ILE A CG1 1 
ATOM   982  C  CG2 . ILE A 1 120 ? 4.347   3.949   2.916   1.00 20.81 ? 119 ILE A CG2 1 
ATOM   983  C  CD1 . ILE A 1 120 ? 1.313   4.091   4.141   1.00 22.77 ? 119 ILE A CD1 1 
ATOM   984  N  N   . VAL A 1 121 ? 7.153   5.453   4.131   1.00 20.29 ? 120 VAL A N   1 
ATOM   985  C  CA  . VAL A 1 121 ? 8.259   5.962   3.344   1.00 21.79 ? 120 VAL A CA  1 
ATOM   986  C  C   . VAL A 1 121 ? 8.584   5.120   2.126   1.00 22.84 ? 120 VAL A C   1 
ATOM   987  O  O   . VAL A 1 121 ? 9.250   5.598   1.230   1.00 20.80 ? 120 VAL A O   1 
ATOM   988  C  CB  . VAL A 1 121 ? 9.517   6.113   4.145   1.00 23.27 ? 120 VAL A CB  1 
ATOM   989  C  CG1 . VAL A 1 121 ? 9.391   7.231   5.152   1.00 26.13 ? 120 VAL A CG1 1 
ATOM   990  C  CG2 . VAL A 1 121 ? 9.994   4.813   4.785   1.00 21.07 ? 120 VAL A CG2 1 
ATOM   991  N  N   A GLU A 1 122 ? 8.119   3.864   2.124   0.50 22.92 ? 121 GLU A N   1 
ATOM   992  N  N   B GLU A 1 122 ? 8.176   3.848   2.106   0.50 22.24 ? 121 GLU A N   1 
ATOM   993  C  CA  A GLU A 1 122 ? 8.459   2.918   1.063   0.50 22.43 ? 121 GLU A CA  1 
ATOM   994  C  CA  B GLU A 1 122 ? 8.512   2.992   0.960   0.50 22.55 ? 121 GLU A CA  1 
ATOM   995  C  C   A GLU A 1 122 ? 7.314   1.930   0.910   0.50 22.04 ? 121 GLU A C   1 
ATOM   996  C  C   B GLU A 1 122 ? 7.472   1.897   0.871   0.50 21.50 ? 121 GLU A C   1 
ATOM   997  O  O   A GLU A 1 122 ? 6.735   1.428   1.890   0.50 19.28 ? 121 GLU A O   1 
ATOM   998  O  O   B GLU A 1 122 ? 7.155   1.271   1.884   0.50 22.23 ? 121 GLU A O   1 
ATOM   999  C  CB  A GLU A 1 122 ? 9.761   2.196   1.435   0.50 22.80 ? 121 GLU A CB  1 
ATOM   1000 C  CB  B GLU A 1 122 ? 9.910   2.380   1.127   0.50 22.84 ? 121 GLU A CB  1 
ATOM   1001 C  CG  A GLU A 1 122 ? 10.245  1.122   0.512   0.50 27.09 ? 121 GLU A CG  1 
ATOM   1002 C  CG  B GLU A 1 122 ? 10.494  1.856   -0.153  0.50 29.83 ? 121 GLU A CG  1 
ATOM   1003 C  CD  A GLU A 1 122 ? 11.605  0.555   0.971   0.50 24.31 ? 121 GLU A CD  1 
ATOM   1004 C  CD  B GLU A 1 122 ? 12.028  1.723   -0.125  0.50 28.87 ? 121 GLU A CD  1 
ATOM   1005 O  OE1 A GLU A 1 122 ? 11.657  -0.195  1.984   0.50 29.79 ? 121 GLU A OE1 1 
ATOM   1006 O  OE1 B GLU A 1 122 ? 12.663  1.538   0.973   0.50 26.90 ? 121 GLU A OE1 1 
ATOM   1007 O  OE2 A GLU A 1 122 ? 12.622  0.888   0.322   0.50 33.27 ? 121 GLU A OE2 1 
ATOM   1008 O  OE2 B GLU A 1 122 ? 12.580  1.815   -1.248  0.50 39.83 ? 121 GLU A OE2 1 
ATOM   1009 N  N   . ALA A 1 123 ? 6.913   1.712   -0.333  1.00 21.39 ? 122 ALA A N   1 
ATOM   1010 C  CA  . ALA A 1 123 ? 5.896   0.707   -0.652  1.00 21.75 ? 122 ALA A CA  1 
ATOM   1011 C  C   . ALA A 1 123 ? 6.367   0.019   -1.920  1.00 23.83 ? 122 ALA A C   1 
ATOM   1012 O  O   . ALA A 1 123 ? 6.544   0.681   -2.963  1.00 24.19 ? 122 ALA A O   1 
ATOM   1013 C  CB  . ALA A 1 123 ? 4.522   1.318   -0.892  1.00 21.19 ? 122 ALA A CB  1 
HETATM 1014 N  N   A MSE A 1 124 ? 6.512   -1.305  -1.867  0.50 20.58 ? 123 MSE A N   1 
HETATM 1015 N  N   B MSE A 1 124 ? 6.601   -1.292  -1.841  0.50 22.40 ? 123 MSE A N   1 
HETATM 1016 C  CA  A MSE A 1 124 ? 7.051   -2.089  -3.001  0.50 19.49 ? 123 MSE A CA  1 
HETATM 1017 C  CA  B MSE A 1 124 ? 7.050   -2.099  -2.996  0.50 22.60 ? 123 MSE A CA  1 
HETATM 1018 C  C   A MSE A 1 124 ? 6.086   -3.200  -3.389  0.50 20.34 ? 123 MSE A C   1 
HETATM 1019 C  C   B MSE A 1 124 ? 5.999   -3.137  -3.348  0.50 22.30 ? 123 MSE A C   1 
HETATM 1020 O  O   A MSE A 1 124 ? 5.842   -4.124  -2.618  0.50 20.43 ? 123 MSE A O   1 
HETATM 1021 O  O   B MSE A 1 124 ? 5.582   -3.921  -2.495  0.50 22.22 ? 123 MSE A O   1 
HETATM 1022 C  CB  A MSE A 1 124 ? 8.432   -2.650  -2.619  0.50 19.04 ? 123 MSE A CB  1 
HETATM 1023 C  CB  B MSE A 1 124 ? 8.394   -2.766  -2.678  0.50 22.69 ? 123 MSE A CB  1 
HETATM 1024 C  CG  A MSE A 1 124 ? 9.405   -1.585  -2.187  0.50 15.99 ? 123 MSE A CG  1 
HETATM 1025 C  CG  B MSE A 1 124 ? 9.532   -1.796  -2.722  0.50 26.38 ? 123 MSE A CG  1 
HETATM 1026 SE SE  A MSE A 1 124 ? 10.988  -2.414  -1.561  0.37 20.24 ? 123 MSE A SE  1 
HETATM 1027 SE SE  B MSE A 1 124 ? 11.193  -2.520  -2.094  0.38 27.86 ? 123 MSE A SE  1 
HETATM 1028 C  CE  A MSE A 1 124 ? 12.226  -1.076  -1.744  0.50 24.05 ? 123 MSE A CE  1 
HETATM 1029 C  CE  B MSE A 1 124 ? 10.712  -2.596  -0.263  0.50 26.21 ? 123 MSE A CE  1 
ATOM   1030 N  N   . GLY A 1 125 ? 5.523   -3.097  -4.581  1.00 20.62 ? 124 GLY A N   1 
ATOM   1031 C  CA  . GLY A 1 125 ? 4.472   -3.992  -5.020  1.00 21.91 ? 124 GLY A CA  1 
ATOM   1032 C  C   . GLY A 1 125 ? 4.914   -5.044  -6.002  1.00 21.45 ? 124 GLY A C   1 
ATOM   1033 O  O   . GLY A 1 125 ? 5.742   -4.801  -6.893  1.00 21.18 ? 124 GLY A O   1 
ATOM   1034 N  N   . TYR A 1 126 ? 4.365   -6.268  -5.816  1.00 20.06 ? 125 TYR A N   1 
ATOM   1035 C  CA  . TYR A 1 126 ? 4.620   -7.382  -6.715  1.00 22.10 ? 125 TYR A CA  1 
ATOM   1036 C  C   . TYR A 1 126 ? 3.357   -8.208  -6.965  1.00 19.54 ? 125 TYR A C   1 
ATOM   1037 O  O   . TYR A 1 126 ? 2.439   -8.141  -6.159  1.00 20.43 ? 125 TYR A O   1 
ATOM   1038 C  CB  . TYR A 1 126 ? 5.677   -8.298  -6.137  1.00 21.76 ? 125 TYR A CB  1 
ATOM   1039 C  CG  . TYR A 1 126 ? 7.005   -7.644  -5.754  1.00 19.65 ? 125 TYR A CG  1 
ATOM   1040 C  CD1 . TYR A 1 126 ? 7.127   -6.905  -4.603  1.00 20.05 ? 125 TYR A CD1 1 
ATOM   1041 C  CD2 . TYR A 1 126 ? 8.112   -7.752  -6.560  1.00 21.98 ? 125 TYR A CD2 1 
ATOM   1042 C  CE1 . TYR A 1 126 ? 8.352   -6.344  -4.236  1.00 20.12 ? 125 TYR A CE1 1 
ATOM   1043 C  CE2 . TYR A 1 126 ? 9.327   -7.181  -6.209  1.00 20.52 ? 125 TYR A CE2 1 
ATOM   1044 C  CZ  . TYR A 1 126 ? 9.445   -6.450  -5.050  1.00 20.91 ? 125 TYR A CZ  1 
ATOM   1045 O  OH  . TYR A 1 126 ? 10.661  -5.875  -4.684  1.00 21.91 ? 125 TYR A OH  1 
ATOM   1046 N  N   . VAL A 1 127 ? 3.346   -8.999  -8.040  1.00 21.56 ? 126 VAL A N   1 
ATOM   1047 C  CA  . VAL A 1 127 ? 2.191   -9.762  -8.456  1.00 20.40 ? 126 VAL A CA  1 
ATOM   1048 C  C   . VAL A 1 127 ? 2.585   -11.139 -8.916  1.00 21.67 ? 126 VAL A C   1 
ATOM   1049 O  O   . VAL A 1 127 ? 3.749   -11.410 -9.133  1.00 21.72 ? 126 VAL A O   1 
ATOM   1050 C  CB  . VAL A 1 127 ? 1.430   -9.068  -9.612  1.00 21.36 ? 126 VAL A CB  1 
ATOM   1051 C  CG1 . VAL A 1 127 ? 0.693   -7.830  -9.095  1.00 22.00 ? 126 VAL A CG1 1 
ATOM   1052 C  CG2 . VAL A 1 127 ? 2.373   -8.706  -10.791 1.00 20.40 ? 126 VAL A CG2 1 
ATOM   1053 N  N   . LYS A 1 128 ? 1.614   -12.019 -9.098  1.00 21.23 ? 127 LYS A N   1 
ATOM   1054 C  CA  . LYS A 1 128 ? 1.860   -13.237 -9.873  1.00 20.17 ? 127 LYS A CA  1 
ATOM   1055 C  C   . LYS A 1 128 ? 1.965   -12.813 -11.308 1.00 23.38 ? 127 LYS A C   1 
ATOM   1056 O  O   . LYS A 1 128 ? 1.220   -11.928 -11.758 1.00 21.90 ? 127 LYS A O   1 
ATOM   1057 C  CB  . LYS A 1 128 ? 0.696   -14.213 -9.700  1.00 22.14 ? 127 LYS A CB  1 
ATOM   1058 C  CG  . LYS A 1 128 ? 0.468   -14.606 -8.232  1.00 20.97 ? 127 LYS A CG  1 
ATOM   1059 C  CD  . LYS A 1 128 ? 1.719   -15.266 -7.592  1.00 19.64 ? 127 LYS A CD  1 
ATOM   1060 C  CE  . LYS A 1 128 ? 1.453   -15.815 -6.167  1.00 18.31 ? 127 LYS A CE  1 
ATOM   1061 N  NZ  . LYS A 1 128 ? 2.658   -16.432 -5.494  1.00 20.81 ? 127 LYS A NZ  1 
ATOM   1062 N  N   . GLY A 1 129 ? 2.875   -13.443 -12.032 1.00 23.76 ? 128 GLY A N   1 
ATOM   1063 C  CA  . GLY A 1 129 ? 3.204   -13.005 -13.377 1.00 23.65 ? 128 GLY A CA  1 
ATOM   1064 C  C   . GLY A 1 129 ? 2.663   -13.855 -14.483 1.00 30.27 ? 128 GLY A C   1 
ATOM   1065 O  O   . GLY A 1 129 ? 3.033   -13.496 -15.609 1.00 33.09 ? 128 GLY A O   1 
ATOM   1066 O  OXT . GLY A 1 129 ? 1.942   -14.867 -14.345 1.00 25.27 ? 128 GLY A OXT 1 
HETATM 1067 O  O1  . UNL B 2 .   ? -4.711  -2.552  0.662   1.00 42.75 ? 129 UNL A O1  1 
HETATM 1068 O  O2  . UNL B 2 .   ? -3.865  -3.084  -0.837  1.00 44.82 ? 129 UNL A O2  1 
HETATM 1069 O  O3  . UNL B 2 .   ? -3.061  -1.685  -1.667  1.00 35.19 ? 129 UNL A O3  1 
HETATM 1070 O  O4  . UNL B 2 .   ? -1.609  -0.903  -3.328  1.00 44.83 ? 129 UNL A O4  1 
HETATM 1071 O  O5  . UNL B 2 .   ? 0.899   -0.201  -3.893  1.00 36.08 ? 129 UNL A O5  1 
HETATM 1072 O  O6  . UNL B 2 .   ? 2.005   -0.949  -5.600  1.00 46.99 ? 129 UNL A O6  1 
HETATM 1073 CL CL  . CL  C 3 .   ? -7.273  -14.708 -2.531  1.00 44.12 ? 130 CL  A CL  1 
HETATM 1074 C  C1  . EDO D 4 .   ? 1.370   15.160  5.602   1.00 40.72 ? 131 EDO A C1  1 
HETATM 1075 O  O1  . EDO D 4 .   ? 1.631   13.813  6.095   1.00 31.86 ? 131 EDO A O1  1 
HETATM 1076 C  C2  . EDO D 4 .   ? 0.897   16.063  6.721   1.00 38.94 ? 131 EDO A C2  1 
HETATM 1077 O  O2  . EDO D 4 .   ? -0.155  15.418  7.478   1.00 41.23 ? 131 EDO A O2  1 
HETATM 1078 O  O   . HOH E 5 .   ? 12.688  -7.044  -5.817  1.00 19.03 ? 132 HOH A O   1 
HETATM 1079 O  O   . HOH E 5 .   ? 5.660   13.724  -5.943  1.00 19.57 ? 133 HOH A O   1 
HETATM 1080 O  O   . HOH E 5 .   ? 1.562   -16.477 -2.991  1.00 20.37 ? 134 HOH A O   1 
HETATM 1081 O  O   . HOH E 5 .   ? 1.328   -10.583 4.495   1.00 22.68 ? 135 HOH A O   1 
HETATM 1082 O  O   . HOH E 5 .   ? 6.051   2.301   12.986  1.00 23.21 ? 136 HOH A O   1 
HETATM 1083 O  O   . HOH E 5 .   ? -1.193  0.919   20.055  1.00 24.02 ? 137 HOH A O   1 
HETATM 1084 O  O   . HOH E 5 .   ? 14.355  0.639   -15.424 1.00 24.47 ? 138 HOH A O   1 
HETATM 1085 O  O   . HOH E 5 .   ? 8.303   9.923   7.438   1.00 26.34 ? 139 HOH A O   1 
HETATM 1086 O  O   . HOH E 5 .   ? 10.769  -1.560  -15.528 1.00 26.29 ? 140 HOH A O   1 
HETATM 1087 O  O   . HOH E 5 .   ? 3.352   1.039   18.886  1.00 26.25 ? 141 HOH A O   1 
HETATM 1088 O  O   . HOH E 5 .   ? 13.435  3.183   -5.167  1.00 27.29 ? 142 HOH A O   1 
HETATM 1089 O  O   . HOH E 5 .   ? 0.343   -10.273 -13.782 1.00 27.78 ? 143 HOH A O   1 
HETATM 1090 O  O   . HOH E 5 .   ? 9.917   1.156   -15.040 1.00 28.24 ? 144 HOH A O   1 
HETATM 1091 O  O   . HOH E 5 .   ? -11.417 -2.708  -2.348  1.00 28.28 ? 145 HOH A O   1 
HETATM 1092 O  O   . HOH E 5 .   ? 6.767   4.580   19.517  1.00 28.93 ? 146 HOH A O   1 
HETATM 1093 O  O   . HOH E 5 .   ? 4.290   18.382  -9.362  1.00 30.22 ? 147 HOH A O   1 
HETATM 1094 O  O   . HOH E 5 .   ? -2.263  -1.606  16.543  1.00 30.58 ? 148 HOH A O   1 
HETATM 1095 O  O   . HOH E 5 .   ? 16.465  -3.571  -14.830 1.00 30.76 ? 149 HOH A O   1 
HETATM 1096 O  O   . HOH E 5 .   ? -10.626 0.526   -6.195  1.00 31.15 ? 150 HOH A O   1 
HETATM 1097 O  O   . HOH E 5 .   ? 7.868   4.920   12.518  1.00 31.40 ? 151 HOH A O   1 
HETATM 1098 O  O   . HOH E 5 .   ? 10.203  -0.174  -9.099  1.00 31.91 ? 152 HOH A O   1 
HETATM 1099 O  O   . HOH E 5 .   ? 12.027  2.491   8.590   1.00 31.74 ? 153 HOH A O   1 
HETATM 1100 O  O   . HOH E 5 .   ? 5.901   6.173   17.516  1.00 31.91 ? 154 HOH A O   1 
HETATM 1101 O  O   . HOH E 5 .   ? -9.732  -0.141  -3.837  1.00 32.10 ? 155 HOH A O   1 
HETATM 1102 O  O   . HOH E 5 .   ? -7.585  0.365   -9.496  1.00 32.08 ? 156 HOH A O   1 
HETATM 1103 O  O   . HOH E 5 .   ? 1.559   9.278   -9.535  1.00 32.17 ? 157 HOH A O   1 
HETATM 1104 O  O   . HOH E 5 .   ? -9.431  7.557   3.670   1.00 32.79 ? 158 HOH A O   1 
HETATM 1105 O  O   . HOH E 5 .   ? -4.969  12.819  4.986   1.00 33.01 ? 159 HOH A O   1 
HETATM 1106 O  O   . HOH E 5 .   ? 14.786  -0.498  -4.248  1.00 33.29 ? 160 HOH A O   1 
HETATM 1107 O  O   . HOH E 5 .   ? -4.234  5.601   14.231  1.00 33.47 ? 161 HOH A O   1 
HETATM 1108 O  O   . HOH E 5 .   ? 0.237   13.529  9.068   1.00 33.49 ? 162 HOH A O   1 
HETATM 1109 O  O   . HOH E 5 .   ? 5.437   2.432   20.414  1.00 33.65 ? 163 HOH A O   1 
HETATM 1110 O  O   . HOH E 5 .   ? -5.325  10.587  -8.725  1.00 34.40 ? 164 HOH A O   1 
HETATM 1111 O  O   . HOH E 5 .   ? 13.422  9.878   -5.013  1.00 34.72 ? 165 HOH A O   1 
HETATM 1112 O  O   . HOH E 5 .   ? 7.757   15.440  -2.161  1.00 35.42 ? 166 HOH A O   1 
HETATM 1113 O  O   . HOH E 5 .   ? -6.719  -3.905  7.496   1.00 35.63 ? 167 HOH A O   1 
HETATM 1114 O  O   . HOH E 5 .   ? -11.216 -15.163 -3.914  1.00 35.71 ? 168 HOH A O   1 
HETATM 1115 O  O   . HOH E 5 .   ? -1.570  14.158  -5.224  1.00 35.87 ? 169 HOH A O   1 
HETATM 1116 O  O   . HOH E 5 .   ? 11.974  5.928   0.651   1.00 36.09 ? 170 HOH A O   1 
HETATM 1117 O  O   . HOH E 5 .   ? -10.820 -7.965  2.289   1.00 36.02 ? 171 HOH A O   1 
HETATM 1118 O  O   . HOH E 5 .   ? -4.358  -12.571 -13.498 1.00 37.09 ? 172 HOH A O   1 
HETATM 1119 O  O   . HOH E 5 .   ? -7.311  -2.819  1.329   1.00 37.08 ? 173 HOH A O   1 
HETATM 1120 O  O   . HOH E 5 .   ? 9.425   3.892   19.526  1.00 37.16 ? 174 HOH A O   1 
HETATM 1121 O  O   . HOH E 5 .   ? -8.362  5.342   5.845   1.00 37.44 ? 175 HOH A O   1 
HETATM 1122 O  O   . HOH E 5 .   ? 9.760   -2.613  -19.401 1.00 37.57 ? 176 HOH A O   1 
HETATM 1123 O  O   . HOH E 5 .   ? 2.087   -13.642 4.288   1.00 38.70 ? 177 HOH A O   1 
HETATM 1124 O  O   . HOH E 5 .   ? 10.846  10.297  7.051   1.00 37.99 ? 178 HOH A O   1 
HETATM 1125 O  O   . HOH E 5 .   ? -8.038  -17.204 -2.888  1.00 37.92 ? 179 HOH A O   1 
HETATM 1126 O  O   . HOH E 5 .   ? -4.525  15.402  4.881   1.00 39.13 ? 180 HOH A O   1 
HETATM 1127 O  O   . HOH E 5 .   ? -6.753  12.199  -3.635  1.00 39.14 ? 181 HOH A O   1 
HETATM 1128 O  O   . HOH E 5 .   ? -8.259  -2.061  7.386   1.00 39.67 ? 182 HOH A O   1 
HETATM 1129 O  O   . HOH E 5 .   ? -2.471  -10.413 -14.277 1.00 40.26 ? 183 HOH A O   1 
HETATM 1130 O  O   . HOH E 5 .   ? 4.356   -5.273  19.963  1.00 40.54 ? 184 HOH A O   1 
HETATM 1131 O  O   . HOH E 5 .   ? 7.560   -5.587  -19.199 1.00 40.86 ? 185 HOH A O   1 
HETATM 1132 O  O   . HOH E 5 .   ? -10.167 -13.272 -2.948  1.00 41.07 ? 186 HOH A O   1 
HETATM 1133 O  O   . HOH E 5 .   ? 11.443  -2.735  11.503  1.00 40.66 ? 187 HOH A O   1 
HETATM 1134 O  O   . HOH E 5 .   ? -7.533  -2.176  -13.377 1.00 41.15 ? 188 HOH A O   1 
HETATM 1135 O  O   . HOH E 5 .   ? 10.263  5.405   13.066  1.00 41.01 ? 189 HOH A O   1 
HETATM 1136 O  O   . HOH E 5 .   ? -9.292  6.191   -10.971 1.00 41.12 ? 190 HOH A O   1 
HETATM 1137 O  O   . HOH E 5 .   ? -0.343  16.944  1.064   1.00 41.13 ? 191 HOH A O   1 
HETATM 1138 O  O   . HOH E 5 .   ? -5.512  -7.953  6.235   1.00 41.83 ? 192 HOH A O   1 
HETATM 1139 O  O   . HOH E 5 .   ? -13.907 -11.496 -3.580  1.00 41.93 ? 193 HOH A O   1 
HETATM 1140 O  O   . HOH E 5 .   ? -2.585  16.271  6.961   1.00 43.78 ? 194 HOH A O   1 
HETATM 1141 O  O   . HOH E 5 .   ? 0.403   -7.456  -13.675 1.00 44.11 ? 195 HOH A O   1 
HETATM 1142 O  O   . HOH E 5 .   ? -15.637 -2.706  -3.466  1.00 44.30 ? 196 HOH A O   1 
HETATM 1143 O  O   . HOH E 5 .   ? -9.966  -2.219  9.568   1.00 45.11 ? 197 HOH A O   1 
HETATM 1144 O  O   . HOH E 5 .   ? 4.485   -11.361 -16.155 1.00 45.40 ? 198 HOH A O   1 
HETATM 1145 O  O   . HOH E 5 .   ? -9.399  -2.561  5.397   1.00 45.36 ? 199 HOH A O   1 
HETATM 1146 O  O   . HOH E 5 .   ? -2.807  17.230  0.753   1.00 45.87 ? 200 HOH A O   1 
HETATM 1147 O  O   . HOH E 5 .   ? -8.760  -13.442 -1.126  1.00 46.44 ? 201 HOH A O   1 
HETATM 1148 O  O   . HOH E 5 .   ? -4.616  16.955  2.625   1.00 47.34 ? 202 HOH A O   1 
HETATM 1149 O  O   . HOH E 5 .   ? -9.948  -2.750  -14.386 1.00 46.99 ? 203 HOH A O   1 
HETATM 1150 O  O   . HOH E 5 .   ? -7.746  -14.823 1.843   1.00 47.01 ? 204 HOH A O   1 
HETATM 1151 O  O   . HOH E 5 .   ? -10.557 0.041   10.133  1.00 47.56 ? 205 HOH A O   1 
HETATM 1152 O  O   . HOH E 5 .   ? 9.966   14.431  5.696   1.00 48.17 ? 206 HOH A O   1 
HETATM 1153 O  O   . HOH E 5 .   ? 11.324  12.396  9.253   1.00 47.98 ? 207 HOH A O   1 
HETATM 1154 O  O   . HOH E 5 .   ? -6.707  -14.993 4.069   1.00 49.69 ? 208 HOH A O   1 
HETATM 1155 O  O   . HOH E 5 .   ? -3.615  15.744  -1.767  1.00 49.49 ? 209 HOH A O   1 
HETATM 1156 O  O   . HOH E 5 .   ? -1.477  15.654  -3.168  1.00 49.41 ? 210 HOH A O   1 
HETATM 1157 O  O   . HOH E 5 .   ? 11.261  16.283  4.405   1.00 49.90 ? 211 HOH A O   1 
HETATM 1158 O  O   . HOH E 5 .   ? -14.133 -3.034  -1.278  1.00 50.20 ? 212 HOH A O   1 
HETATM 1159 O  O   . HOH E 5 .   ? -9.271  -12.858 1.492   1.00 50.82 ? 213 HOH A O   1 
HETATM 1160 O  O   . HOH E 5 .   ? 12.045  15.605  0.599   1.00 50.68 ? 214 HOH A O   1 
HETATM 1161 O  O   . HOH E 5 .   ? -12.917 11.334  0.001   1.00 50.97 ? 215 HOH A O   1 
HETATM 1162 O  O   . HOH E 5 .   ? 12.935  -1.906  9.267   1.00 51.15 ? 216 HOH A O   1 
HETATM 1163 O  O   . HOH E 5 .   ? -16.579 4.844   1.322   1.00 51.18 ? 217 HOH A O   1 
HETATM 1164 O  O   . HOH E 5 .   ? -4.650  -16.236 1.242   1.00 51.54 ? 218 HOH A O   1 
HETATM 1165 O  O   . HOH E 5 .   ? -7.400  -6.406  7.697   1.00 52.41 ? 219 HOH A O   1 
HETATM 1166 O  O   . HOH E 5 .   ? -4.498  -4.142  7.816   1.00 52.92 ? 220 HOH A O   1 
HETATM 1167 O  O   . HOH E 5 .   ? -3.980  10.924  11.064  1.00 52.73 ? 221 HOH A O   1 
HETATM 1168 O  O   . HOH E 5 .   ? -14.840 -5.322  -8.428  1.00 52.62 ? 222 HOH A O   1 
HETATM 1169 O  O   . HOH E 5 .   ? -9.920  -4.549  -16.560 1.00 52.69 ? 223 HOH A O   1 
HETATM 1170 O  O   . HOH E 5 .   ? -7.355  14.421  2.208   1.00 53.37 ? 224 HOH A O   1 
HETATM 1171 O  O   . HOH E 5 .   ? 12.172  18.540  3.803   1.00 53.31 ? 225 HOH A O   1 
HETATM 1172 O  O   . HOH E 5 .   ? -0.672  -3.080  24.545  1.00 53.60 ? 226 HOH A O   1 
HETATM 1173 O  O   . HOH E 5 .   ? -9.851  4.128   8.509   1.00 53.88 ? 227 HOH A O   1 
HETATM 1174 O  O   . HOH E 5 .   ? 4.936   -5.532  -18.033 1.00 53.85 ? 228 HOH A O   1 
HETATM 1175 O  O   . HOH E 5 .   ? -15.678 6.662   3.339   1.00 54.18 ? 229 HOH A O   1 
HETATM 1176 O  O   . HOH E 5 .   ? -8.436  8.840   -11.467 1.00 55.51 ? 230 HOH A O   1 
HETATM 1177 O  O   . HOH E 5 .   ? -12.833 1.198   -14.456 1.00 56.50 ? 231 HOH A O   1 
HETATM 1178 O  O   . HOH E 5 .   ? -13.267 -5.585  -1.517  1.00 56.99 ? 232 HOH A O   1 
HETATM 1179 O  O   . HOH E 5 .   ? -11.159 8.640   5.524   1.00 58.00 ? 233 HOH A O   1 
HETATM 1180 O  O   . HOH E 5 .   ? -13.330 10.303  4.350   1.00 58.15 ? 234 HOH A O   1 
HETATM 1181 O  O   . HOH E 5 .   ? -4.467  13.294  -5.665  1.00 57.87 ? 235 HOH A O   1 
HETATM 1182 O  O   . HOH E 5 .   ? 15.364  0.638   -2.233  1.00 59.07 ? 236 HOH A O   1 
HETATM 1183 O  O   . HOH E 5 .   ? 14.378  6.006   5.076   1.00 59.03 ? 237 HOH A O   1 
HETATM 1184 O  O   . HOH E 5 .   ? 13.123  8.226   3.688   1.00 59.61 ? 238 HOH A O   1 
HETATM 1185 O  O   . HOH E 5 .   ? -8.498  -10.652 5.790   1.00 62.35 ? 239 HOH A O   1 
HETATM 1186 O  O   A HOH E 5 .   ? -6.163  12.106  -1.305  0.70 34.66 ? 240 HOH A O   1 
HETATM 1187 O  O   B HOH E 5 .   ? -6.262  14.361  -0.734  0.30 31.20 ? 240 HOH A O   1 
HETATM 1188 O  O   A HOH E 5 .   ? -9.144  9.649   -7.006  0.70 39.92 ? 241 HOH A O   1 
HETATM 1189 O  O   B HOH E 5 .   ? -8.057  9.927   -8.528  0.30 24.85 ? 241 HOH A O   1 
HETATM 1190 O  O   A HOH E 5 .   ? 6.836   11.535  9.470   0.50 23.54 ? 242 HOH A O   1 
HETATM 1191 O  O   B HOH E 5 .   ? 7.336   12.208  8.089   0.50 22.38 ? 242 HOH A O   1 
# 
